data_1ZXO
#
_entry.id   1ZXO
#
_cell.length_a   158.154
_cell.length_b   158.154
_cell.length_c   275.531
_cell.angle_alpha   90.00
_cell.angle_beta   90.00
_cell.angle_gamma   120.00
#
_symmetry.space_group_name_H-M   'H 3'
#
loop_
_entity.id
_entity.type
_entity.pdbx_description
1 polymer 'conserved hypothetical protein Q8A1P1'
2 water water
#
_entity_poly.entity_id   1
_entity_poly.type   'polypeptide(L)'
_entity_poly.pdbx_seq_one_letter_code
;(MSE)ILIADSGSTKTDWCVVLNGAVIKRLGTKGINPFFQSEEEIQQKLTASLLPQLPEGKFNAVYFYGAGCTPEKAPVL
RRAIADSLPVIGNIKANSD(MSE)LAAAHGLCGQKAGIACILGTGSNSCFYNGKEIVSNISPLGFILGDEGSGAVLGKLL
VGDILKNQLPATLKEEFLKQFDLTPPEIIDRVYRQPFPNRFLASLSPFIAQHLEEPAIRQLV(MSE)NSFIAFFRRNV
(MSE)QYDYKQYPVHFIGSIAYCYKEILQDAARQTGIQIGKILQSP(MSE)EGLIQYHSQLSFHPLEHHHHHH
;
_entity_poly.pdbx_strand_id   A,F,B,D,C,E
#
# COMPACT_ATOMS: atom_id res chain seq x y z
CA LEU A 3 -18.11 19.21 35.86
C LEU A 3 -18.53 17.76 35.58
N ILE A 4 -17.94 16.83 36.34
CA ILE A 4 -18.22 15.41 36.18
C ILE A 4 -18.83 14.84 37.46
N ALA A 5 -20.01 14.25 37.37
CA ALA A 5 -20.67 13.70 38.54
C ALA A 5 -21.26 12.30 38.33
N ASP A 6 -20.98 11.41 39.27
CA ASP A 6 -21.47 10.03 39.23
C ASP A 6 -22.56 9.92 40.28
N SER A 7 -23.64 9.22 39.95
CA SER A 7 -24.73 9.06 40.90
C SER A 7 -25.12 7.62 41.16
N GLY A 8 -25.89 7.43 42.22
CA GLY A 8 -26.36 6.13 42.64
C GLY A 8 -27.20 6.39 43.87
N SER A 9 -28.52 6.36 43.69
CA SER A 9 -29.47 6.62 44.77
C SER A 9 -29.01 6.14 46.16
N THR A 10 -28.39 7.07 46.88
CA THR A 10 -27.86 6.91 48.24
C THR A 10 -26.83 8.02 48.39
N LYS A 11 -25.74 7.89 47.63
CA LYS A 11 -24.69 8.90 47.66
C LYS A 11 -24.16 9.20 46.26
N THR A 12 -24.18 10.49 45.91
CA THR A 12 -23.70 10.97 44.62
C THR A 12 -22.41 11.77 44.83
N ASP A 13 -21.28 11.16 44.51
CA ASP A 13 -19.99 11.83 44.67
C ASP A 13 -19.68 12.79 43.53
N TRP A 14 -19.46 14.06 43.88
CA TRP A 14 -19.14 15.08 42.88
C TRP A 14 -17.64 15.37 42.92
N CYS A 15 -17.08 15.72 41.76
CA CYS A 15 -15.66 16.03 41.66
C CYS A 15 -15.43 17.00 40.51
N VAL A 16 -15.30 18.28 40.82
CA VAL A 16 -15.07 19.30 39.81
C VAL A 16 -13.64 19.23 39.30
N VAL A 17 -13.47 18.87 38.03
CA VAL A 17 -12.15 18.76 37.42
C VAL A 17 -11.64 20.12 37.00
N LEU A 18 -10.32 20.25 36.86
CA LEU A 18 -9.72 21.51 36.47
C LEU A 18 -8.80 21.34 35.25
N ASN A 19 -7.82 20.44 35.34
CA ASN A 19 -6.89 20.21 34.23
C ASN A 19 -6.16 18.88 34.29
N GLY A 20 -6.34 18.13 35.37
CA GLY A 20 -5.66 16.85 35.50
C GLY A 20 -6.12 16.04 36.69
N ALA A 21 -6.80 16.70 37.62
CA ALA A 21 -7.29 16.03 38.83
C ALA A 21 -8.28 16.89 39.62
N VAL A 22 -8.97 16.26 40.56
CA VAL A 22 -9.97 16.92 41.40
C VAL A 22 -9.36 18.05 42.23
N ILE A 23 -10.07 19.19 42.27
CA ILE A 23 -9.62 20.37 43.02
C ILE A 23 -10.34 20.43 44.38
N LYS A 24 -11.59 19.97 44.39
CA LYS A 24 -12.40 19.95 45.60
C LYS A 24 -13.67 19.14 45.31
N ARG A 25 -13.94 18.15 46.15
CA ARG A 25 -15.11 17.30 45.96
C ARG A 25 -16.14 17.43 47.08
N LEU A 26 -17.40 17.17 46.76
CA LEU A 26 -18.50 17.25 47.72
C LEU A 26 -19.29 15.93 47.75
N GLY A 27 -20.59 16.02 48.05
CA GLY A 27 -21.41 14.81 48.09
C GLY A 27 -22.85 15.03 48.50
N THR A 28 -23.73 15.22 47.52
CA THR A 28 -25.15 15.42 47.79
C THR A 28 -25.91 14.14 47.49
N LYS A 29 -26.93 13.86 48.29
CA LYS A 29 -27.72 12.64 48.11
C LYS A 29 -28.09 12.34 46.66
N GLY A 30 -28.32 11.06 46.38
CA GLY A 30 -28.65 10.60 45.04
C GLY A 30 -29.78 11.31 44.30
N ILE A 31 -29.53 11.60 43.03
CA ILE A 31 -30.48 12.29 42.15
C ILE A 31 -31.07 11.26 41.19
N ASN A 32 -32.37 11.34 40.93
CA ASN A 32 -33.00 10.41 40.02
C ASN A 32 -34.33 10.94 39.52
N PRO A 33 -34.39 11.37 38.26
CA PRO A 33 -35.62 11.91 37.69
C PRO A 33 -36.75 10.87 37.65
N PHE A 34 -36.38 9.60 37.55
CA PHE A 34 -37.37 8.53 37.50
C PHE A 34 -38.20 8.56 38.78
N PHE A 35 -37.72 9.30 39.77
CA PHE A 35 -38.40 9.44 41.07
C PHE A 35 -38.56 10.91 41.46
N GLN A 36 -37.53 11.71 41.15
CA GLN A 36 -37.53 13.12 41.50
C GLN A 36 -38.08 14.06 40.43
N SER A 37 -38.56 15.20 40.89
CA SER A 37 -39.16 16.23 40.04
C SER A 37 -38.18 17.31 39.58
N GLU A 38 -38.30 17.73 38.33
CA GLU A 38 -37.42 18.76 37.78
C GLU A 38 -37.36 19.95 38.74
N GLU A 39 -38.50 20.60 38.97
CA GLU A 39 -38.52 21.72 39.89
C GLU A 39 -38.54 21.08 41.27
N GLU A 40 -37.45 20.38 41.59
CA GLU A 40 -37.30 19.72 42.89
C GLU A 40 -35.88 19.20 42.92
N ILE A 41 -35.21 19.40 41.79
CA ILE A 41 -33.81 19.04 41.59
C ILE A 41 -33.23 20.39 41.23
N GLN A 42 -34.09 21.22 40.65
CA GLN A 42 -33.74 22.58 40.26
C GLN A 42 -33.76 23.36 41.58
N GLN A 43 -34.44 22.79 42.58
CA GLN A 43 -34.52 23.38 43.92
C GLN A 43 -33.39 22.78 44.74
N LYS A 44 -33.21 21.48 44.61
CA LYS A 44 -32.18 20.74 45.34
C LYS A 44 -30.76 21.13 44.95
N LEU A 45 -30.44 21.03 43.66
CA LEU A 45 -29.10 21.38 43.19
C LEU A 45 -28.72 22.80 43.55
N THR A 46 -29.63 23.74 43.31
CA THR A 46 -29.37 25.14 43.63
C THR A 46 -29.26 25.30 45.14
N ALA A 47 -29.50 24.20 45.86
CA ALA A 47 -29.42 24.21 47.31
C ALA A 47 -28.23 23.40 47.81
N VAL A 61 -20.67 20.67 31.14
CA VAL A 61 -20.90 19.80 32.29
C VAL A 61 -21.27 18.40 31.83
N TYR A 62 -20.85 17.39 32.59
CA TYR A 62 -21.15 15.99 32.26
C TYR A 62 -21.78 15.29 33.45
N PHE A 63 -22.99 14.76 33.25
CA PHE A 63 -23.71 14.08 34.31
C PHE A 63 -24.02 12.62 34.01
N TYR A 64 -23.69 11.76 34.98
CA TYR A 64 -23.90 10.32 34.88
C TYR A 64 -24.73 9.88 36.09
N GLY A 65 -26.03 9.68 35.88
CA GLY A 65 -26.90 9.28 36.98
C GLY A 65 -27.66 7.99 36.82
N ALA A 66 -28.31 7.56 37.91
CA ALA A 66 -29.09 6.34 37.96
C ALA A 66 -30.52 6.58 37.48
N GLY A 67 -30.99 5.70 36.61
CA GLY A 67 -32.34 5.84 36.08
C GLY A 67 -32.51 7.13 35.30
N CYS A 68 -31.43 7.58 34.65
CA CYS A 68 -31.44 8.81 33.85
C CYS A 68 -31.28 8.40 32.38
N THR A 69 -32.23 7.59 31.92
CA THR A 69 -32.22 7.09 30.55
C THR A 69 -32.28 8.24 29.55
N PRO A 70 -31.86 8.00 28.30
CA PRO A 70 -31.87 9.02 27.24
C PRO A 70 -33.22 9.66 26.98
N GLU A 71 -34.27 9.13 27.59
CA GLU A 71 -35.61 9.67 27.43
C GLU A 71 -35.92 10.64 28.56
N LYS A 72 -35.25 10.43 29.69
CA LYS A 72 -35.40 11.27 30.88
C LYS A 72 -34.19 12.18 31.08
N ALA A 73 -33.30 12.20 30.08
CA ALA A 73 -32.09 13.02 30.12
C ALA A 73 -32.33 14.52 30.21
N PRO A 74 -33.23 15.05 29.38
CA PRO A 74 -33.51 16.49 29.41
C PRO A 74 -34.10 17.03 30.72
N VAL A 75 -34.41 16.13 31.65
CA VAL A 75 -34.97 16.57 32.94
C VAL A 75 -33.88 17.13 33.82
N LEU A 76 -32.70 16.55 33.72
CA LEU A 76 -31.57 16.99 34.50
C LEU A 76 -30.88 18.18 33.84
N ARG A 77 -30.65 18.08 32.53
CA ARG A 77 -29.98 19.14 31.77
C ARG A 77 -30.62 20.53 31.95
N ARG A 78 -31.89 20.57 32.33
CA ARG A 78 -32.59 21.85 32.54
C ARG A 78 -32.36 22.31 33.97
N ALA A 79 -32.58 21.40 34.92
CA ALA A 79 -32.42 21.68 36.34
C ALA A 79 -30.97 22.00 36.70
N ILE A 80 -30.05 21.44 35.93
CA ILE A 80 -28.63 21.65 36.16
C ILE A 80 -28.24 23.03 35.63
N ALA A 81 -28.96 23.51 34.62
CA ALA A 81 -28.67 24.80 34.03
C ALA A 81 -29.25 25.93 34.88
N ASP A 82 -30.51 25.80 35.27
CA ASP A 82 -31.19 26.83 36.08
C ASP A 82 -30.51 27.09 37.42
N SER A 83 -30.06 26.02 38.06
CA SER A 83 -29.39 26.12 39.35
C SER A 83 -27.92 26.49 39.20
N LEU A 84 -27.23 25.79 38.28
CA LEU A 84 -25.81 26.00 38.04
C LEU A 84 -25.41 26.88 36.83
N PRO A 85 -24.49 27.83 37.06
CA PRO A 85 -24.01 28.72 36.00
C PRO A 85 -22.93 27.97 35.22
N VAL A 86 -23.25 27.64 33.97
CA VAL A 86 -22.34 26.93 33.07
C VAL A 86 -22.77 27.19 31.63
N ILE A 87 -21.84 27.68 30.81
CA ILE A 87 -22.11 27.98 29.39
C ILE A 87 -21.43 27.05 28.38
N GLY A 88 -21.16 25.81 28.78
CA GLY A 88 -20.54 24.87 27.87
C GLY A 88 -21.58 23.98 27.20
N ASN A 89 -21.37 22.67 27.30
CA ASN A 89 -22.27 21.67 26.72
C ASN A 89 -22.76 20.74 27.82
N ILE A 90 -24.07 20.79 28.10
CA ILE A 90 -24.68 19.99 29.15
C ILE A 90 -25.07 18.57 28.73
N LYS A 91 -24.58 17.58 29.49
CA LYS A 91 -24.86 16.16 29.22
C LYS A 91 -25.37 15.43 30.49
N ALA A 92 -26.34 14.54 30.29
CA ALA A 92 -26.90 13.77 31.40
C ALA A 92 -27.16 12.37 30.87
N ASN A 93 -26.26 11.46 31.20
CA ASN A 93 -26.39 10.08 30.75
C ASN A 93 -26.67 9.10 31.88
N SER A 94 -26.81 7.84 31.52
CA SER A 94 -27.09 6.78 32.47
C SER A 94 -25.96 6.57 33.47
N ASP A 95 -26.16 5.63 34.38
CA ASP A 95 -25.17 5.29 35.39
C ASP A 95 -24.39 4.07 34.90
N LEU A 97 -23.50 3.88 31.69
CA LEU A 97 -22.54 4.44 30.75
C LEU A 97 -21.30 4.96 31.48
N ALA A 98 -21.46 5.34 32.74
CA ALA A 98 -20.36 5.84 33.56
C ALA A 98 -19.35 4.72 33.81
N ALA A 99 -19.85 3.50 33.98
CA ALA A 99 -19.00 2.33 34.22
C ALA A 99 -18.39 1.86 32.91
N ALA A 100 -19.15 1.97 31.82
CA ALA A 100 -18.66 1.57 30.52
C ALA A 100 -17.50 2.48 30.10
N HIS A 101 -17.48 3.70 30.65
CA HIS A 101 -16.44 4.68 30.34
C HIS A 101 -15.21 4.55 31.26
N GLY A 102 -15.47 4.35 32.55
CA GLY A 102 -14.38 4.23 33.50
C GLY A 102 -13.69 2.88 33.49
N LEU A 103 -14.45 1.82 33.24
CA LEU A 103 -13.90 0.46 33.22
C LEU A 103 -13.34 0.05 31.87
N CYS A 104 -13.83 0.69 30.81
CA CYS A 104 -13.38 0.38 29.45
C CYS A 104 -12.56 1.50 28.83
N GLY A 105 -12.72 2.71 29.35
CA GLY A 105 -11.99 3.85 28.83
C GLY A 105 -12.37 4.17 27.40
N GLN A 106 -11.57 3.66 26.46
CA GLN A 106 -11.84 3.88 25.05
C GLN A 106 -11.87 2.53 24.34
N LYS A 107 -11.17 1.55 24.91
CA LYS A 107 -11.11 0.19 24.35
C LYS A 107 -12.40 -0.57 24.65
N ALA A 108 -12.74 -1.51 23.77
CA ALA A 108 -13.94 -2.31 23.94
C ALA A 108 -13.97 -3.00 25.31
N GLY A 109 -15.16 -3.36 25.77
CA GLY A 109 -15.31 -4.03 27.04
C GLY A 109 -16.74 -4.37 27.40
N ILE A 110 -16.90 -5.20 28.45
CA ILE A 110 -18.21 -5.64 28.93
C ILE A 110 -18.51 -4.92 30.25
N ALA A 111 -19.00 -3.69 30.16
CA ALA A 111 -19.32 -2.92 31.35
C ALA A 111 -20.45 -3.54 32.15
N CYS A 112 -20.27 -3.59 33.47
CA CYS A 112 -21.29 -4.15 34.36
C CYS A 112 -21.23 -3.40 35.68
N ILE A 113 -22.33 -3.41 36.42
CA ILE A 113 -22.41 -2.75 37.72
C ILE A 113 -23.16 -3.64 38.70
N LEU A 114 -22.78 -3.61 39.96
CA LEU A 114 -23.45 -4.42 40.97
C LEU A 114 -23.89 -3.55 42.16
N GLY A 115 -24.68 -2.53 41.88
CA GLY A 115 -25.14 -1.65 42.94
C GLY A 115 -26.30 -2.27 43.69
N THR A 116 -27.35 -1.48 43.90
CA THR A 116 -28.54 -1.96 44.58
C THR A 116 -29.32 -2.74 43.53
N GLY A 117 -28.78 -2.73 42.31
CA GLY A 117 -29.38 -3.42 41.19
C GLY A 117 -28.32 -3.72 40.14
N SER A 118 -28.04 -5.00 39.92
CA SER A 118 -27.03 -5.44 38.95
C SER A 118 -27.36 -5.00 37.52
N ASN A 119 -26.34 -4.95 36.67
CA ASN A 119 -26.55 -4.55 35.29
C ASN A 119 -25.34 -4.89 34.43
N SER A 120 -25.57 -5.03 33.13
CA SER A 120 -24.50 -5.36 32.19
C SER A 120 -24.79 -4.76 30.83
N CYS A 121 -23.74 -4.37 30.12
CA CYS A 121 -23.89 -3.80 28.78
C CYS A 121 -22.60 -3.97 27.98
N PHE A 122 -22.68 -3.69 26.69
CA PHE A 122 -21.52 -3.82 25.82
C PHE A 122 -21.15 -2.47 25.20
N TYR A 123 -19.98 -1.96 25.58
CA TYR A 123 -19.48 -0.68 25.10
C TYR A 123 -18.37 -0.91 24.06
N ASN A 124 -18.70 -0.73 22.79
CA ASN A 124 -17.73 -0.94 21.71
C ASN A 124 -16.50 -0.05 21.87
N GLY A 125 -16.71 1.20 22.25
CA GLY A 125 -15.61 2.13 22.43
C GLY A 125 -16.02 3.55 22.13
N LYS A 126 -17.32 3.77 21.97
CA LYS A 126 -17.85 5.11 21.69
C LYS A 126 -19.20 5.29 22.38
N GLU A 127 -19.97 4.20 22.47
CA GLU A 127 -21.29 4.20 23.08
C GLU A 127 -21.72 2.78 23.46
N ILE A 128 -22.94 2.65 24.00
CA ILE A 128 -23.47 1.34 24.38
C ILE A 128 -24.27 0.78 23.21
N VAL A 129 -23.78 -0.31 22.63
CA VAL A 129 -24.43 -0.94 21.49
C VAL A 129 -25.41 -2.04 21.89
N SER A 130 -24.95 -2.98 22.70
CA SER A 130 -25.79 -4.08 23.16
C SER A 130 -25.87 -4.17 24.68
N ASN A 131 -27.01 -3.71 25.21
CA ASN A 131 -27.24 -3.70 26.65
C ASN A 131 -28.36 -4.64 27.09
N ILE A 132 -28.01 -5.63 27.89
CA ILE A 132 -28.99 -6.58 28.42
C ILE A 132 -29.98 -5.77 29.24
N SER A 133 -31.19 -6.29 29.41
CA SER A 133 -32.23 -5.58 30.14
C SER A 133 -32.55 -6.07 31.55
N PRO A 134 -31.66 -5.82 32.53
CA PRO A 134 -32.01 -6.30 33.87
C PRO A 134 -33.40 -5.77 34.26
N LEU A 135 -34.31 -6.72 34.47
CA LEU A 135 -35.70 -6.43 34.81
C LEU A 135 -35.88 -5.49 36.00
N GLY A 136 -35.46 -5.96 37.18
CA GLY A 136 -35.58 -5.18 38.39
C GLY A 136 -35.26 -6.07 39.58
N PHE A 137 -35.44 -5.56 40.79
CA PHE A 137 -35.13 -6.34 41.99
C PHE A 137 -36.03 -7.55 42.19
N ILE A 138 -37.17 -7.57 41.52
CA ILE A 138 -38.11 -8.69 41.62
C ILE A 138 -37.97 -9.65 40.44
N LEU A 139 -38.16 -9.14 39.23
CA LEU A 139 -38.07 -10.00 38.06
C LEU A 139 -36.65 -10.59 37.84
N GLY A 140 -35.64 -9.74 37.78
CA GLY A 140 -34.28 -10.25 37.57
C GLY A 140 -33.25 -9.77 38.56
N ASP A 141 -32.44 -8.81 38.12
CA ASP A 141 -31.36 -8.21 38.91
C ASP A 141 -30.50 -9.23 39.69
N GLU A 142 -30.47 -10.49 39.25
CA GLU A 142 -29.69 -11.52 39.92
C GLU A 142 -28.24 -11.06 40.10
N GLY A 143 -27.76 -11.07 41.35
CA GLY A 143 -26.40 -10.64 41.63
C GLY A 143 -26.31 -9.13 41.86
N SER A 144 -27.16 -8.63 42.75
CA SER A 144 -27.21 -7.20 43.07
C SER A 144 -27.14 -6.94 44.57
N GLY A 145 -27.30 -5.68 44.96
CA GLY A 145 -27.27 -5.31 46.36
C GLY A 145 -28.64 -5.49 47.00
N ALA A 146 -29.70 -5.36 46.21
CA ALA A 146 -31.05 -5.52 46.71
C ALA A 146 -31.45 -6.99 46.70
N VAL A 147 -31.08 -7.70 45.64
CA VAL A 147 -31.41 -9.13 45.52
C VAL A 147 -30.78 -9.96 46.61
N LEU A 148 -29.60 -9.56 47.06
CA LEU A 148 -28.92 -10.27 48.13
C LEU A 148 -29.80 -10.21 49.38
N GLY A 149 -30.44 -9.06 49.58
CA GLY A 149 -31.33 -8.91 50.72
C GLY A 149 -32.60 -9.70 50.47
N LYS A 150 -33.11 -9.66 49.24
CA LYS A 150 -34.32 -10.37 48.81
C LYS A 150 -34.19 -11.86 49.11
N LEU A 151 -32.94 -12.30 49.19
CA LEU A 151 -32.62 -13.69 49.45
C LEU A 151 -32.21 -13.85 50.91
N LEU A 152 -31.61 -12.79 51.47
CA LEU A 152 -31.16 -12.81 52.86
C LEU A 152 -32.32 -12.65 53.84
N VAL A 153 -33.15 -11.64 53.62
CA VAL A 153 -34.28 -11.42 54.51
C VAL A 153 -35.34 -12.48 54.24
N GLY A 154 -35.05 -13.37 53.30
CA GLY A 154 -35.98 -14.44 52.96
C GLY A 154 -35.63 -15.78 53.56
N ASP A 155 -34.40 -16.23 53.35
CA ASP A 155 -33.94 -17.51 53.90
C ASP A 155 -33.89 -17.46 55.43
N ILE A 156 -33.44 -16.33 55.97
CA ILE A 156 -33.35 -16.14 57.41
C ILE A 156 -34.75 -16.16 58.02
N LEU A 157 -35.66 -15.44 57.36
CA LEU A 157 -37.03 -15.37 57.82
C LEU A 157 -37.84 -16.62 57.42
N LYS A 158 -37.17 -17.56 56.74
CA LYS A 158 -37.79 -18.81 56.28
C LYS A 158 -37.27 -20.02 57.06
N ASN A 159 -36.60 -19.76 58.18
CA ASN A 159 -36.02 -20.77 59.07
C ASN A 159 -35.05 -21.74 58.38
N GLN A 160 -34.54 -21.32 57.24
CA GLN A 160 -33.61 -22.15 56.50
C GLN A 160 -32.20 -21.87 57.02
N LEU A 161 -32.14 -21.30 58.22
CA LEU A 161 -30.87 -20.96 58.86
C LEU A 161 -31.00 -21.14 60.38
N PRO A 162 -29.86 -21.16 61.09
CA PRO A 162 -29.81 -21.32 62.55
C PRO A 162 -30.88 -20.54 63.32
N ALA A 163 -31.12 -20.89 64.58
CA ALA A 163 -32.12 -20.23 65.41
C ALA A 163 -31.64 -18.93 66.03
N THR A 164 -30.39 -18.91 66.44
CA THR A 164 -29.79 -17.73 67.06
C THR A 164 -29.41 -16.68 66.02
N LEU A 165 -29.03 -17.13 64.81
CA LEU A 165 -28.65 -16.21 63.74
C LEU A 165 -29.81 -15.29 63.39
N LYS A 166 -31.03 -15.78 63.61
CA LYS A 166 -32.25 -15.02 63.34
C LYS A 166 -32.50 -14.03 64.46
N GLU A 167 -32.22 -14.44 65.70
CA GLU A 167 -32.43 -13.59 66.87
C GLU A 167 -31.43 -12.44 66.85
N GLU A 168 -30.16 -12.73 66.55
CA GLU A 168 -29.13 -11.70 66.50
C GLU A 168 -29.40 -10.73 65.35
N PHE A 169 -29.88 -11.28 64.24
CA PHE A 169 -30.21 -10.48 63.06
C PHE A 169 -31.20 -9.38 63.41
N LEU A 170 -32.44 -9.79 63.71
CA LEU A 170 -33.50 -8.85 64.06
C LEU A 170 -33.16 -7.99 65.29
N LYS A 171 -32.26 -8.47 66.13
CA LYS A 171 -31.86 -7.70 67.29
C LYS A 171 -30.84 -6.68 66.84
N GLN A 172 -30.32 -6.86 65.63
CA GLN A 172 -29.31 -5.95 65.07
C GLN A 172 -29.91 -4.74 64.35
N PHE A 173 -31.01 -4.97 63.63
CA PHE A 173 -31.69 -3.90 62.88
C PHE A 173 -32.95 -3.42 63.60
N ASP A 174 -33.25 -4.03 64.75
CA ASP A 174 -34.42 -3.70 65.56
C ASP A 174 -35.71 -3.75 64.73
N LEU A 175 -35.81 -4.76 63.87
CA LEU A 175 -36.97 -4.94 63.00
C LEU A 175 -37.73 -6.21 63.34
N THR A 176 -39.06 -6.11 63.40
CA THR A 176 -39.92 -7.25 63.70
C THR A 176 -40.45 -7.83 62.39
N PRO A 177 -40.54 -9.17 62.28
CA PRO A 177 -41.03 -9.82 61.07
C PRO A 177 -42.25 -9.16 60.43
N PRO A 178 -43.28 -8.83 61.22
CA PRO A 178 -44.47 -8.20 60.65
C PRO A 178 -44.25 -6.77 60.12
N GLU A 179 -43.02 -6.27 60.23
CA GLU A 179 -42.71 -4.93 59.74
C GLU A 179 -41.80 -5.06 58.52
N ILE A 180 -41.12 -6.20 58.42
CA ILE A 180 -40.23 -6.47 57.29
C ILE A 180 -41.10 -6.66 56.06
N ILE A 181 -42.28 -7.21 56.30
CA ILE A 181 -43.27 -7.44 55.26
C ILE A 181 -43.76 -6.06 54.84
N ASP A 182 -44.12 -5.25 55.82
CA ASP A 182 -44.62 -3.91 55.55
C ASP A 182 -43.55 -3.00 54.95
N ARG A 183 -42.37 -3.57 54.66
CA ARG A 183 -41.27 -2.78 54.11
C ARG A 183 -40.82 -3.16 52.69
N VAL A 184 -41.32 -4.28 52.18
CA VAL A 184 -40.95 -4.74 50.83
C VAL A 184 -42.12 -4.66 49.84
N TYR A 185 -43.34 -4.75 50.38
CA TYR A 185 -44.54 -4.69 49.56
C TYR A 185 -45.25 -3.36 49.74
N ARG A 186 -45.64 -3.08 50.98
CA ARG A 186 -46.38 -1.86 51.29
C ARG A 186 -45.62 -0.52 51.18
N GLN A 187 -44.52 -0.35 51.89
CA GLN A 187 -43.77 0.89 51.86
C GLN A 187 -42.86 1.10 50.65
N PRO A 188 -42.48 2.37 50.37
CA PRO A 188 -41.63 2.72 49.24
C PRO A 188 -40.23 2.09 49.21
N PHE A 189 -39.68 2.01 48.00
CA PHE A 189 -38.35 1.45 47.77
C PHE A 189 -38.03 0.14 48.47
N PRO A 190 -38.49 -0.99 47.89
CA PRO A 190 -38.27 -2.33 48.41
C PRO A 190 -36.87 -2.83 48.08
N ASN A 191 -36.30 -2.36 46.97
CA ASN A 191 -34.97 -2.81 46.62
C ASN A 191 -33.91 -1.98 47.34
N ARG A 192 -34.23 -0.72 47.64
CA ARG A 192 -33.29 0.15 48.33
C ARG A 192 -33.34 -0.15 49.82
N PHE A 193 -34.32 -0.95 50.22
CA PHE A 193 -34.51 -1.37 51.60
C PHE A 193 -33.78 -2.70 51.81
N LEU A 194 -33.86 -3.57 50.80
CA LEU A 194 -33.23 -4.87 50.84
C LEU A 194 -31.72 -4.75 50.65
N ALA A 195 -31.24 -3.52 50.53
CA ALA A 195 -29.83 -3.25 50.34
C ALA A 195 -29.24 -2.87 51.69
N SER A 196 -30.04 -2.21 52.51
CA SER A 196 -29.59 -1.78 53.84
C SER A 196 -29.53 -2.99 54.78
N LEU A 197 -29.85 -4.16 54.23
CA LEU A 197 -29.82 -5.41 54.99
C LEU A 197 -28.68 -6.25 54.41
N SER A 198 -28.17 -5.82 53.27
CA SER A 198 -27.06 -6.47 52.57
C SER A 198 -25.83 -6.64 53.46
N PRO A 199 -25.46 -5.59 54.20
CA PRO A 199 -24.29 -5.67 55.07
C PRO A 199 -24.26 -6.89 56.01
N PHE A 200 -25.43 -7.30 56.51
CA PHE A 200 -25.50 -8.44 57.42
C PHE A 200 -24.81 -9.67 56.85
N ILE A 201 -24.61 -9.69 55.54
CA ILE A 201 -23.97 -10.83 54.88
C ILE A 201 -22.45 -10.78 55.01
N ALA A 202 -21.85 -9.66 54.61
CA ALA A 202 -20.40 -9.51 54.68
C ALA A 202 -19.84 -9.71 56.09
N GLN A 203 -20.71 -9.55 57.08
CA GLN A 203 -20.33 -9.71 58.48
C GLN A 203 -20.59 -11.11 59.04
N HIS A 204 -20.85 -12.07 58.16
CA HIS A 204 -21.10 -13.44 58.57
C HIS A 204 -20.70 -14.44 57.48
N LEU A 205 -19.63 -14.13 56.76
CA LEU A 205 -19.13 -14.99 55.70
C LEU A 205 -18.41 -16.20 56.27
N GLU A 206 -18.62 -16.45 57.56
CA GLU A 206 -18.02 -17.59 58.26
C GLU A 206 -18.89 -18.81 58.04
N GLU A 207 -20.21 -18.62 58.15
CA GLU A 207 -21.18 -19.69 57.96
C GLU A 207 -21.15 -20.18 56.51
N PRO A 208 -21.00 -21.50 56.29
CA PRO A 208 -20.95 -22.06 54.93
C PRO A 208 -22.21 -21.77 54.11
N ALA A 209 -23.26 -21.33 54.80
CA ALA A 209 -24.55 -21.02 54.18
C ALA A 209 -24.64 -19.59 53.64
N ILE A 210 -24.56 -18.61 54.54
CA ILE A 210 -24.65 -17.20 54.15
C ILE A 210 -23.70 -16.87 53.01
N ARG A 211 -22.57 -17.58 52.94
CA ARG A 211 -21.60 -17.36 51.89
C ARG A 211 -22.10 -17.97 50.58
N GLN A 212 -22.85 -19.06 50.71
CA GLN A 212 -23.39 -19.76 49.54
C GLN A 212 -24.63 -19.04 49.02
N LEU A 213 -25.14 -18.11 49.81
CA LEU A 213 -26.31 -17.33 49.43
C LEU A 213 -25.86 -16.20 48.52
N VAL A 214 -24.55 -15.98 48.50
CA VAL A 214 -23.96 -14.94 47.66
C VAL A 214 -23.39 -15.59 46.39
N ASN A 216 -24.12 -18.38 44.80
CA ASN A 216 -25.19 -18.76 43.89
C ASN A 216 -25.81 -17.53 43.23
N SER A 217 -25.95 -16.46 44.01
CA SER A 217 -26.54 -15.24 43.47
C SER A 217 -25.54 -14.55 42.55
N PHE A 218 -24.33 -15.07 42.50
CA PHE A 218 -23.29 -14.52 41.64
C PHE A 218 -23.04 -15.42 40.44
N ILE A 219 -23.28 -16.72 40.62
CA ILE A 219 -23.13 -17.69 39.54
C ILE A 219 -24.28 -17.39 38.59
N ALA A 220 -25.43 -17.05 39.18
CA ALA A 220 -26.63 -16.73 38.44
C ALA A 220 -26.43 -15.48 37.59
N PHE A 221 -25.83 -14.45 38.16
CA PHE A 221 -25.59 -13.22 37.40
C PHE A 221 -24.89 -13.56 36.09
N PHE A 222 -23.83 -14.37 36.15
CA PHE A 222 -23.09 -14.75 34.97
C PHE A 222 -23.90 -15.64 34.03
N ARG A 223 -24.53 -16.66 34.59
CA ARG A 223 -25.34 -17.62 33.83
C ARG A 223 -26.64 -17.02 33.30
N ARG A 224 -26.76 -15.70 33.37
CA ARG A 224 -27.97 -15.01 32.91
C ARG A 224 -27.71 -13.59 32.39
N ASN A 225 -26.46 -13.14 32.42
CA ASN A 225 -26.12 -11.79 31.93
C ASN A 225 -24.84 -11.68 31.08
N VAL A 226 -23.68 -11.70 31.73
CA VAL A 226 -22.40 -11.58 31.03
C VAL A 226 -22.10 -12.71 30.05
N GLN A 228 -23.68 -13.92 28.00
CA GLN A 228 -24.39 -13.75 26.74
C GLN A 228 -23.49 -13.08 25.70
N TYR A 229 -22.86 -11.96 26.07
CA TYR A 229 -21.96 -11.25 25.17
C TYR A 229 -20.78 -12.16 24.84
N ASP A 230 -19.97 -11.78 23.86
CA ASP A 230 -18.80 -12.59 23.50
C ASP A 230 -17.77 -12.44 24.63
N TYR A 231 -17.86 -13.31 25.63
CA TYR A 231 -16.97 -13.28 26.78
C TYR A 231 -15.65 -14.03 26.56
N LYS A 232 -15.60 -14.83 25.49
CA LYS A 232 -14.40 -15.60 25.16
C LYS A 232 -13.37 -14.77 24.41
N GLN A 233 -13.45 -13.45 24.54
CA GLN A 233 -12.52 -12.57 23.86
C GLN A 233 -12.45 -11.18 24.50
N TYR A 234 -13.52 -10.80 25.20
CA TYR A 234 -13.58 -9.50 25.87
C TYR A 234 -13.55 -9.63 27.39
N PRO A 235 -12.89 -8.67 28.09
CA PRO A 235 -12.78 -8.67 29.55
C PRO A 235 -14.01 -8.01 30.21
N VAL A 236 -14.63 -8.74 31.14
CA VAL A 236 -15.81 -8.21 31.84
C VAL A 236 -15.38 -7.42 33.08
N HIS A 237 -15.58 -6.11 33.05
CA HIS A 237 -15.20 -5.23 34.15
C HIS A 237 -16.39 -4.87 35.04
N PHE A 238 -16.22 -4.99 36.35
CA PHE A 238 -17.29 -4.69 37.29
C PHE A 238 -17.10 -3.38 38.04
N ILE A 239 -18.09 -3.02 38.86
CA ILE A 239 -18.06 -1.78 39.64
C ILE A 239 -19.33 -1.71 40.48
N GLY A 240 -19.24 -1.07 41.65
CA GLY A 240 -20.40 -0.95 42.51
C GLY A 240 -20.06 -1.15 43.98
N SER A 241 -20.97 -0.74 44.85
CA SER A 241 -20.75 -0.86 46.28
C SER A 241 -20.79 -2.33 46.77
N ILE A 242 -21.47 -3.19 46.02
CA ILE A 242 -21.57 -4.61 46.37
C ILE A 242 -20.49 -5.39 45.61
N ALA A 243 -20.02 -4.82 44.50
CA ALA A 243 -18.99 -5.45 43.69
C ALA A 243 -17.65 -5.40 44.42
N TYR A 244 -17.43 -4.34 45.19
CA TYR A 244 -16.20 -4.18 45.95
C TYR A 244 -16.31 -4.87 47.30
N CYS A 245 -17.47 -4.70 47.94
CA CYS A 245 -17.73 -5.31 49.25
C CYS A 245 -17.58 -6.82 49.20
N TYR A 246 -17.91 -7.41 48.06
CA TYR A 246 -17.81 -8.86 47.89
C TYR A 246 -16.89 -9.20 46.72
N LYS A 247 -15.69 -8.63 46.75
CA LYS A 247 -14.71 -8.85 45.70
C LYS A 247 -14.14 -10.29 45.75
N GLU A 248 -13.93 -10.81 46.95
CA GLU A 248 -13.41 -12.16 47.12
C GLU A 248 -14.29 -13.19 46.42
N ILE A 249 -15.52 -13.33 46.89
CA ILE A 249 -16.49 -14.27 46.32
C ILE A 249 -16.77 -13.94 44.84
N LEU A 250 -16.62 -12.68 44.47
CA LEU A 250 -16.86 -12.24 43.09
C LEU A 250 -16.15 -13.13 42.08
N GLN A 251 -14.84 -12.91 41.92
CA GLN A 251 -14.05 -13.67 40.98
C GLN A 251 -14.05 -15.16 41.32
N ASP A 252 -14.40 -15.47 42.56
CA ASP A 252 -14.48 -16.87 43.03
C ASP A 252 -15.62 -17.51 42.26
N ALA A 253 -16.63 -16.71 41.93
CA ALA A 253 -17.78 -17.20 41.18
C ALA A 253 -17.38 -17.27 39.71
N ALA A 254 -16.47 -16.39 39.30
CA ALA A 254 -15.99 -16.36 37.92
C ALA A 254 -14.99 -17.49 37.73
N ARG A 255 -14.92 -18.37 38.73
CA ARG A 255 -14.02 -19.52 38.72
C ARG A 255 -14.72 -20.74 38.13
N GLN A 256 -15.94 -20.99 38.58
CA GLN A 256 -16.71 -22.14 38.10
C GLN A 256 -17.61 -21.85 36.90
N THR A 257 -17.54 -20.63 36.38
CA THR A 257 -18.35 -20.27 35.21
C THR A 257 -17.45 -20.14 33.98
N GLY A 258 -16.15 -20.00 34.23
CA GLY A 258 -15.20 -19.88 33.14
C GLY A 258 -15.27 -18.57 32.40
N ILE A 259 -14.66 -17.53 32.98
CA ILE A 259 -14.66 -16.22 32.36
C ILE A 259 -13.58 -15.33 32.99
N GLN A 260 -12.97 -14.50 32.16
CA GLN A 260 -11.92 -13.60 32.63
C GLN A 260 -12.49 -12.28 33.12
N ILE A 261 -12.35 -12.06 34.42
CA ILE A 261 -12.82 -10.84 35.07
C ILE A 261 -11.70 -9.80 35.05
N GLY A 262 -12.03 -8.58 34.63
CA GLY A 262 -11.05 -7.52 34.55
C GLY A 262 -11.15 -6.42 35.61
N LYS A 263 -11.02 -5.17 35.17
CA LYS A 263 -11.08 -4.04 36.08
C LYS A 263 -12.30 -4.11 36.99
N ILE A 264 -12.04 -4.24 38.28
CA ILE A 264 -13.11 -4.32 39.27
C ILE A 264 -12.86 -3.29 40.36
N LEU A 265 -13.28 -2.05 40.09
CA LEU A 265 -13.11 -0.96 41.05
C LEU A 265 -14.48 -0.52 41.59
N GLN A 266 -14.52 -0.14 42.87
CA GLN A 266 -15.77 0.28 43.52
C GLN A 266 -16.40 1.52 42.89
N SER A 267 -15.66 2.62 42.83
CA SER A 267 -16.19 3.84 42.24
C SER A 267 -15.67 3.97 40.81
N PRO A 268 -16.56 4.35 39.88
CA PRO A 268 -16.20 4.52 38.46
C PRO A 268 -15.64 5.90 38.16
N GLU A 270 -12.92 7.20 39.04
CA GLU A 270 -11.50 7.10 38.70
C GLU A 270 -11.24 7.13 37.20
N GLY A 271 -11.73 6.13 36.49
CA GLY A 271 -11.54 6.04 35.06
C GLY A 271 -12.44 6.96 34.24
N LEU A 272 -13.39 7.61 34.90
CA LEU A 272 -14.30 8.52 34.22
C LEU A 272 -13.61 9.86 33.98
N ILE A 273 -12.67 10.20 34.85
CA ILE A 273 -11.92 11.43 34.73
C ILE A 273 -10.88 11.23 33.62
N GLN A 274 -10.50 9.97 33.43
CA GLN A 274 -9.53 9.58 32.40
C GLN A 274 -10.20 9.61 31.03
N TYR A 275 -11.50 9.94 31.02
CA TYR A 275 -12.28 10.00 29.79
C TYR A 275 -12.34 11.46 29.31
N HIS A 276 -12.61 12.37 30.24
CA HIS A 276 -12.69 13.79 29.93
C HIS A 276 -11.36 14.48 30.25
N SER A 277 -10.31 13.68 30.45
CA SER A 277 -8.98 14.22 30.76
C SER A 277 -8.31 14.66 29.46
N GLN A 278 -9.07 14.57 28.37
CA GLN A 278 -8.60 14.97 27.05
C GLN A 278 -8.86 16.47 26.86
N LEU A 279 -10.11 16.87 27.08
CA LEU A 279 -10.50 18.28 26.94
C LEU A 279 -11.16 18.76 28.23
N SER A 280 -10.52 19.73 28.88
CA SER A 280 -11.03 20.31 30.13
C SER A 280 -10.56 21.76 30.30
N ILE B 2 -77.34 -23.88 56.10
CA ILE B 2 -76.14 -23.06 56.34
C ILE B 2 -75.58 -22.57 55.02
N LEU B 3 -74.90 -21.43 55.07
CA LEU B 3 -74.29 -20.87 53.87
C LEU B 3 -72.78 -20.96 54.08
N ILE B 4 -72.06 -21.35 53.04
CA ILE B 4 -70.62 -21.46 53.17
C ILE B 4 -69.90 -20.81 52.00
N ALA B 5 -68.82 -20.11 52.37
CA ALA B 5 -67.99 -19.39 51.41
C ALA B 5 -66.52 -19.70 51.60
N ASP B 6 -65.85 -19.91 50.47
CA ASP B 6 -64.42 -20.16 50.40
C ASP B 6 -64.03 -19.15 49.34
N SER B 7 -63.18 -18.19 49.70
CA SER B 7 -62.81 -17.15 48.75
C SER B 7 -61.33 -16.82 48.65
N GLY B 8 -61.04 -15.82 47.81
CA GLY B 8 -59.67 -15.39 47.60
C GLY B 8 -59.52 -14.72 46.26
N SER B 9 -58.34 -14.87 45.64
CA SER B 9 -58.05 -14.27 44.35
C SER B 9 -59.05 -14.73 43.27
N THR B 10 -59.38 -13.84 42.35
CA THR B 10 -60.34 -14.10 41.28
C THR B 10 -61.71 -14.29 41.93
N LYS B 11 -62.60 -15.03 41.28
CA LYS B 11 -63.95 -15.23 41.83
C LYS B 11 -64.03 -15.93 43.18
N THR B 12 -65.26 -16.27 43.57
CA THR B 12 -65.54 -16.90 44.85
C THR B 12 -66.82 -17.69 44.74
N ASP B 13 -66.73 -19.00 44.52
CA ASP B 13 -67.94 -19.79 44.41
C ASP B 13 -68.69 -19.78 45.74
N TRP B 14 -70.01 -19.89 45.66
CA TRP B 14 -70.87 -19.89 46.84
C TRP B 14 -71.86 -21.05 46.85
N CYS B 15 -71.43 -22.19 47.38
CA CYS B 15 -72.29 -23.37 47.46
C CYS B 15 -73.25 -23.21 48.65
N VAL B 17 -75.92 -25.30 51.29
CA VAL B 17 -76.52 -26.62 51.50
C VAL B 17 -77.58 -26.54 52.59
N LEU B 18 -78.58 -27.41 52.50
CA LEU B 18 -79.65 -27.42 53.48
C LEU B 18 -79.22 -28.22 54.71
N ASN B 19 -79.76 -29.43 54.87
CA ASN B 19 -79.42 -30.28 56.00
C ASN B 19 -78.43 -31.38 55.62
N GLY B 20 -77.84 -31.26 54.43
CA GLY B 20 -76.87 -32.24 53.96
C GLY B 20 -77.02 -32.51 52.48
N ILE B 23 -77.48 -26.82 48.43
CA ILE B 23 -78.70 -26.78 47.66
C ILE B 23 -78.51 -26.08 46.31
N LYS B 24 -77.65 -25.05 46.29
CA LYS B 24 -77.37 -24.31 45.07
C LYS B 24 -76.14 -23.44 45.29
N ARG B 25 -75.32 -23.32 44.26
CA ARG B 25 -74.12 -22.49 44.35
C ARG B 25 -74.35 -21.15 43.65
N LEU B 26 -73.53 -20.15 43.99
CA LEU B 26 -73.66 -18.83 43.38
C LEU B 26 -72.28 -18.36 42.96
N GLY B 27 -72.22 -17.57 41.89
CA GLY B 27 -70.94 -17.11 41.39
C GLY B 27 -70.57 -15.64 41.54
N THR B 28 -70.19 -15.27 42.76
CA THR B 28 -69.80 -13.90 43.07
C THR B 28 -68.31 -13.69 42.77
N LYS B 29 -67.74 -12.65 43.36
CA LYS B 29 -66.33 -12.31 43.17
C LYS B 29 -65.58 -12.56 44.47
N GLY B 30 -64.27 -12.30 44.48
CA GLY B 30 -63.46 -12.51 45.67
C GLY B 30 -63.44 -11.35 46.65
N ILE B 31 -63.73 -11.64 47.92
CA ILE B 31 -63.78 -10.63 48.98
C ILE B 31 -62.58 -10.66 49.90
N ASN B 32 -61.81 -9.58 49.90
CA ASN B 32 -60.63 -9.50 50.75
C ASN B 32 -60.67 -8.17 51.48
N PRO B 33 -60.67 -8.21 52.82
CA PRO B 33 -60.70 -7.02 53.69
C PRO B 33 -59.33 -6.43 53.96
N PHE B 34 -58.41 -6.60 53.03
CA PHE B 34 -57.05 -6.09 53.16
C PHE B 34 -56.82 -5.16 51.98
N PHE B 35 -57.82 -5.11 51.11
CA PHE B 35 -57.80 -4.28 49.91
C PHE B 35 -59.16 -3.60 49.85
N GLN B 36 -60.19 -4.29 50.32
CA GLN B 36 -61.54 -3.73 50.36
C GLN B 36 -61.80 -3.29 51.79
N SER B 37 -62.83 -2.47 51.99
CA SER B 37 -63.19 -2.01 53.32
C SER B 37 -64.57 -2.60 53.68
N GLU B 38 -65.10 -2.26 54.86
CA GLU B 38 -66.40 -2.77 55.27
C GLU B 38 -67.54 -1.98 54.62
N GLU B 39 -67.38 -0.65 54.52
CA GLU B 39 -68.39 0.21 53.89
C GLU B 39 -68.27 0.02 52.38
N GLU B 40 -68.13 -1.23 51.96
CA GLU B 40 -67.97 -1.57 50.55
C GLU B 40 -68.58 -2.94 50.28
N ILE B 41 -68.17 -3.92 51.08
CA ILE B 41 -68.64 -5.29 50.98
C ILE B 41 -70.12 -5.41 51.34
N GLN B 42 -70.69 -4.36 51.94
CA GLN B 42 -72.11 -4.38 52.27
C GLN B 42 -72.87 -4.19 50.96
N GLN B 43 -72.18 -3.62 49.98
CA GLN B 43 -72.76 -3.37 48.66
C GLN B 43 -72.65 -4.61 47.77
N LYS B 44 -71.45 -5.17 47.71
CA LYS B 44 -71.20 -6.35 46.88
C LYS B 44 -72.09 -7.55 47.24
N LEU B 45 -72.37 -7.72 48.53
CA LEU B 45 -73.21 -8.82 48.98
C LEU B 45 -74.68 -8.49 48.74
N THR B 46 -75.02 -7.21 48.79
CA THR B 46 -76.40 -6.77 48.59
C THR B 46 -76.72 -6.62 47.10
N ALA B 47 -75.69 -6.32 46.31
CA ALA B 47 -75.87 -6.13 44.87
C ALA B 47 -75.66 -7.42 44.08
N SER B 48 -74.46 -7.98 44.15
CA SER B 48 -74.13 -9.19 43.43
C SER B 48 -74.12 -10.42 44.32
N LEU B 49 -75.27 -10.73 44.92
CA LEU B 49 -75.38 -11.90 45.78
C LEU B 49 -76.81 -12.03 46.29
N LEU B 50 -77.39 -10.89 46.68
CA LEU B 50 -78.74 -10.88 47.21
C LEU B 50 -79.76 -11.44 46.21
N PRO B 51 -79.66 -11.04 44.93
CA PRO B 51 -80.59 -11.54 43.91
C PRO B 51 -80.25 -12.97 43.45
N GLN B 52 -79.23 -13.56 44.08
CA GLN B 52 -78.75 -14.91 43.77
C GLN B 52 -79.13 -15.87 44.90
N LEU B 53 -79.62 -15.32 46.01
CA LEU B 53 -80.00 -16.12 47.16
C LEU B 53 -81.40 -16.70 47.02
N PRO B 54 -81.67 -17.80 47.73
CA PRO B 54 -82.98 -18.45 47.69
C PRO B 54 -83.97 -17.84 48.70
N GLU B 55 -83.72 -16.60 49.12
CA GLU B 55 -84.57 -15.88 50.08
C GLU B 55 -84.70 -16.57 51.44
N GLY B 56 -85.63 -16.07 52.25
CA GLY B 56 -85.84 -16.64 53.57
C GLY B 56 -84.70 -16.33 54.51
N LYS B 57 -84.95 -16.48 55.81
CA LYS B 57 -83.92 -16.23 56.80
C LYS B 57 -82.92 -17.39 56.84
N PHE B 58 -81.64 -17.06 56.98
CA PHE B 58 -80.58 -18.07 57.02
C PHE B 58 -80.34 -18.54 58.45
N ASN B 59 -79.23 -19.23 58.68
CA ASN B 59 -78.90 -19.71 60.01
C ASN B 59 -77.55 -19.16 60.48
N ALA B 60 -76.47 -19.65 59.89
CA ALA B 60 -75.13 -19.21 60.25
C ALA B 60 -74.14 -19.51 59.14
N VAL B 61 -73.60 -18.47 58.52
CA VAL B 61 -72.63 -18.64 57.44
C VAL B 61 -71.20 -18.67 58.01
N TYR B 62 -70.32 -19.39 57.32
CA TYR B 62 -68.92 -19.49 57.75
C TYR B 62 -68.04 -19.01 56.61
N PHE B 63 -67.60 -17.76 56.70
CA PHE B 63 -66.77 -17.13 55.67
C PHE B 63 -65.28 -17.46 55.73
N TYR B 64 -64.81 -18.11 54.66
CA TYR B 64 -63.42 -18.49 54.51
C TYR B 64 -62.89 -17.74 53.29
N GLY B 65 -61.76 -17.08 53.42
CA GLY B 65 -61.22 -16.37 52.29
C GLY B 65 -60.12 -15.36 52.55
N ALA B 66 -59.66 -14.78 51.45
CA ALA B 66 -58.60 -13.81 51.48
C ALA B 66 -58.74 -12.76 52.61
N GLY B 67 -57.61 -12.38 53.19
CA GLY B 67 -57.60 -11.37 54.24
C GLY B 67 -58.46 -11.57 55.47
N CYS B 68 -59.22 -12.66 55.51
CA CYS B 68 -60.08 -12.99 56.64
C CYS B 68 -59.18 -13.50 57.76
N THR B 69 -58.67 -12.58 58.58
CA THR B 69 -57.80 -12.96 59.68
C THR B 69 -58.42 -12.71 61.04
N PRO B 70 -57.85 -13.30 62.09
CA PRO B 70 -58.40 -13.08 63.44
C PRO B 70 -58.28 -11.61 63.87
N GLU B 71 -57.80 -10.79 62.95
CA GLU B 71 -57.56 -9.35 63.17
C GLU B 71 -58.47 -8.50 62.25
N LYS B 72 -58.70 -9.00 61.04
CA LYS B 72 -59.55 -8.32 60.06
C LYS B 72 -60.86 -9.10 59.87
N ALA B 73 -61.05 -10.13 60.70
CA ALA B 73 -62.25 -10.95 60.63
C ALA B 73 -63.54 -10.16 60.78
N PRO B 74 -63.68 -9.37 61.87
CA PRO B 74 -64.90 -8.57 62.09
C PRO B 74 -65.22 -7.60 60.96
N VAL B 75 -64.22 -7.30 60.12
CA VAL B 75 -64.41 -6.42 58.97
C VAL B 75 -65.45 -7.06 58.08
N LEU B 76 -65.43 -8.39 58.04
CA LEU B 76 -66.37 -9.17 57.24
C LEU B 76 -67.67 -9.44 57.99
N ARG B 77 -67.55 -9.79 59.28
CA ARG B 77 -68.72 -10.11 60.10
C ARG B 77 -69.56 -8.90 60.47
N ARG B 78 -68.97 -7.72 60.37
CA ARG B 78 -69.70 -6.49 60.68
C ARG B 78 -70.49 -6.07 59.43
N ALA B 79 -70.01 -6.47 58.25
CA ALA B 79 -70.65 -6.14 56.99
C ALA B 79 -71.49 -7.32 56.51
N ILE B 80 -70.98 -8.52 56.72
CA ILE B 80 -71.69 -9.72 56.31
C ILE B 80 -73.05 -9.75 57.01
N ALA B 81 -73.08 -9.30 58.27
CA ALA B 81 -74.31 -9.28 59.04
C ALA B 81 -75.21 -8.11 58.64
N ASP B 82 -74.62 -6.98 58.28
CA ASP B 82 -75.39 -5.80 57.89
C ASP B 82 -75.87 -5.85 56.45
N SER B 83 -75.74 -7.00 55.80
CA SER B 83 -76.17 -7.12 54.41
C SER B 83 -77.05 -8.33 54.18
N LEU B 84 -76.74 -9.42 54.88
CA LEU B 84 -77.49 -10.66 54.75
C LEU B 84 -78.62 -10.80 55.74
N PRO B 85 -79.66 -11.58 55.37
CA PRO B 85 -80.83 -11.83 56.21
C PRO B 85 -80.61 -13.04 57.11
N VAL B 86 -79.82 -12.87 58.17
CA VAL B 86 -79.53 -13.96 59.11
C VAL B 86 -79.98 -13.61 60.54
N ILE B 87 -80.38 -14.62 61.30
CA ILE B 87 -80.83 -14.45 62.70
C ILE B 87 -79.86 -15.08 63.69
N GLY B 88 -79.14 -16.12 63.25
CA GLY B 88 -78.20 -16.77 64.13
C GLY B 88 -76.98 -15.90 64.35
N ASN B 89 -75.89 -16.24 63.66
CA ASN B 89 -74.64 -15.50 63.76
C ASN B 89 -73.69 -15.89 62.63
N ILE B 90 -72.75 -14.99 62.30
CA ILE B 90 -71.77 -15.24 61.23
C ILE B 90 -70.39 -15.58 61.80
N LYS B 91 -69.68 -16.48 61.13
CA LYS B 91 -68.33 -16.88 61.56
C LYS B 91 -67.39 -16.90 60.36
N ALA B 92 -66.14 -16.50 60.60
CA ALA B 92 -65.12 -16.46 59.55
C ALA B 92 -63.75 -16.75 60.12
N ASN B 93 -63.02 -17.68 59.49
CA ASN B 93 -61.67 -18.04 59.93
C ASN B 93 -60.66 -17.82 58.81
N SER B 94 -59.38 -17.87 59.14
CA SER B 94 -58.27 -17.68 58.23
C SER B 94 -58.48 -18.47 56.94
N ASP B 95 -58.18 -17.85 55.81
CA ASP B 95 -58.38 -18.51 54.53
C ASP B 95 -57.67 -19.84 54.56
N LEU B 97 -57.43 -21.82 57.13
CA LEU B 97 -58.24 -22.81 57.81
C LEU B 97 -59.28 -23.45 56.88
N ALA B 98 -59.72 -22.72 55.87
CA ALA B 98 -60.70 -23.21 54.92
C ALA B 98 -60.22 -24.52 54.30
N ALA B 99 -58.91 -24.74 54.32
CA ALA B 99 -58.33 -25.95 53.76
C ALA B 99 -58.24 -27.04 54.83
N ALA B 100 -57.74 -26.66 56.02
CA ALA B 100 -57.59 -27.58 57.14
C ALA B 100 -58.89 -28.21 57.61
N HIS B 101 -60.01 -27.59 57.23
CA HIS B 101 -61.32 -28.12 57.61
C HIS B 101 -61.89 -28.95 56.47
N GLY B 102 -61.42 -28.72 55.26
CA GLY B 102 -61.91 -29.44 54.10
C GLY B 102 -61.04 -30.59 53.65
N LEU B 103 -59.76 -30.53 54.02
CA LEU B 103 -58.80 -31.56 53.67
C LEU B 103 -58.48 -32.46 54.84
N CYS B 104 -58.58 -31.91 56.05
CA CYS B 104 -58.29 -32.64 57.29
C CYS B 104 -59.57 -32.85 58.09
N GLY B 105 -60.63 -32.19 57.66
CA GLY B 105 -61.90 -32.31 58.35
C GLY B 105 -61.82 -32.19 59.85
N GLN B 106 -61.99 -33.31 60.53
CA GLN B 106 -61.98 -33.34 61.99
C GLN B 106 -60.68 -33.94 62.53
N LYS B 107 -59.89 -34.55 61.66
CA LYS B 107 -58.63 -35.16 62.08
C LYS B 107 -57.54 -34.09 62.20
N ALA B 108 -56.29 -34.51 62.27
CA ALA B 108 -55.17 -33.58 62.38
C ALA B 108 -54.13 -33.90 61.31
N GLY B 109 -53.49 -32.87 60.79
CA GLY B 109 -52.48 -33.05 59.77
C GLY B 109 -52.10 -31.76 59.08
N ILE B 110 -51.19 -31.86 58.12
CA ILE B 110 -50.75 -30.67 57.41
C ILE B 110 -51.75 -30.35 56.31
N ALA B 111 -51.74 -29.08 55.89
CA ALA B 111 -52.62 -28.60 54.84
C ALA B 111 -51.98 -27.44 54.11
N CYS B 112 -51.79 -27.54 52.80
CA CYS B 112 -51.18 -26.45 52.07
C CYS B 112 -52.01 -25.87 50.96
N ILE B 113 -52.12 -24.54 50.94
CA ILE B 113 -52.87 -23.90 49.88
C ILE B 113 -51.88 -23.26 48.90
N LEU B 114 -51.83 -23.85 47.70
CA LEU B 114 -50.97 -23.40 46.60
C LEU B 114 -51.85 -22.77 45.52
N GLY B 115 -51.95 -21.45 45.58
CA GLY B 115 -52.73 -20.68 44.63
C GLY B 115 -51.86 -19.52 44.18
N THR B 116 -52.34 -18.29 44.31
CA THR B 116 -51.54 -17.14 43.91
C THR B 116 -50.48 -16.92 45.00
N GLY B 117 -50.61 -17.72 46.05
CA GLY B 117 -49.69 -17.67 47.18
C GLY B 117 -49.65 -19.04 47.83
N SER B 118 -48.46 -19.48 48.28
CA SER B 118 -48.30 -20.79 48.93
C SER B 118 -48.13 -20.66 50.45
N ASN B 119 -49.14 -21.09 51.18
CA ASN B 119 -49.15 -21.02 52.65
C ASN B 119 -49.26 -22.42 53.25
N SER B 120 -48.71 -22.64 54.44
CA SER B 120 -48.76 -23.96 55.08
C SER B 120 -49.09 -23.94 56.57
N CYS B 121 -49.82 -24.95 57.03
CA CYS B 121 -50.21 -25.04 58.44
C CYS B 121 -50.11 -26.45 59.02
N PHE B 122 -50.33 -26.53 60.33
CA PHE B 122 -50.29 -27.79 61.08
C PHE B 122 -51.63 -27.90 61.81
N TYR B 123 -52.61 -28.54 61.17
CA TYR B 123 -53.93 -28.69 61.77
C TYR B 123 -53.89 -29.80 62.82
N ASN B 124 -54.22 -29.45 64.07
CA ASN B 124 -54.22 -30.42 65.16
C ASN B 124 -55.61 -30.83 65.59
N GLY B 125 -56.52 -30.94 64.61
CA GLY B 125 -57.88 -31.35 64.90
C GLY B 125 -58.73 -30.26 65.53
N LYS B 126 -58.06 -29.26 66.10
CA LYS B 126 -58.76 -28.15 66.73
C LYS B 126 -58.55 -26.86 65.93
N GLU B 127 -57.30 -26.62 65.52
CA GLU B 127 -56.96 -25.44 64.75
C GLU B 127 -55.52 -25.53 64.28
N ILE B 128 -55.03 -24.51 63.59
CA ILE B 128 -53.66 -24.48 63.13
C ILE B 128 -52.84 -24.22 64.38
N VAL B 129 -52.14 -25.22 64.88
CA VAL B 129 -51.35 -25.03 66.10
C VAL B 129 -49.99 -24.35 65.86
N SER B 130 -49.71 -24.00 64.62
CA SER B 130 -48.45 -23.33 64.26
C SER B 130 -48.49 -22.98 62.77
N ASN B 131 -48.07 -21.75 62.42
CA ASN B 131 -48.08 -21.31 61.02
C ASN B 131 -46.75 -20.74 60.55
N ILE B 132 -46.51 -20.83 59.25
CA ILE B 132 -45.30 -20.30 58.65
C ILE B 132 -45.69 -19.30 57.60
N SER B 133 -45.75 -18.03 57.98
CA SER B 133 -46.10 -16.98 57.03
C SER B 133 -45.20 -17.13 55.81
N PRO B 134 -45.78 -17.48 54.66
CA PRO B 134 -45.02 -17.65 53.42
C PRO B 134 -44.15 -16.44 53.06
N LEU B 135 -44.55 -15.28 53.60
CA LEU B 135 -43.88 -13.98 53.41
C LEU B 135 -44.28 -13.19 52.18
N GLY B 136 -44.89 -13.84 51.19
CA GLY B 136 -45.31 -13.13 50.01
C GLY B 136 -44.61 -13.51 48.71
N PHE B 137 -45.25 -13.19 47.58
CA PHE B 137 -44.73 -13.50 46.25
C PHE B 137 -43.32 -13.01 45.95
N ILE B 138 -42.70 -12.30 46.90
CA ILE B 138 -41.34 -11.80 46.68
C ILE B 138 -40.30 -12.50 47.56
N LEU B 139 -40.47 -12.47 48.88
CA LEU B 139 -39.52 -13.11 49.79
C LEU B 139 -39.74 -14.61 49.92
N GLY B 140 -40.99 -15.03 49.80
CA GLY B 140 -41.35 -16.44 49.91
C GLY B 140 -42.37 -16.89 48.87
N ASP B 141 -43.50 -17.44 49.34
CA ASP B 141 -44.57 -17.93 48.46
C ASP B 141 -44.10 -18.99 47.47
N GLU B 142 -42.84 -19.40 47.62
CA GLU B 142 -42.20 -20.40 46.75
C GLU B 142 -43.14 -21.55 46.37
N GLY B 143 -43.53 -21.61 45.10
CA GLY B 143 -44.40 -22.66 44.63
C GLY B 143 -45.81 -22.20 44.38
N SER B 144 -45.95 -21.01 43.85
CA SER B 144 -47.28 -20.50 43.59
C SER B 144 -47.32 -19.90 42.20
N GLY B 145 -48.53 -19.54 41.76
CA GLY B 145 -48.70 -18.93 40.46
C GLY B 145 -47.89 -17.66 40.41
N ALA B 146 -47.96 -16.88 41.49
CA ALA B 146 -47.23 -15.63 41.63
C ALA B 146 -45.76 -15.90 41.33
N VAL B 147 -45.21 -16.83 42.10
CA VAL B 147 -43.82 -17.24 41.99
C VAL B 147 -43.51 -18.00 40.71
N LEU B 148 -44.55 -18.56 40.08
CA LEU B 148 -44.39 -19.27 38.82
C LEU B 148 -44.39 -18.26 37.68
N GLY B 149 -45.34 -17.33 37.69
CA GLY B 149 -45.39 -16.31 36.66
C GLY B 149 -44.10 -15.51 36.72
N LYS B 150 -43.68 -15.18 37.94
CA LYS B 150 -42.44 -14.44 38.16
C LYS B 150 -41.30 -15.15 37.45
N LEU B 151 -40.92 -16.32 37.97
CA LEU B 151 -39.83 -17.13 37.40
C LEU B 151 -39.91 -17.30 35.88
N LEU B 152 -41.13 -17.53 35.38
CA LEU B 152 -41.36 -17.70 33.95
C LEU B 152 -40.85 -16.48 33.22
N VAL B 153 -41.60 -15.38 33.31
CA VAL B 153 -41.21 -14.16 32.64
C VAL B 153 -39.78 -13.79 32.97
N GLY B 154 -39.32 -14.24 34.13
CA GLY B 154 -37.96 -13.94 34.55
C GLY B 154 -36.91 -14.55 33.64
N ASP B 155 -37.22 -15.72 33.10
CA ASP B 155 -36.27 -16.42 32.23
C ASP B 155 -36.56 -16.14 30.75
N ILE B 156 -37.80 -15.78 30.44
CA ILE B 156 -38.18 -15.51 29.06
C ILE B 156 -37.75 -14.11 28.61
N LEU B 157 -37.97 -13.12 29.46
CA LEU B 157 -37.60 -11.73 29.16
C LEU B 157 -36.11 -11.54 29.36
N LYS B 158 -35.37 -12.64 29.36
CA LYS B 158 -33.92 -12.59 29.56
C LYS B 158 -33.23 -13.53 28.56
N ASN B 159 -33.99 -14.02 27.59
CA ASN B 159 -33.45 -14.94 26.59
C ASN B 159 -32.78 -16.15 27.25
N GLN B 160 -33.36 -16.58 28.37
CA GLN B 160 -32.87 -17.73 29.13
C GLN B 160 -33.64 -18.99 28.68
N LEU B 161 -34.46 -18.83 27.64
CA LEU B 161 -35.25 -19.91 27.08
C LEU B 161 -35.28 -19.79 25.56
N PRO B 162 -35.73 -20.87 24.86
CA PRO B 162 -35.81 -20.85 23.39
C PRO B 162 -36.37 -19.53 22.85
N ALA B 163 -35.56 -18.86 22.01
CA ALA B 163 -35.93 -17.59 21.41
C ALA B 163 -37.27 -17.65 20.67
N THR B 164 -37.67 -18.85 20.26
CA THR B 164 -38.94 -19.02 19.54
C THR B 164 -40.11 -19.21 20.50
N LEU B 165 -39.82 -19.32 21.80
CA LEU B 165 -40.85 -19.49 22.81
C LEU B 165 -41.21 -18.14 23.43
N LYS B 166 -40.28 -17.19 23.31
CA LYS B 166 -40.48 -15.85 23.85
C LYS B 166 -41.38 -15.06 22.91
N GLU B 167 -41.18 -15.23 21.62
CA GLU B 167 -42.00 -14.53 20.62
C GLU B 167 -43.45 -14.94 20.77
N GLU B 168 -43.69 -16.20 21.12
CA GLU B 168 -45.04 -16.73 21.31
C GLU B 168 -45.67 -16.20 22.60
N PHE B 169 -44.89 -16.23 23.68
CA PHE B 169 -45.32 -15.74 25.00
C PHE B 169 -45.70 -14.27 24.91
N LEU B 170 -44.83 -13.49 24.27
CA LEU B 170 -45.05 -12.05 24.12
C LEU B 170 -46.30 -11.73 23.31
N LYS B 171 -46.60 -12.56 22.31
CA LYS B 171 -47.76 -12.32 21.48
C LYS B 171 -49.03 -12.97 22.05
N GLN B 172 -48.85 -14.08 22.78
CA GLN B 172 -49.99 -14.79 23.38
C GLN B 172 -50.68 -13.93 24.43
N PHE B 173 -49.88 -13.13 25.14
CA PHE B 173 -50.37 -12.21 26.19
C PHE B 173 -50.43 -10.79 25.66
N ASP B 174 -49.98 -10.60 24.43
CA ASP B 174 -49.99 -9.31 23.75
C ASP B 174 -49.22 -8.22 24.51
N LEU B 175 -48.54 -8.65 25.57
CA LEU B 175 -47.74 -7.77 26.40
C LEU B 175 -46.42 -7.45 25.74
N THR B 176 -45.84 -6.32 26.13
CA THR B 176 -44.55 -5.90 25.60
C THR B 176 -43.64 -5.84 26.82
N PRO B 177 -42.33 -6.09 26.65
CA PRO B 177 -41.40 -6.06 27.78
C PRO B 177 -41.56 -4.88 28.76
N PRO B 178 -41.64 -3.65 28.26
CA PRO B 178 -41.80 -2.49 29.16
C PRO B 178 -43.09 -2.52 30.01
N GLU B 179 -44.18 -3.00 29.42
CA GLU B 179 -45.47 -3.10 30.11
C GLU B 179 -45.37 -4.13 31.21
N ILE B 180 -44.72 -5.24 30.87
CA ILE B 180 -44.50 -6.36 31.79
C ILE B 180 -43.76 -5.86 33.03
N ILE B 181 -42.72 -5.06 32.83
CA ILE B 181 -41.96 -4.50 33.93
C ILE B 181 -42.76 -3.41 34.66
N ASP B 182 -43.52 -2.63 33.90
CA ASP B 182 -44.32 -1.59 34.51
C ASP B 182 -45.52 -2.18 35.26
N ARG B 183 -45.78 -3.46 35.04
CA ARG B 183 -46.89 -4.12 35.70
C ARG B 183 -46.50 -4.87 36.95
N VAL B 184 -45.21 -4.85 37.29
CA VAL B 184 -44.69 -5.56 38.48
C VAL B 184 -44.11 -4.65 39.55
N TYR B 185 -43.68 -3.44 39.16
CA TYR B 185 -43.09 -2.48 40.08
C TYR B 185 -43.95 -1.23 40.31
N ARG B 186 -44.78 -0.86 39.34
CA ARG B 186 -45.61 0.34 39.48
C ARG B 186 -47.12 0.18 39.49
N GLN B 187 -47.63 -1.04 39.58
CA GLN B 187 -49.07 -1.24 39.62
C GLN B 187 -49.56 -2.19 40.72
N PRO B 188 -50.87 -2.17 41.02
CA PRO B 188 -51.44 -3.02 42.08
C PRO B 188 -51.56 -4.51 41.73
N PHE B 189 -51.56 -5.32 42.78
CA PHE B 189 -51.71 -6.76 42.63
C PHE B 189 -50.74 -7.40 41.65
N PRO B 190 -49.43 -7.12 41.80
CA PRO B 190 -48.45 -7.73 40.89
C PRO B 190 -48.54 -9.26 41.05
N ASN B 191 -48.58 -9.71 42.30
CA ASN B 191 -48.70 -11.14 42.60
C ASN B 191 -49.79 -11.78 41.78
N ARG B 192 -50.84 -11.01 41.50
CA ARG B 192 -51.96 -11.48 40.73
C ARG B 192 -51.66 -11.39 39.23
N PHE B 193 -50.96 -10.33 38.81
CA PHE B 193 -50.59 -10.17 37.40
C PHE B 193 -49.62 -11.28 36.99
N LEU B 194 -48.41 -11.25 37.52
CA LEU B 194 -47.46 -12.29 37.18
C LEU B 194 -48.19 -13.62 37.15
N ALA B 195 -49.06 -13.85 38.13
CA ALA B 195 -49.81 -15.11 38.19
C ALA B 195 -50.75 -15.34 37.01
N SER B 196 -51.09 -14.28 36.29
CA SER B 196 -51.99 -14.43 35.16
C SER B 196 -51.26 -15.07 34.00
N LEU B 197 -49.93 -15.10 34.07
CA LEU B 197 -49.14 -15.70 33.02
C LEU B 197 -48.74 -17.11 33.43
N SER B 198 -49.51 -17.70 34.32
CA SER B 198 -49.24 -19.06 34.81
C SER B 198 -49.56 -20.18 33.82
N PRO B 199 -50.75 -20.16 33.21
CA PRO B 199 -51.16 -21.19 32.25
C PRO B 199 -50.16 -21.48 31.15
N PHE B 200 -49.40 -20.47 30.73
CA PHE B 200 -48.38 -20.64 29.69
C PHE B 200 -47.48 -21.84 30.02
N ILE B 201 -47.37 -22.14 31.31
CA ILE B 201 -46.55 -23.25 31.81
C ILE B 201 -47.23 -24.59 31.65
N ALA B 202 -48.54 -24.63 31.86
CA ALA B 202 -49.27 -25.88 31.75
C ALA B 202 -49.57 -26.17 30.29
N GLN B 203 -49.27 -25.21 29.44
CA GLN B 203 -49.51 -25.32 27.99
C GLN B 203 -48.21 -25.59 27.25
N HIS B 204 -47.12 -25.65 28.00
CA HIS B 204 -45.80 -25.89 27.45
C HIS B 204 -45.00 -26.82 28.35
N LEU B 205 -45.66 -27.84 28.88
CA LEU B 205 -45.00 -28.79 29.77
C LEU B 205 -44.15 -29.82 29.02
N GLU B 206 -44.25 -29.80 27.69
CA GLU B 206 -43.47 -30.72 26.87
C GLU B 206 -42.01 -30.28 26.97
N GLU B 207 -41.82 -28.98 27.01
CA GLU B 207 -40.48 -28.40 27.13
C GLU B 207 -39.82 -28.94 28.38
N PRO B 208 -38.70 -29.66 28.22
CA PRO B 208 -37.98 -30.22 29.37
C PRO B 208 -37.59 -29.15 30.39
N ALA B 209 -37.53 -27.91 29.92
CA ALA B 209 -37.16 -26.78 30.77
C ALA B 209 -38.31 -26.27 31.63
N ILE B 210 -39.43 -25.97 30.98
CA ILE B 210 -40.62 -25.46 31.68
C ILE B 210 -41.05 -26.38 32.82
N ARG B 211 -41.01 -27.69 32.59
CA ARG B 211 -41.40 -28.65 33.62
C ARG B 211 -40.46 -28.55 34.84
N GLN B 212 -39.18 -28.25 34.57
CA GLN B 212 -38.17 -28.12 35.62
C GLN B 212 -38.39 -26.78 36.33
N LEU B 213 -39.11 -25.90 35.65
CA LEU B 213 -39.44 -24.57 36.17
C LEU B 213 -40.61 -24.70 37.14
N VAL B 214 -41.29 -25.83 37.10
CA VAL B 214 -42.43 -26.09 37.96
C VAL B 214 -42.03 -27.08 39.07
N ASN B 216 -38.99 -27.88 40.28
CA ASN B 216 -38.11 -27.20 41.21
C ASN B 216 -38.90 -26.33 42.17
N SER B 217 -39.70 -25.42 41.64
CA SER B 217 -40.51 -24.52 42.46
C SER B 217 -41.17 -25.24 43.63
N PHE B 218 -41.68 -26.44 43.36
CA PHE B 218 -42.33 -27.22 44.39
C PHE B 218 -41.37 -27.97 45.31
N ILE B 219 -40.19 -28.26 44.78
CA ILE B 219 -39.16 -28.96 45.53
C ILE B 219 -38.76 -28.10 46.70
N ALA B 220 -38.42 -26.85 46.37
CA ALA B 220 -37.97 -25.84 47.33
C ALA B 220 -39.07 -25.55 48.35
N PHE B 221 -40.30 -25.42 47.85
CA PHE B 221 -41.44 -25.17 48.72
C PHE B 221 -41.49 -26.24 49.82
N PHE B 222 -41.36 -27.50 49.42
CA PHE B 222 -41.38 -28.63 50.35
C PHE B 222 -40.25 -28.56 51.34
N ARG B 223 -39.05 -28.26 50.84
CA ARG B 223 -37.86 -28.19 51.68
C ARG B 223 -37.59 -26.83 52.34
N ARG B 224 -38.45 -25.85 52.07
CA ARG B 224 -38.25 -24.52 52.65
C ARG B 224 -39.52 -23.92 53.29
N ASN B 225 -40.67 -24.58 53.11
CA ASN B 225 -41.92 -24.07 53.67
C ASN B 225 -42.78 -25.07 54.49
N VAL B 226 -42.62 -26.37 54.29
CA VAL B 226 -43.42 -27.35 55.03
C VAL B 226 -42.62 -28.26 55.98
N GLN B 228 -40.72 -27.76 58.15
CA GLN B 228 -40.51 -27.19 59.47
C GLN B 228 -41.53 -27.71 60.48
N TYR B 229 -42.17 -28.82 60.12
CA TYR B 229 -43.15 -29.48 60.99
C TYR B 229 -42.69 -30.90 61.19
N ASP B 230 -43.54 -31.73 61.78
CA ASP B 230 -43.17 -33.12 61.99
C ASP B 230 -43.65 -33.97 60.81
N TYR B 231 -43.38 -33.49 59.61
CA TYR B 231 -43.78 -34.18 58.40
C TYR B 231 -43.26 -35.62 58.38
N LYS B 232 -42.18 -35.85 59.12
CA LYS B 232 -41.58 -37.17 59.19
C LYS B 232 -42.56 -38.18 59.76
N GLN B 233 -43.73 -37.69 60.18
CA GLN B 233 -44.74 -38.58 60.75
C GLN B 233 -46.15 -38.08 60.45
N TYR B 234 -46.31 -37.33 59.38
CA TYR B 234 -47.62 -36.82 59.01
C TYR B 234 -47.82 -36.63 57.51
N PRO B 235 -49.05 -36.88 57.01
CA PRO B 235 -49.42 -36.76 55.59
C PRO B 235 -49.82 -35.33 55.21
N VAL B 236 -49.42 -34.89 54.02
CA VAL B 236 -49.75 -33.56 53.58
C VAL B 236 -50.80 -33.55 52.47
N HIS B 237 -51.76 -32.65 52.60
CA HIS B 237 -52.84 -32.51 51.63
C HIS B 237 -52.65 -31.17 50.92
N PHE B 238 -53.31 -31.00 49.78
CA PHE B 238 -53.20 -29.75 49.03
C PHE B 238 -54.55 -29.18 48.59
N ILE B 239 -54.53 -27.94 48.12
CA ILE B 239 -55.73 -27.25 47.67
C ILE B 239 -55.29 -26.05 46.84
N GLY B 240 -56.08 -25.66 45.85
CA GLY B 240 -55.70 -24.52 45.04
C GLY B 240 -55.40 -24.83 43.59
N SER B 241 -55.56 -23.81 42.75
CA SER B 241 -55.31 -23.91 41.31
C SER B 241 -54.01 -24.65 41.03
N ILE B 242 -52.91 -23.92 40.90
CA ILE B 242 -51.58 -24.47 40.63
C ILE B 242 -51.32 -25.82 41.31
N ALA B 243 -52.01 -26.08 42.43
CA ALA B 243 -51.83 -27.33 43.15
C ALA B 243 -52.43 -28.48 42.39
N TYR B 244 -53.66 -28.28 41.90
CA TYR B 244 -54.36 -29.29 41.14
C TYR B 244 -53.82 -29.35 39.71
N CYS B 245 -53.83 -28.21 39.03
CA CYS B 245 -53.36 -28.11 37.65
C CYS B 245 -52.02 -28.81 37.39
N TYR B 246 -51.17 -28.86 38.41
CA TYR B 246 -49.86 -29.51 38.28
C TYR B 246 -49.76 -30.72 39.22
N LYS B 247 -50.91 -31.28 39.58
CA LYS B 247 -50.98 -32.43 40.48
C LYS B 247 -49.92 -33.49 40.16
N GLU B 248 -49.85 -33.88 38.89
CA GLU B 248 -48.89 -34.90 38.49
C GLU B 248 -47.46 -34.48 38.82
N ILE B 249 -47.12 -33.25 38.48
CA ILE B 249 -45.79 -32.67 38.70
C ILE B 249 -45.45 -32.43 40.19
N LEU B 250 -46.42 -31.88 40.93
CA LEU B 250 -46.24 -31.59 42.36
C LEU B 250 -45.78 -32.81 43.16
N GLN B 251 -46.72 -33.71 43.45
CA GLN B 251 -46.42 -34.91 44.21
C GLN B 251 -45.14 -35.61 43.79
N ASP B 252 -44.69 -35.35 42.56
CA ASP B 252 -43.47 -35.96 42.05
C ASP B 252 -42.31 -35.56 42.97
N ALA B 253 -42.28 -34.29 43.35
CA ALA B 253 -41.22 -33.80 44.23
C ALA B 253 -41.40 -34.42 45.62
N ALA B 254 -42.65 -34.45 46.08
CA ALA B 254 -42.98 -35.01 47.39
C ALA B 254 -42.35 -36.38 47.53
N ARG B 255 -42.30 -37.10 46.42
CA ARG B 255 -41.72 -38.42 46.37
C ARG B 255 -40.23 -38.33 46.72
N GLN B 256 -39.51 -37.54 45.94
CA GLN B 256 -38.07 -37.37 46.12
C GLN B 256 -37.71 -36.41 47.25
N THR B 257 -38.63 -36.26 48.21
CA THR B 257 -38.40 -35.39 49.36
C THR B 257 -38.88 -36.09 50.65
N GLY B 258 -38.87 -37.42 50.61
CA GLY B 258 -39.26 -38.22 51.76
C GLY B 258 -40.52 -37.79 52.49
N ILE B 259 -41.52 -37.35 51.75
CA ILE B 259 -42.76 -36.92 52.36
C ILE B 259 -43.94 -37.58 51.66
N GLN B 260 -44.96 -37.94 52.45
CA GLN B 260 -46.14 -38.59 51.90
C GLN B 260 -47.30 -37.65 51.58
N ILE B 261 -47.40 -37.32 50.31
CA ILE B 261 -48.44 -36.45 49.82
C ILE B 261 -49.75 -37.23 49.96
N GLY B 262 -50.85 -36.55 50.21
CA GLY B 262 -52.13 -37.22 50.37
C GLY B 262 -53.25 -36.75 49.45
N LYS B 263 -54.25 -36.09 50.02
CA LYS B 263 -55.41 -35.58 49.28
C LYS B 263 -55.01 -34.32 48.51
N ILE B 264 -55.32 -34.30 47.21
CA ILE B 264 -54.99 -33.16 46.36
C ILE B 264 -56.15 -32.87 45.40
N LEU B 265 -56.82 -31.76 45.64
CA LEU B 265 -57.95 -31.31 44.81
C LEU B 265 -58.02 -29.77 44.81
N GLN B 266 -58.54 -29.19 43.73
CA GLN B 266 -58.62 -27.74 43.56
C GLN B 266 -59.33 -26.94 44.67
N SER B 267 -60.58 -27.28 44.96
CA SER B 267 -61.33 -26.57 46.00
C SER B 267 -61.64 -27.47 47.19
N PRO B 268 -61.73 -26.89 48.39
CA PRO B 268 -62.01 -27.63 49.62
C PRO B 268 -63.51 -27.66 49.93
N GLU B 270 -65.86 -29.08 48.83
CA GLU B 270 -66.43 -30.42 48.79
C GLU B 270 -66.73 -30.90 50.19
N GLY B 271 -65.68 -31.25 50.91
CA GLY B 271 -65.84 -31.71 52.26
C GLY B 271 -66.03 -30.56 53.23
N LEU B 272 -66.05 -29.33 52.71
CA LEU B 272 -66.24 -28.16 53.57
C LEU B 272 -67.73 -28.02 53.85
N ILE B 273 -68.52 -28.75 53.06
CA ILE B 273 -69.97 -28.77 53.23
C ILE B 273 -70.20 -29.74 54.41
N GLN B 274 -69.52 -30.89 54.34
CA GLN B 274 -69.62 -31.94 55.35
C GLN B 274 -68.92 -31.58 56.66
N TYR B 275 -68.69 -30.30 56.89
CA TYR B 275 -68.03 -29.85 58.11
C TYR B 275 -69.00 -29.02 58.95
N HIS B 276 -69.87 -28.25 58.29
CA HIS B 276 -70.83 -27.42 59.01
C HIS B 276 -72.23 -28.01 59.02
N SER B 277 -72.35 -29.26 58.58
CA SER B 277 -73.64 -29.95 58.57
C SER B 277 -73.69 -31.04 59.65
N ILE C 2 -50.74 -27.72 -29.75
CA ILE C 2 -49.48 -27.09 -29.41
C ILE C 2 -48.65 -26.74 -30.66
N LEU C 3 -47.82 -25.72 -30.53
CA LEU C 3 -46.97 -25.29 -31.62
C LEU C 3 -45.51 -25.48 -31.24
N ILE C 4 -44.74 -26.12 -32.12
CA ILE C 4 -43.33 -26.37 -31.84
C ILE C 4 -42.44 -25.78 -32.94
N ALA C 5 -41.35 -25.14 -32.53
CA ALA C 5 -40.47 -24.53 -33.51
C ALA C 5 -38.98 -24.82 -33.34
N ASP C 6 -38.40 -25.41 -34.40
CA ASP C 6 -36.98 -25.70 -34.45
C ASP C 6 -36.47 -24.69 -35.47
N SER C 7 -35.66 -23.75 -35.00
CA SER C 7 -35.16 -22.68 -35.84
C SER C 7 -33.66 -22.74 -36.10
N GLY C 8 -33.29 -22.63 -37.38
CA GLY C 8 -31.90 -22.64 -37.76
C GLY C 8 -31.79 -21.43 -38.67
N SER C 9 -30.65 -20.74 -38.65
CA SER C 9 -30.48 -19.55 -39.47
C SER C 9 -30.42 -19.86 -40.96
N THR C 10 -31.58 -20.26 -41.49
CA THR C 10 -31.76 -20.60 -42.90
C THR C 10 -33.24 -20.82 -43.06
N LYS C 11 -33.84 -21.49 -42.08
CA LYS C 11 -35.27 -21.79 -42.09
C LYS C 11 -35.81 -22.06 -40.68
N THR C 12 -37.14 -22.20 -40.61
CA THR C 12 -37.82 -22.50 -39.35
C THR C 12 -38.97 -23.46 -39.60
N ASP C 13 -38.78 -24.73 -39.26
CA ASP C 13 -39.85 -25.72 -39.47
C ASP C 13 -40.74 -25.84 -38.24
N TRP C 14 -41.95 -25.33 -38.38
CA TRP C 14 -42.92 -25.36 -37.29
C TRP C 14 -43.75 -26.62 -37.37
N CYS C 15 -44.40 -26.97 -36.27
CA CYS C 15 -45.26 -28.13 -36.22
C CYS C 15 -46.40 -27.87 -35.27
N VAL C 16 -47.62 -28.02 -35.78
CA VAL C 16 -48.80 -27.83 -34.96
C VAL C 16 -49.40 -29.22 -34.72
N VAL C 17 -49.10 -29.79 -33.56
CA VAL C 17 -49.61 -31.12 -33.19
C VAL C 17 -50.70 -31.00 -32.13
N LEU C 18 -51.92 -31.40 -32.51
CA LEU C 18 -53.06 -31.33 -31.60
C LEU C 18 -52.85 -32.34 -30.48
N ASN C 19 -52.94 -33.63 -30.82
CA ASN C 19 -52.74 -34.64 -29.80
C ASN C 19 -51.96 -35.81 -30.34
N GLY C 20 -50.66 -35.81 -30.11
CA GLY C 20 -49.85 -36.93 -30.55
C GLY C 20 -49.12 -36.76 -31.86
N ALA C 21 -49.84 -36.54 -32.96
CA ALA C 21 -49.19 -36.37 -34.25
C ALA C 21 -49.38 -35.00 -34.87
N VAL C 22 -48.57 -34.70 -35.88
CA VAL C 22 -48.60 -33.43 -36.57
C VAL C 22 -49.79 -33.27 -37.51
N ILE C 23 -50.61 -32.25 -37.28
CA ILE C 23 -51.75 -32.01 -38.14
C ILE C 23 -51.29 -31.11 -39.29
N LYS C 24 -50.14 -30.48 -39.10
CA LYS C 24 -49.56 -29.59 -40.10
C LYS C 24 -48.20 -29.03 -39.69
N ARG C 25 -47.34 -28.80 -40.68
CA ARG C 25 -46.02 -28.26 -40.45
C ARG C 25 -45.54 -27.42 -41.64
N LEU C 26 -45.45 -26.11 -41.42
CA LEU C 26 -45.04 -25.19 -42.47
C LEU C 26 -43.71 -24.56 -42.10
N GLY C 27 -43.05 -23.94 -43.07
CA GLY C 27 -41.76 -23.34 -42.80
C GLY C 27 -41.52 -21.90 -43.23
N THR C 28 -41.03 -21.11 -42.30
CA THR C 28 -40.70 -19.71 -42.53
C THR C 28 -39.21 -19.55 -42.36
N LYS C 29 -38.66 -18.44 -42.87
CA LYS C 29 -37.23 -18.18 -42.74
C LYS C 29 -36.81 -18.22 -41.27
N GLY C 30 -35.51 -18.19 -41.01
CA GLY C 30 -34.99 -18.26 -39.65
C GLY C 30 -35.23 -17.11 -38.70
N ILE C 31 -35.56 -17.43 -37.45
CA ILE C 31 -35.80 -16.41 -36.46
C ILE C 31 -34.59 -16.36 -35.54
N ASN C 32 -34.18 -15.15 -35.19
CA ASN C 32 -33.03 -15.00 -34.31
C ASN C 32 -33.04 -13.68 -33.56
N PRO C 33 -33.37 -13.71 -32.28
CA PRO C 33 -33.41 -12.48 -31.49
C PRO C 33 -32.05 -11.85 -31.23
N PHE C 34 -31.12 -12.04 -32.14
CA PHE C 34 -29.81 -11.46 -31.94
C PHE C 34 -29.45 -10.56 -33.12
N PHE C 35 -30.07 -10.85 -34.26
CA PHE C 35 -29.85 -10.09 -35.48
C PHE C 35 -31.17 -9.42 -35.86
N GLN C 36 -32.24 -9.85 -35.21
CA GLN C 36 -33.57 -9.30 -35.46
C GLN C 36 -34.08 -8.78 -34.10
N SER C 37 -35.36 -8.45 -34.01
CA SER C 37 -35.87 -7.97 -32.73
C SER C 37 -37.38 -7.96 -32.67
N GLU C 38 -37.93 -7.77 -31.48
CA GLU C 38 -39.37 -7.73 -31.32
C GLU C 38 -39.89 -6.87 -32.46
N GLU C 39 -39.36 -5.65 -32.53
CA GLU C 39 -39.76 -4.69 -33.58
C GLU C 39 -39.39 -5.19 -34.97
N GLU C 40 -39.42 -6.51 -35.15
CA GLU C 40 -39.07 -7.11 -36.43
C GLU C 40 -39.62 -8.53 -36.54
N ILE C 41 -39.28 -9.38 -35.58
CA ILE C 41 -39.76 -10.77 -35.57
C ILE C 41 -41.27 -10.77 -35.51
N GLN C 42 -41.83 -9.90 -34.68
CA GLN C 42 -43.27 -9.82 -34.53
C GLN C 42 -43.89 -9.52 -35.89
N GLN C 43 -43.24 -8.63 -36.64
CA GLN C 43 -43.70 -8.24 -37.97
C GLN C 43 -43.64 -9.41 -38.95
N LYS C 44 -42.43 -9.93 -39.18
CA LYS C 44 -42.22 -11.04 -40.10
C LYS C 44 -42.86 -12.33 -39.62
N LEU C 45 -43.46 -12.29 -38.43
CA LEU C 45 -44.10 -13.47 -37.90
C LEU C 45 -45.58 -13.38 -38.19
N THR C 46 -46.19 -12.27 -37.76
CA THR C 46 -47.62 -12.04 -37.95
C THR C 46 -48.06 -12.06 -39.42
N ALA C 47 -47.18 -11.67 -40.31
CA ALA C 47 -47.53 -11.64 -41.73
C ALA C 47 -46.89 -12.76 -42.53
N SER C 48 -46.33 -13.76 -41.84
CA SER C 48 -45.70 -14.86 -42.56
C SER C 48 -46.02 -16.23 -42.00
N LEU C 49 -46.56 -16.28 -40.79
CA LEU C 49 -46.91 -17.55 -40.17
C LEU C 49 -48.39 -17.66 -39.81
N LEU C 50 -48.89 -16.66 -39.09
CA LEU C 50 -50.29 -16.64 -38.68
C LEU C 50 -51.23 -17.06 -39.80
N PRO C 51 -51.16 -16.39 -40.96
CA PRO C 51 -52.03 -16.75 -42.09
C PRO C 51 -51.65 -18.09 -42.69
N GLN C 52 -51.33 -19.04 -41.81
CA GLN C 52 -50.95 -20.38 -42.20
C GLN C 52 -51.28 -21.38 -41.10
N LEU C 53 -52.20 -21.01 -40.21
CA LEU C 53 -52.61 -21.88 -39.12
C LEU C 53 -54.11 -22.20 -39.17
N PRO C 54 -54.52 -23.32 -38.56
CA PRO C 54 -55.94 -23.71 -38.57
C PRO C 54 -56.79 -22.95 -37.54
N GLU C 55 -56.60 -21.62 -37.49
CA GLU C 55 -57.34 -20.78 -36.57
C GLU C 55 -57.29 -21.34 -35.15
N GLY C 56 -58.29 -20.99 -34.34
CA GLY C 56 -58.31 -21.49 -32.98
C GLY C 56 -57.15 -20.93 -32.19
N LYS C 57 -57.09 -21.28 -30.92
CA LYS C 57 -56.03 -20.80 -30.04
C LYS C 57 -55.16 -21.97 -29.57
N PHE C 58 -53.84 -21.75 -29.58
CA PHE C 58 -52.90 -22.77 -29.14
C PHE C 58 -52.80 -22.85 -27.63
N ASN C 59 -52.87 -24.09 -27.13
CA ASN C 59 -52.78 -24.34 -25.70
C ASN C 59 -51.46 -23.78 -25.18
N ALA C 60 -50.39 -23.99 -25.94
CA ALA C 60 -49.06 -23.52 -25.59
C ALA C 60 -48.13 -23.77 -26.76
N VAL C 61 -47.22 -22.84 -27.01
CA VAL C 61 -46.29 -23.00 -28.10
C VAL C 61 -44.87 -23.02 -27.56
N TYR C 62 -44.09 -23.95 -28.08
CA TYR C 62 -42.70 -24.15 -27.70
C TYR C 62 -41.79 -23.71 -28.86
N PHE C 63 -40.85 -22.81 -28.56
CA PHE C 63 -39.94 -22.30 -29.55
C PHE C 63 -38.48 -22.53 -29.21
N TYR C 64 -37.76 -22.96 -30.23
CA TYR C 64 -36.35 -23.24 -30.12
C TYR C 64 -35.69 -22.57 -31.31
N GLY C 65 -34.60 -21.87 -31.05
CA GLY C 65 -33.92 -21.19 -32.15
C GLY C 65 -32.50 -20.82 -31.78
N ALA C 66 -31.77 -20.34 -32.78
CA ALA C 66 -30.39 -19.96 -32.60
C ALA C 66 -30.27 -18.65 -31.86
N GLY C 67 -29.21 -18.56 -31.05
CA GLY C 67 -28.96 -17.36 -30.27
C GLY C 67 -30.10 -17.06 -29.33
N CYS C 68 -31.03 -17.98 -29.20
CA CYS C 68 -32.15 -17.74 -28.32
C CYS C 68 -31.73 -17.98 -26.89
N THR C 69 -30.65 -17.34 -26.46
CA THR C 69 -30.16 -17.47 -25.10
C THR C 69 -31.19 -16.97 -24.09
N PRO C 70 -31.15 -17.49 -22.85
CA PRO C 70 -32.10 -17.08 -21.83
C PRO C 70 -32.18 -15.56 -21.71
N GLU C 71 -31.03 -14.90 -21.86
CA GLU C 71 -30.95 -13.43 -21.77
C GLU C 71 -31.76 -12.74 -22.89
N LYS C 72 -32.02 -13.47 -23.96
CA LYS C 72 -32.79 -12.93 -25.06
C LYS C 72 -34.17 -13.59 -25.15
N ALA C 73 -34.34 -14.72 -24.47
CA ALA C 73 -35.61 -15.43 -24.47
C ALA C 73 -36.84 -14.53 -24.42
N PRO C 74 -36.97 -13.71 -23.36
CA PRO C 74 -38.15 -12.85 -23.27
C PRO C 74 -38.55 -12.21 -24.59
N VAL C 75 -37.58 -11.68 -25.30
CA VAL C 75 -37.86 -11.06 -26.58
C VAL C 75 -38.68 -12.02 -27.43
N LEU C 76 -38.26 -13.28 -27.42
CA LEU C 76 -38.98 -14.28 -28.19
C LEU C 76 -40.36 -14.47 -27.60
N ARG C 77 -40.42 -14.61 -26.29
CA ARG C 77 -41.68 -14.83 -25.60
C ARG C 77 -42.69 -13.76 -25.92
N ARG C 78 -42.30 -12.50 -25.80
CA ARG C 78 -43.21 -11.39 -26.06
C ARG C 78 -43.63 -11.37 -27.52
N ALA C 79 -42.66 -11.27 -28.42
CA ALA C 79 -42.94 -11.22 -29.85
C ALA C 79 -43.86 -12.36 -30.26
N ILE C 80 -43.56 -13.55 -29.77
CA ILE C 80 -44.35 -14.70 -30.11
C ILE C 80 -45.77 -14.58 -29.55
N ALA C 81 -45.90 -13.95 -28.38
CA ALA C 81 -47.20 -13.77 -27.75
C ALA C 81 -47.96 -12.59 -28.33
N ASP C 82 -47.24 -11.66 -28.95
CA ASP C 82 -47.82 -10.46 -29.56
C ASP C 82 -48.52 -10.68 -30.89
N SER C 83 -48.32 -11.83 -31.52
CA SER C 83 -48.96 -12.10 -32.81
C SER C 83 -49.54 -13.48 -32.99
N LEU C 84 -49.59 -14.29 -31.95
CA LEU C 84 -50.15 -15.61 -32.11
C LEU C 84 -51.30 -15.86 -31.16
N PRO C 85 -52.34 -16.58 -31.64
CA PRO C 85 -53.50 -16.89 -30.80
C PRO C 85 -53.09 -17.90 -29.73
N VAL C 86 -52.30 -17.42 -28.78
CA VAL C 86 -51.82 -18.26 -27.68
C VAL C 86 -52.66 -17.95 -26.47
N ILE C 87 -52.81 -18.95 -25.60
CA ILE C 87 -53.60 -18.74 -24.38
C ILE C 87 -52.91 -19.30 -23.18
N GLY C 88 -52.17 -20.38 -23.37
CA GLY C 88 -51.48 -21.02 -22.27
C GLY C 88 -50.20 -20.33 -21.85
N ASN C 89 -49.09 -20.83 -22.35
CA ASN C 89 -47.80 -20.25 -22.03
C ASN C 89 -46.77 -20.64 -23.09
N ILE C 90 -45.83 -19.74 -23.35
CA ILE C 90 -44.80 -19.99 -24.35
C ILE C 90 -43.44 -20.09 -23.70
N LYS C 91 -42.60 -20.94 -24.28
CA LYS C 91 -41.26 -21.15 -23.80
C LYS C 91 -40.33 -20.87 -24.97
N ALA C 92 -39.19 -20.25 -24.68
CA ALA C 92 -38.24 -19.95 -25.74
C ALA C 92 -36.88 -20.45 -25.36
N ASN C 93 -36.35 -21.36 -26.15
CA ASN C 93 -35.04 -21.88 -25.86
C ASN C 93 -34.13 -21.93 -27.07
N SER C 94 -32.88 -22.28 -26.78
CA SER C 94 -31.82 -22.36 -27.76
C SER C 94 -31.97 -23.58 -28.62
N ASP C 95 -31.31 -23.54 -29.77
CA ASP C 95 -31.28 -24.65 -30.71
C ASP C 95 -30.55 -25.83 -30.08
N LEU C 97 -30.73 -26.92 -26.87
CA LEU C 97 -31.66 -27.71 -26.06
C LEU C 97 -32.70 -28.38 -26.94
N ALA C 98 -32.91 -27.83 -28.13
CA ALA C 98 -33.85 -28.43 -29.05
C ALA C 98 -33.22 -29.73 -29.53
N ALA C 99 -31.91 -29.83 -29.43
CA ALA C 99 -31.26 -31.05 -29.86
C ALA C 99 -31.16 -31.99 -28.70
N ALA C 100 -31.07 -31.43 -27.50
CA ALA C 100 -30.99 -32.23 -26.29
C ALA C 100 -32.32 -32.90 -26.06
N HIS C 101 -33.40 -32.11 -26.09
CA HIS C 101 -34.73 -32.68 -25.88
C HIS C 101 -35.05 -33.66 -27.00
N GLY C 102 -34.76 -33.30 -28.25
CA GLY C 102 -35.05 -34.18 -29.36
C GLY C 102 -34.28 -35.47 -29.44
N LEU C 103 -33.00 -35.41 -29.08
CA LEU C 103 -32.16 -36.59 -29.12
C LEU C 103 -32.15 -37.34 -27.79
N CYS C 104 -31.92 -36.63 -26.71
CA CYS C 104 -31.88 -37.27 -25.40
C CYS C 104 -33.21 -37.33 -24.66
N GLY C 105 -34.32 -37.16 -25.38
CA GLY C 105 -35.64 -37.22 -24.76
C GLY C 105 -35.69 -36.83 -23.29
N GLN C 106 -35.68 -37.81 -22.40
CA GLN C 106 -35.72 -37.55 -20.98
C GLN C 106 -34.60 -38.30 -20.25
N LYS C 107 -33.67 -38.85 -21.02
CA LYS C 107 -32.54 -39.58 -20.45
C LYS C 107 -31.22 -38.86 -20.74
N ALA C 108 -30.35 -38.77 -19.73
CA ALA C 108 -29.08 -38.07 -19.93
C ALA C 108 -28.38 -38.46 -21.22
N GLY C 109 -27.40 -37.64 -21.61
CA GLY C 109 -26.65 -37.89 -22.81
C GLY C 109 -25.86 -36.70 -23.34
N ILE C 110 -25.01 -36.96 -24.32
CA ILE C 110 -24.23 -35.90 -24.96
C ILE C 110 -24.94 -35.48 -26.24
N ALA C 111 -25.42 -34.25 -26.28
CA ALA C 111 -26.08 -33.75 -27.47
C ALA C 111 -25.07 -32.96 -28.31
N CYS C 112 -25.18 -33.09 -29.63
CA CYS C 112 -24.27 -32.40 -30.53
C CYS C 112 -24.94 -31.94 -31.79
N ILE C 113 -24.69 -30.71 -32.15
CA ILE C 113 -25.26 -30.17 -33.36
C ILE C 113 -24.15 -29.93 -34.35
N LEU C 114 -24.46 -30.07 -35.62
CA LEU C 114 -23.47 -29.83 -36.65
C LEU C 114 -24.26 -29.23 -37.80
N GLY C 115 -24.44 -27.91 -37.74
CA GLY C 115 -25.16 -27.21 -38.79
C GLY C 115 -24.30 -26.12 -39.41
N THR C 116 -24.83 -24.90 -39.48
CA THR C 116 -24.07 -23.78 -40.01
C THR C 116 -22.94 -23.55 -39.03
N GLY C 117 -23.23 -23.82 -37.77
CA GLY C 117 -22.23 -23.69 -36.74
C GLY C 117 -22.01 -25.07 -36.15
N SER C 118 -21.57 -25.17 -34.90
CA SER C 118 -21.40 -26.48 -34.31
C SER C 118 -21.47 -26.26 -32.82
N ASN C 119 -21.94 -27.27 -32.11
CA ASN C 119 -22.08 -27.16 -30.67
C ASN C 119 -22.11 -28.53 -30.02
N SER C 120 -21.73 -28.60 -28.76
CA SER C 120 -21.74 -29.88 -28.06
C SER C 120 -21.94 -29.61 -26.58
N CYS C 121 -23.07 -30.06 -26.07
CA CYS C 121 -23.38 -29.84 -24.67
C CYS C 121 -23.55 -31.20 -24.03
N PHE C 122 -23.95 -31.17 -22.76
CA PHE C 122 -24.22 -32.39 -22.02
C PHE C 122 -25.54 -32.28 -21.29
N TYR C 123 -26.54 -33.02 -21.75
CA TYR C 123 -27.88 -33.03 -21.15
C TYR C 123 -27.90 -34.10 -20.06
N ASN C 124 -28.56 -33.82 -18.94
CA ASN C 124 -28.60 -34.78 -17.84
C ASN C 124 -29.95 -35.47 -17.68
N GLY C 125 -30.77 -35.40 -18.72
CA GLY C 125 -32.08 -36.03 -18.69
C GLY C 125 -33.18 -35.07 -18.29
N LYS C 126 -32.81 -33.97 -17.65
CA LYS C 126 -33.77 -32.98 -17.21
C LYS C 126 -33.49 -31.59 -17.78
N GLU C 127 -32.22 -31.22 -17.90
CA GLU C 127 -31.85 -29.91 -18.42
C GLU C 127 -30.40 -29.92 -18.89
N ILE C 128 -30.00 -28.89 -19.63
CA ILE C 128 -28.62 -28.79 -20.11
C ILE C 128 -27.78 -28.32 -18.94
N VAL C 129 -26.71 -29.05 -18.63
CA VAL C 129 -25.86 -28.67 -17.52
C VAL C 129 -24.50 -28.12 -17.94
N SER C 130 -23.84 -28.83 -18.85
CA SER C 130 -22.52 -28.43 -19.33
C SER C 130 -22.56 -28.02 -20.79
N ASN C 131 -21.64 -27.17 -21.21
CA ASN C 131 -21.62 -26.74 -22.61
C ASN C 131 -20.32 -26.16 -23.13
N ILE C 132 -19.56 -26.93 -23.88
CA ILE C 132 -18.30 -26.46 -24.44
C ILE C 132 -18.55 -25.30 -25.43
N SER C 133 -18.14 -24.07 -25.11
CA SER C 133 -18.39 -22.98 -26.05
C SER C 133 -17.70 -23.27 -27.37
N PRO C 134 -18.43 -23.16 -28.50
CA PRO C 134 -17.85 -23.44 -29.82
C PRO C 134 -16.80 -22.43 -30.28
N LEU C 135 -17.03 -21.16 -29.97
CA LEU C 135 -16.12 -20.08 -30.32
C LEU C 135 -16.35 -19.38 -31.66
N GLY C 136 -17.15 -19.96 -32.54
CA GLY C 136 -17.41 -19.26 -33.79
C GLY C 136 -16.79 -19.88 -35.02
N PHE C 137 -17.11 -19.34 -36.18
CA PHE C 137 -16.56 -19.91 -37.40
C PHE C 137 -15.11 -19.49 -37.67
N ILE C 138 -14.57 -18.59 -36.86
CA ILE C 138 -13.21 -18.13 -37.03
C ILE C 138 -12.29 -18.81 -36.04
N LEU C 139 -12.74 -18.81 -34.78
CA LEU C 139 -11.98 -19.40 -33.69
C LEU C 139 -12.32 -20.86 -33.36
N GLY C 140 -13.52 -21.30 -33.72
CA GLY C 140 -13.87 -22.67 -33.41
C GLY C 140 -14.84 -23.36 -34.37
N ASP C 141 -16.00 -23.76 -33.83
CA ASP C 141 -17.03 -24.42 -34.61
C ASP C 141 -16.60 -25.56 -35.52
N GLU C 142 -15.49 -26.22 -35.20
CA GLU C 142 -15.01 -27.34 -36.01
C GLU C 142 -16.20 -28.20 -36.43
N GLY C 143 -16.03 -28.92 -37.53
CA GLY C 143 -17.11 -29.76 -38.00
C GLY C 143 -18.32 -29.05 -38.59
N SER C 144 -18.39 -27.73 -38.45
CA SER C 144 -19.53 -26.97 -38.99
C SER C 144 -19.54 -26.73 -40.51
N GLY C 145 -20.70 -26.36 -41.03
CA GLY C 145 -20.82 -26.07 -42.44
C GLY C 145 -19.94 -24.89 -42.73
N ALA C 146 -20.04 -23.84 -41.90
CA ALA C 146 -19.22 -22.64 -42.04
C ALA C 146 -17.73 -22.97 -42.11
N VAL C 147 -17.20 -23.62 -41.07
CA VAL C 147 -15.78 -23.97 -41.07
C VAL C 147 -15.40 -24.87 -42.24
N LEU C 148 -16.24 -25.85 -42.57
CA LEU C 148 -15.93 -26.72 -43.69
C LEU C 148 -15.79 -25.78 -44.88
N GLY C 149 -16.71 -24.82 -44.97
CA GLY C 149 -16.67 -23.86 -46.05
C GLY C 149 -15.37 -23.08 -46.01
N LYS C 150 -15.06 -22.53 -44.84
CA LYS C 150 -13.84 -21.77 -44.68
C LYS C 150 -12.69 -22.61 -45.21
N LEU C 151 -12.56 -23.85 -44.74
CA LEU C 151 -11.49 -24.73 -45.19
C LEU C 151 -11.44 -24.89 -46.70
N LEU C 152 -12.58 -25.17 -47.32
CA LEU C 152 -12.65 -25.34 -48.76
C LEU C 152 -12.15 -24.14 -49.55
N VAL C 153 -12.73 -22.97 -49.30
CA VAL C 153 -12.32 -21.73 -49.96
C VAL C 153 -10.81 -21.49 -49.76
N GLY C 154 -10.30 -21.95 -48.63
CA GLY C 154 -8.88 -21.81 -48.35
C GLY C 154 -8.01 -22.58 -49.32
N ASP C 155 -8.42 -23.77 -49.73
CA ASP C 155 -7.59 -24.54 -50.64
C ASP C 155 -7.84 -24.16 -52.09
N ILE C 156 -9.11 -24.06 -52.47
CA ILE C 156 -9.41 -23.72 -53.84
C ILE C 156 -8.60 -22.49 -54.23
N LEU C 157 -8.81 -21.40 -53.51
CA LEU C 157 -8.12 -20.14 -53.76
C LEU C 157 -6.63 -20.16 -53.50
N LYS C 158 -6.14 -21.15 -52.77
CA LYS C 158 -4.70 -21.22 -52.50
C LYS C 158 -4.08 -22.25 -53.43
N ASN C 159 -4.85 -22.66 -54.42
CA ASN C 159 -4.42 -23.64 -55.42
C ASN C 159 -3.87 -24.93 -54.85
N GLN C 160 -4.60 -25.57 -53.93
CA GLN C 160 -4.14 -26.83 -53.35
C GLN C 160 -5.04 -27.99 -53.78
N LEU C 161 -5.57 -27.86 -54.99
CA LEU C 161 -6.45 -28.84 -55.61
C LEU C 161 -6.35 -28.66 -57.13
N PRO C 162 -6.88 -29.62 -57.90
CA PRO C 162 -6.89 -29.61 -59.37
C PRO C 162 -7.52 -28.35 -59.92
N ALA C 163 -6.82 -27.67 -60.82
CA ALA C 163 -7.32 -26.44 -61.43
C ALA C 163 -8.68 -26.70 -62.06
N THR C 164 -8.90 -27.93 -62.49
CA THR C 164 -10.16 -28.34 -63.09
C THR C 164 -11.27 -28.16 -62.06
N LEU C 165 -11.07 -28.75 -60.88
CA LEU C 165 -12.04 -28.65 -59.80
C LEU C 165 -12.27 -27.18 -59.47
N LYS C 166 -11.18 -26.43 -59.30
CA LYS C 166 -11.22 -25.01 -59.01
C LYS C 166 -12.05 -24.21 -60.01
N GLU C 167 -11.96 -24.57 -61.28
CA GLU C 167 -12.72 -23.87 -62.32
C GLU C 167 -14.20 -24.11 -62.08
N GLU C 168 -14.55 -25.37 -61.90
CA GLU C 168 -15.93 -25.72 -61.68
C GLU C 168 -16.45 -24.89 -60.51
N PHE C 169 -15.89 -25.11 -59.32
CA PHE C 169 -16.32 -24.39 -58.13
C PHE C 169 -16.75 -22.98 -58.47
N LEU C 170 -15.80 -22.17 -58.95
CA LEU C 170 -16.08 -20.80 -59.32
C LEU C 170 -17.23 -20.68 -60.35
N LYS C 171 -17.16 -21.50 -61.38
CA LYS C 171 -18.17 -21.48 -62.43
C LYS C 171 -19.54 -21.82 -61.84
N GLN C 172 -19.55 -22.71 -60.86
CA GLN C 172 -20.78 -23.14 -60.20
C GLN C 172 -21.50 -22.04 -59.44
N PHE C 173 -20.81 -21.43 -58.49
CA PHE C 173 -21.36 -20.36 -57.68
C PHE C 173 -21.26 -19.01 -58.35
N ASP C 174 -20.76 -18.96 -59.59
CA ASP C 174 -20.65 -17.70 -60.32
C ASP C 174 -20.01 -16.70 -59.37
N LEU C 175 -18.85 -17.06 -58.83
CA LEU C 175 -18.15 -16.16 -57.92
C LEU C 175 -16.75 -15.90 -58.46
N THR C 176 -16.17 -14.76 -58.09
CA THR C 176 -14.80 -14.40 -58.49
C THR C 176 -14.02 -14.32 -57.20
N PRO C 177 -12.72 -14.65 -57.24
CA PRO C 177 -11.95 -14.57 -55.98
C PRO C 177 -12.17 -13.29 -55.17
N PRO C 178 -11.98 -12.12 -55.79
CA PRO C 178 -12.18 -10.85 -55.09
C PRO C 178 -13.58 -10.73 -54.47
N GLU C 179 -14.55 -11.31 -55.13
CA GLU C 179 -15.93 -11.29 -54.63
C GLU C 179 -15.98 -12.06 -53.32
N ILE C 180 -15.32 -13.22 -53.29
CA ILE C 180 -15.32 -14.08 -52.10
C ILE C 180 -14.72 -13.33 -50.93
N ILE C 181 -13.60 -12.68 -51.15
CA ILE C 181 -12.97 -11.95 -50.06
C ILE C 181 -13.94 -10.93 -49.52
N ASP C 182 -14.59 -10.19 -50.41
CA ASP C 182 -15.54 -9.15 -50.00
C ASP C 182 -16.70 -9.74 -49.18
N ARG C 183 -17.22 -10.89 -49.57
CA ARG C 183 -18.34 -11.52 -48.85
C ARG C 183 -17.94 -12.00 -47.47
N VAL C 184 -16.71 -12.47 -47.34
CA VAL C 184 -16.20 -13.00 -46.11
C VAL C 184 -15.77 -11.95 -45.11
N TYR C 185 -14.93 -11.02 -45.54
CA TYR C 185 -14.43 -10.00 -44.64
C TYR C 185 -15.23 -8.70 -44.66
N ARG C 186 -15.84 -8.39 -45.79
CA ARG C 186 -16.53 -7.12 -45.86
C ARG C 186 -18.04 -7.09 -45.72
N GLN C 187 -18.72 -8.15 -46.12
CA GLN C 187 -20.16 -8.16 -46.03
C GLN C 187 -20.72 -8.85 -44.77
N PRO C 188 -22.02 -8.68 -44.50
CA PRO C 188 -22.62 -9.31 -43.32
C PRO C 188 -22.78 -10.83 -43.45
N PHE C 189 -22.97 -11.47 -42.30
CA PHE C 189 -23.15 -12.91 -42.17
C PHE C 189 -22.13 -13.76 -42.96
N PRO C 190 -20.84 -13.62 -42.65
CA PRO C 190 -19.82 -14.39 -43.35
C PRO C 190 -20.07 -15.88 -43.16
N ASN C 191 -20.33 -16.27 -41.91
CA ASN C 191 -20.57 -17.67 -41.60
C ASN C 191 -21.59 -18.29 -42.57
N ARG C 192 -22.77 -17.69 -42.68
CA ARG C 192 -23.79 -18.20 -43.58
C ARG C 192 -23.19 -18.43 -44.97
N PHE C 193 -22.61 -17.38 -45.54
CA PHE C 193 -22.01 -17.49 -46.85
C PHE C 193 -21.03 -18.66 -46.94
N LEU C 194 -20.01 -18.64 -46.08
CA LEU C 194 -19.01 -19.72 -46.08
C LEU C 194 -19.64 -21.09 -46.05
N ALA C 195 -20.65 -21.25 -45.22
CA ALA C 195 -21.30 -22.54 -45.11
C ALA C 195 -22.12 -22.86 -46.36
N SER C 196 -22.70 -21.85 -46.99
CA SER C 196 -23.50 -22.09 -48.19
C SER C 196 -22.69 -22.71 -49.33
N LEU C 197 -21.38 -22.79 -49.18
CA LEU C 197 -20.57 -23.40 -50.21
C LEU C 197 -20.30 -24.84 -49.83
N SER C 198 -20.69 -25.21 -48.63
CA SER C 198 -20.48 -26.56 -48.12
C SER C 198 -20.89 -27.67 -49.09
N PRO C 199 -22.06 -27.51 -49.72
CA PRO C 199 -22.58 -28.49 -50.67
C PRO C 199 -21.58 -28.96 -51.70
N PHE C 200 -20.65 -28.10 -52.09
CA PHE C 200 -19.65 -28.46 -53.07
C PHE C 200 -18.81 -29.64 -52.59
N ILE C 201 -18.43 -29.60 -51.32
CA ILE C 201 -17.66 -30.71 -50.75
C ILE C 201 -18.47 -31.98 -50.94
N ALA C 202 -19.78 -31.89 -50.71
CA ALA C 202 -20.62 -33.06 -50.85
C ALA C 202 -20.53 -33.69 -52.25
N GLN C 203 -20.71 -32.86 -53.28
CA GLN C 203 -20.69 -33.30 -54.68
C GLN C 203 -19.27 -33.62 -55.17
N HIS C 204 -18.35 -33.87 -54.26
CA HIS C 204 -16.97 -34.18 -54.67
C HIS C 204 -16.19 -35.08 -53.71
N LEU C 205 -16.88 -35.78 -52.82
CA LEU C 205 -16.21 -36.67 -51.88
C LEU C 205 -15.39 -37.73 -52.56
N GLU C 206 -15.32 -37.66 -53.89
CA GLU C 206 -14.55 -38.61 -54.67
C GLU C 206 -13.10 -38.20 -54.54
N GLU C 207 -12.86 -36.89 -54.66
CA GLU C 207 -11.50 -36.34 -54.52
C GLU C 207 -10.96 -36.72 -53.13
N PRO C 208 -9.64 -36.90 -53.03
CA PRO C 208 -9.09 -37.26 -51.72
C PRO C 208 -9.17 -36.13 -50.70
N ALA C 209 -8.60 -34.97 -51.04
CA ALA C 209 -8.61 -33.81 -50.14
C ALA C 209 -10.01 -33.51 -49.64
N ILE C 210 -10.94 -33.29 -50.57
CA ILE C 210 -12.30 -32.98 -50.16
C ILE C 210 -12.81 -34.05 -49.21
N ARG C 211 -12.25 -35.25 -49.28
CA ARG C 211 -12.72 -36.28 -48.38
C ARG C 211 -12.01 -36.09 -47.04
N GLN C 212 -10.69 -36.08 -47.08
CA GLN C 212 -9.84 -35.94 -45.89
C GLN C 212 -10.05 -34.62 -45.15
N LEU C 213 -10.56 -33.60 -45.86
CA LEU C 213 -10.85 -32.29 -45.26
C LEU C 213 -11.97 -32.45 -44.23
N VAL C 214 -13.17 -32.82 -44.68
CA VAL C 214 -14.28 -33.04 -43.77
C VAL C 214 -13.81 -33.94 -42.63
N ASN C 216 -10.97 -34.62 -41.27
CA ASN C 216 -10.15 -33.91 -40.32
C ASN C 216 -10.94 -32.99 -39.43
N SER C 217 -11.90 -32.28 -40.03
CA SER C 217 -12.72 -31.34 -39.28
C SER C 217 -13.57 -32.08 -38.27
N PHE C 218 -14.21 -33.15 -38.68
CA PHE C 218 -15.04 -33.88 -37.74
C PHE C 218 -14.21 -34.40 -36.59
N ILE C 219 -13.11 -35.08 -36.91
CA ILE C 219 -12.25 -35.62 -35.86
C ILE C 219 -11.81 -34.47 -34.99
N ALA C 220 -11.57 -33.33 -35.61
CA ALA C 220 -11.19 -32.15 -34.88
C ALA C 220 -12.31 -31.86 -33.87
N PHE C 221 -13.53 -31.75 -34.36
CA PHE C 221 -14.68 -31.47 -33.51
C PHE C 221 -14.91 -32.49 -32.39
N PHE C 222 -14.43 -33.71 -32.61
CA PHE C 222 -14.58 -34.78 -31.63
C PHE C 222 -13.61 -34.64 -30.47
N ARG C 223 -12.36 -34.31 -30.80
CA ARG C 223 -11.29 -34.19 -29.82
C ARG C 223 -11.34 -32.94 -29.01
N ARG C 224 -11.67 -31.83 -29.67
CA ARG C 224 -11.71 -30.57 -28.97
C ARG C 224 -13.02 -30.32 -28.25
N ASN C 225 -14.08 -30.97 -28.69
CA ASN C 225 -15.40 -30.79 -28.08
C ASN C 225 -15.99 -32.00 -27.34
N VAL C 226 -16.65 -32.88 -28.08
CA VAL C 226 -17.29 -34.04 -27.49
C VAL C 226 -16.47 -34.69 -26.42
N GLN C 228 -14.65 -33.52 -24.29
CA GLN C 228 -14.50 -32.70 -23.09
C GLN C 228 -15.47 -33.31 -22.08
N TYR C 229 -16.42 -34.10 -22.59
CA TYR C 229 -17.42 -34.76 -21.76
C TYR C 229 -17.01 -36.21 -21.54
N ASP C 230 -17.89 -36.97 -20.88
CA ASP C 230 -17.64 -38.39 -20.58
C ASP C 230 -18.30 -39.33 -21.59
N TYR C 231 -17.74 -39.36 -22.80
CA TYR C 231 -18.24 -40.17 -23.91
C TYR C 231 -18.26 -41.66 -23.58
N LYS C 232 -17.34 -42.10 -22.74
CA LYS C 232 -17.28 -43.50 -22.35
C LYS C 232 -18.54 -43.89 -21.58
N GLN C 233 -19.00 -42.99 -20.71
CA GLN C 233 -20.17 -43.23 -19.86
C GLN C 233 -21.47 -42.63 -20.38
N TYR C 234 -21.45 -42.10 -21.60
CA TYR C 234 -22.66 -41.51 -22.14
C TYR C 234 -22.82 -41.57 -23.65
N PRO C 235 -24.07 -41.54 -24.11
CA PRO C 235 -24.27 -41.60 -25.55
C PRO C 235 -24.04 -40.28 -26.24
N VAL C 236 -23.52 -40.33 -27.46
CA VAL C 236 -23.27 -39.11 -28.23
C VAL C 236 -24.17 -39.05 -29.49
N HIS C 237 -25.30 -38.35 -29.37
CA HIS C 237 -26.23 -38.22 -30.48
C HIS C 237 -26.01 -36.92 -31.24
N PHE C 238 -26.20 -36.95 -32.55
CA PHE C 238 -26.02 -35.79 -33.41
C PHE C 238 -27.33 -35.35 -34.09
N ILE C 239 -27.32 -34.15 -34.64
CA ILE C 239 -28.49 -33.65 -35.35
C ILE C 239 -28.02 -32.45 -36.16
N GLY C 240 -28.43 -32.38 -37.42
CA GLY C 240 -28.01 -31.25 -38.24
C GLY C 240 -27.63 -31.62 -39.66
N SER C 241 -27.97 -30.75 -40.60
CA SER C 241 -27.69 -30.97 -42.01
C SER C 241 -26.26 -31.44 -42.30
N ILE C 242 -25.27 -30.68 -41.83
CA ILE C 242 -23.88 -31.07 -42.05
C ILE C 242 -23.56 -32.43 -41.42
N ALA C 243 -24.26 -32.81 -40.36
CA ALA C 243 -23.99 -34.09 -39.76
C ALA C 243 -24.61 -35.19 -40.63
N TYR C 244 -25.89 -35.04 -40.93
CA TYR C 244 -26.58 -36.03 -41.74
C TYR C 244 -25.94 -36.16 -43.11
N CYS C 245 -25.82 -35.05 -43.82
CA CYS C 245 -25.25 -35.10 -45.14
C CYS C 245 -23.90 -35.79 -45.21
N TYR C 246 -23.12 -35.77 -44.12
CA TYR C 246 -21.82 -36.43 -44.15
C TYR C 246 -21.74 -37.53 -43.11
N LYS C 247 -22.91 -38.01 -42.71
CA LYS C 247 -23.10 -39.07 -41.73
C LYS C 247 -22.00 -40.13 -41.81
N GLU C 248 -21.80 -40.70 -42.99
CA GLU C 248 -20.78 -41.74 -43.11
C GLU C 248 -19.43 -41.24 -42.66
N ILE C 249 -18.89 -40.22 -43.32
CA ILE C 249 -17.59 -39.73 -42.92
C ILE C 249 -17.56 -39.33 -41.46
N LEU C 250 -18.71 -38.93 -40.92
CA LEU C 250 -18.74 -38.56 -39.52
C LEU C 250 -18.52 -39.80 -38.66
N GLN C 251 -18.93 -40.97 -39.14
CA GLN C 251 -18.77 -42.22 -38.38
C GLN C 251 -17.31 -42.63 -38.36
N ASP C 252 -16.66 -42.52 -39.51
CA ASP C 252 -15.26 -42.88 -39.63
C ASP C 252 -14.42 -42.01 -38.69
N ALA C 253 -14.84 -40.76 -38.51
CA ALA C 253 -14.18 -39.80 -37.64
C ALA C 253 -14.44 -40.19 -36.20
N ALA C 254 -15.59 -40.81 -35.96
CA ALA C 254 -15.94 -41.24 -34.62
C ALA C 254 -15.22 -42.56 -34.30
N ARG C 255 -15.08 -43.42 -35.31
CA ARG C 255 -14.42 -44.72 -35.19
C ARG C 255 -12.94 -44.49 -34.87
N GLN C 256 -12.34 -43.64 -35.70
CA GLN C 256 -10.94 -43.26 -35.57
C GLN C 256 -10.58 -42.58 -34.24
N THR C 257 -11.55 -41.95 -33.58
CA THR C 257 -11.24 -41.31 -32.33
C THR C 257 -11.73 -42.18 -31.22
N GLY C 258 -12.08 -43.41 -31.58
CA GLY C 258 -12.56 -44.37 -30.59
C GLY C 258 -13.72 -43.90 -29.74
N ILE C 259 -14.73 -43.33 -30.38
CA ILE C 259 -15.88 -42.84 -29.65
C ILE C 259 -17.16 -43.44 -30.26
N GLN C 260 -18.00 -43.99 -29.39
CA GLN C 260 -19.24 -44.61 -29.83
C GLN C 260 -20.29 -43.60 -30.21
N ILE C 261 -20.41 -43.34 -31.50
CA ILE C 261 -21.36 -42.33 -31.98
C ILE C 261 -22.79 -42.88 -32.09
N GLY C 262 -23.65 -42.48 -31.16
CA GLY C 262 -25.04 -42.94 -31.14
C GLY C 262 -25.92 -42.58 -32.33
N LYS C 263 -26.98 -41.80 -32.08
CA LYS C 263 -27.89 -41.36 -33.14
C LYS C 263 -27.32 -40.21 -33.98
N ILE C 264 -27.82 -40.01 -35.18
CA ILE C 264 -27.36 -38.90 -36.01
C ILE C 264 -28.39 -38.62 -37.09
N LEU C 265 -29.24 -37.64 -36.81
CA LEU C 265 -30.31 -37.28 -37.72
C LEU C 265 -30.43 -35.79 -38.01
N GLN C 266 -30.79 -35.49 -39.26
CA GLN C 266 -30.91 -34.13 -39.73
C GLN C 266 -31.79 -33.20 -38.91
N SER C 267 -32.88 -33.69 -38.31
CA SER C 267 -33.72 -32.79 -37.48
C SER C 267 -34.29 -33.33 -36.17
N PRO C 268 -34.21 -32.52 -35.10
CA PRO C 268 -34.71 -32.91 -33.78
C PRO C 268 -36.24 -32.86 -33.64
N GLU C 270 -38.73 -34.60 -34.90
CA GLU C 270 -39.34 -35.90 -34.61
C GLU C 270 -39.30 -36.13 -33.10
N GLY C 271 -38.10 -36.42 -32.58
CA GLY C 271 -37.95 -36.66 -31.16
C GLY C 271 -38.25 -35.44 -30.31
N LEU C 272 -38.79 -34.40 -30.95
CA LEU C 272 -39.14 -33.17 -30.27
C LEU C 272 -40.65 -33.15 -30.08
N ILE C 273 -41.34 -33.81 -31.01
CA ILE C 273 -42.78 -33.92 -30.92
C ILE C 273 -43.06 -34.87 -29.79
N GLN C 274 -42.37 -36.01 -29.74
CA GLN C 274 -42.61 -36.96 -28.64
C GLN C 274 -42.37 -36.27 -27.31
N TYR C 275 -41.41 -35.36 -27.27
CA TYR C 275 -41.10 -34.69 -26.03
C TYR C 275 -42.30 -33.94 -25.46
N HIS C 276 -43.02 -33.22 -26.31
CA HIS C 276 -44.16 -32.42 -25.90
C HIS C 276 -45.51 -33.12 -26.07
N SER C 277 -45.53 -34.24 -26.79
CA SER C 277 -46.77 -34.98 -27.02
C SER C 277 -47.21 -35.67 -25.74
N GLN C 278 -46.31 -35.74 -24.77
CA GLN C 278 -46.61 -36.37 -23.49
C GLN C 278 -47.88 -35.72 -22.91
N LEU C 279 -48.05 -34.42 -23.20
CA LEU C 279 -49.21 -33.65 -22.74
C LEU C 279 -49.73 -32.75 -23.87
N SER C 280 -50.53 -33.33 -24.76
CA SER C 280 -51.10 -32.60 -25.90
C SER C 280 -52.51 -32.08 -25.58
N ILE D 2 15.91 12.62 -49.98
CA ILE D 2 14.71 11.86 -50.29
C ILE D 2 14.06 11.37 -49.01
N LEU D 3 12.78 11.01 -49.09
CA LEU D 3 12.04 10.54 -47.93
C LEU D 3 11.50 9.14 -48.20
N ILE D 4 11.97 8.14 -47.45
CA ILE D 4 11.48 6.78 -47.66
C ILE D 4 10.57 6.43 -46.49
N ALA D 5 9.67 5.48 -46.67
CA ALA D 5 8.80 5.13 -45.57
C ALA D 5 8.15 3.77 -45.71
N ASP D 6 8.22 3.03 -44.61
CA ASP D 6 7.67 1.69 -44.56
C ASP D 6 6.63 1.71 -43.47
N SER D 7 5.39 1.44 -43.89
CA SER D 7 4.24 1.45 -42.99
C SER D 7 3.67 0.07 -42.70
N GLY D 8 3.50 -0.21 -41.41
CA GLY D 8 2.94 -1.47 -40.97
C GLY D 8 1.54 -1.11 -40.50
N SER D 9 0.95 -1.97 -39.71
CA SER D 9 -0.41 -1.76 -39.20
C SER D 9 -0.34 -1.36 -37.75
N THR D 10 0.86 -0.98 -37.32
CA THR D 10 1.13 -0.62 -35.93
C THR D 10 1.87 0.70 -35.88
N LYS D 11 2.86 0.80 -36.75
CA LYS D 11 3.71 1.98 -36.82
C LYS D 11 4.18 2.22 -38.25
N THR D 12 4.78 3.39 -38.48
CA THR D 12 5.32 3.75 -39.79
C THR D 12 6.65 4.42 -39.54
N ASP D 13 7.72 3.93 -40.17
CA ASP D 13 9.01 4.57 -39.94
C ASP D 13 9.46 5.33 -41.16
N TRP D 14 9.81 6.59 -40.94
CA TRP D 14 10.27 7.43 -42.01
C TRP D 14 11.78 7.60 -41.87
N CYS D 15 12.49 7.46 -42.97
CA CYS D 15 13.93 7.63 -42.91
C CYS D 15 14.30 8.63 -43.98
N VAL D 16 14.53 9.87 -43.57
CA VAL D 16 14.90 10.92 -44.50
C VAL D 16 16.41 10.81 -44.73
N VAL D 17 16.79 10.30 -45.90
CA VAL D 17 18.19 10.13 -46.26
C VAL D 17 18.66 11.14 -47.29
N LEU D 18 19.73 11.87 -46.95
CA LEU D 18 20.29 12.87 -47.84
C LEU D 18 21.20 12.27 -48.89
N ASN D 19 22.40 11.91 -48.46
CA ASN D 19 23.33 11.36 -49.42
C ASN D 19 23.76 9.96 -49.05
N GLY D 20 22.86 9.01 -49.30
CA GLY D 20 23.15 7.62 -49.01
C GLY D 20 23.08 7.21 -47.56
N ALA D 21 23.01 8.17 -46.65
CA ALA D 21 22.93 7.83 -45.22
C ALA D 21 21.77 8.54 -44.58
N VAL D 22 21.03 7.83 -43.73
CA VAL D 22 19.87 8.41 -43.05
C VAL D 22 20.31 9.53 -42.12
N ILE D 23 19.66 10.68 -42.26
CA ILE D 23 19.99 11.85 -41.44
C ILE D 23 19.00 12.02 -40.32
N LYS D 24 17.91 11.26 -40.35
CA LYS D 24 16.89 11.32 -39.29
C LYS D 24 15.83 10.24 -39.46
N ARG D 25 15.47 9.62 -38.35
CA ARG D 25 14.47 8.54 -38.35
C ARG D 25 13.28 9.07 -37.57
N LEU D 26 12.09 8.85 -38.10
CA LEU D 26 10.87 9.33 -37.47
C LEU D 26 9.83 8.24 -37.27
N GLY D 27 8.83 8.55 -36.47
CA GLY D 27 7.78 7.59 -36.21
C GLY D 27 6.41 8.17 -36.42
N THR D 28 5.43 7.29 -36.48
CA THR D 28 4.05 7.72 -36.66
C THR D 28 3.13 6.51 -36.83
N LYS D 29 1.89 6.64 -36.38
CA LYS D 29 0.97 5.52 -36.49
C LYS D 29 0.91 5.04 -37.94
N GLY D 30 0.43 3.82 -38.14
CA GLY D 30 0.35 3.26 -39.48
C GLY D 30 -0.51 4.07 -40.42
N ILE D 31 -0.39 3.78 -41.72
CA ILE D 31 -1.20 4.48 -42.73
C ILE D 31 -1.74 3.51 -43.77
N ASN D 32 -3.06 3.42 -43.83
CA ASN D 32 -3.69 2.52 -44.77
C ASN D 32 -4.80 3.29 -45.45
N PRO D 33 -4.69 3.45 -46.77
CA PRO D 33 -5.70 4.18 -47.54
C PRO D 33 -6.98 3.36 -47.60
N PHE D 34 -6.87 2.09 -47.28
CA PHE D 34 -8.02 1.23 -47.31
C PHE D 34 -8.87 1.36 -46.03
N PHE D 35 -8.44 2.23 -45.12
CA PHE D 35 -9.21 2.44 -43.89
C PHE D 35 -9.24 3.92 -43.52
N GLN D 36 -8.19 4.64 -43.87
CA GLN D 36 -8.15 6.06 -43.59
C GLN D 36 -8.53 6.76 -44.89
N SER D 37 -9.01 8.00 -44.78
CA SER D 37 -9.41 8.78 -45.94
C SER D 37 -8.26 9.69 -46.37
N GLU D 38 -8.24 10.05 -47.65
CA GLU D 38 -7.19 10.94 -48.14
C GLU D 38 -7.20 12.19 -47.27
N GLU D 39 -8.40 12.60 -46.90
CA GLU D 39 -8.60 13.79 -46.10
C GLU D 39 -8.09 13.60 -44.68
N GLU D 40 -7.89 12.35 -44.31
CA GLU D 40 -7.43 12.03 -42.96
C GLU D 40 -5.93 11.78 -42.94
N ILE D 41 -5.48 11.00 -43.91
CA ILE D 41 -4.08 10.67 -44.04
C ILE D 41 -3.35 11.98 -44.25
N GLN D 42 -4.06 12.95 -44.81
CA GLN D 42 -3.51 14.27 -45.07
C GLN D 42 -3.27 14.91 -43.72
N GLN D 43 -4.35 15.05 -42.97
CA GLN D 43 -4.30 15.66 -41.64
C GLN D 43 -3.29 14.98 -40.75
N LYS D 44 -3.41 13.66 -40.66
CA LYS D 44 -2.53 12.87 -39.82
C LYS D 44 -1.06 13.05 -40.20
N LEU D 45 -0.80 13.14 -41.50
CA LEU D 45 0.56 13.30 -41.99
C LEU D 45 1.09 14.67 -41.63
N THR D 46 0.45 15.68 -42.18
CA THR D 46 0.81 17.07 -41.96
C THR D 46 0.80 17.48 -40.47
N ALA D 47 0.40 16.56 -39.60
CA ALA D 47 0.32 16.84 -38.17
C ALA D 47 1.29 16.05 -37.28
N SER D 48 1.40 14.75 -37.53
CA SER D 48 2.26 13.87 -36.75
C SER D 48 3.62 13.64 -37.34
N LEU D 49 3.91 14.31 -38.46
CA LEU D 49 5.18 14.14 -39.14
C LEU D 49 5.90 15.44 -39.50
N LEU D 50 5.22 16.32 -40.24
CA LEU D 50 5.83 17.56 -40.68
C LEU D 50 6.69 18.26 -39.61
N PRO D 51 6.10 18.57 -38.44
CA PRO D 51 6.91 19.25 -37.42
C PRO D 51 8.19 18.51 -37.04
N GLN D 52 8.38 17.32 -37.58
CA GLN D 52 9.56 16.53 -37.27
C GLN D 52 10.62 16.64 -38.33
N LEU D 53 10.23 16.38 -39.57
CA LEU D 53 11.15 16.41 -40.70
C LEU D 53 12.12 17.59 -40.66
N PRO D 54 13.33 17.38 -41.20
CA PRO D 54 14.33 18.45 -41.21
C PRO D 54 13.76 19.43 -42.23
N GLU D 55 13.90 20.72 -41.95
CA GLU D 55 13.36 21.75 -42.84
C GLU D 55 14.04 21.74 -44.21
N GLY D 56 13.23 21.96 -45.25
CA GLY D 56 13.74 21.97 -46.60
C GLY D 56 12.97 21.03 -47.49
N LYS D 57 12.81 21.40 -48.76
CA LYS D 57 12.08 20.60 -49.72
C LYS D 57 12.76 19.24 -49.91
N PHE D 58 11.97 18.28 -50.38
CA PHE D 58 12.45 16.92 -50.62
C PHE D 58 12.51 16.60 -52.10
N ASN D 59 13.65 16.07 -52.54
CA ASN D 59 13.77 15.75 -53.94
C ASN D 59 12.73 14.71 -54.35
N ALA D 60 12.41 13.80 -53.44
CA ALA D 60 11.44 12.76 -53.77
C ALA D 60 11.03 11.97 -52.55
N VAL D 61 9.81 11.47 -52.55
CA VAL D 61 9.36 10.68 -51.44
C VAL D 61 8.92 9.34 -51.96
N TYR D 62 9.28 8.30 -51.24
CA TYR D 62 8.92 6.96 -51.64
C TYR D 62 8.15 6.34 -50.47
N PHE D 63 6.84 6.31 -50.59
CA PHE D 63 6.01 5.73 -49.56
C PHE D 63 5.73 4.29 -49.89
N TYR D 64 5.66 3.47 -48.85
CA TYR D 64 5.38 2.05 -48.95
C TYR D 64 4.45 1.74 -47.80
N GLY D 65 3.45 0.90 -48.02
CA GLY D 65 2.56 0.58 -46.93
C GLY D 65 1.56 -0.48 -47.31
N ALA D 66 0.77 -0.93 -46.35
CA ALA D 66 -0.23 -1.94 -46.62
C ALA D 66 -1.47 -1.31 -47.21
N GLY D 67 -2.18 -2.07 -48.04
CA GLY D 67 -3.38 -1.54 -48.65
C GLY D 67 -3.10 -0.47 -49.66
N CYS D 68 -1.82 -0.22 -49.93
CA CYS D 68 -1.47 0.80 -50.88
C CYS D 68 -1.38 0.16 -52.24
N THR D 69 -2.52 -0.31 -52.71
CA THR D 69 -2.60 -0.95 -54.02
C THR D 69 -2.66 0.12 -55.07
N PRO D 70 -2.20 -0.20 -56.27
CA PRO D 70 -2.22 0.80 -57.34
C PRO D 70 -3.54 1.55 -57.43
N GLU D 71 -4.65 0.90 -57.10
CA GLU D 71 -5.94 1.58 -57.18
C GLU D 71 -6.09 2.70 -56.16
N LYS D 72 -5.53 2.51 -54.97
CA LYS D 72 -5.62 3.51 -53.91
C LYS D 72 -4.31 4.27 -53.76
N ALA D 73 -3.29 3.86 -54.51
CA ALA D 73 -1.99 4.51 -54.44
C ALA D 73 -2.10 6.03 -54.62
N PRO D 74 -2.78 6.48 -55.69
CA PRO D 74 -2.90 7.92 -55.91
C PRO D 74 -3.44 8.70 -54.70
N VAL D 75 -3.96 8.00 -53.73
CA VAL D 75 -4.46 8.67 -52.52
C VAL D 75 -3.28 9.10 -51.64
N LEU D 76 -2.32 8.20 -51.46
CA LEU D 76 -1.15 8.51 -50.67
C LEU D 76 -0.42 9.63 -51.37
N ARG D 77 -0.27 9.50 -52.68
CA ARG D 77 0.44 10.52 -53.43
C ARG D 77 -0.09 11.93 -53.16
N ARG D 78 -1.40 12.14 -53.35
CA ARG D 78 -2.00 13.45 -53.13
C ARG D 78 -1.72 13.90 -51.68
N ALA D 79 -2.23 13.10 -50.74
CA ALA D 79 -2.05 13.36 -49.32
C ALA D 79 -0.61 13.78 -49.04
N ILE D 80 0.33 12.94 -49.44
CA ILE D 80 1.74 13.23 -49.21
C ILE D 80 2.09 14.58 -49.80
N ALA D 81 1.56 14.84 -50.99
CA ALA D 81 1.80 16.09 -51.70
C ALA D 81 1.26 17.30 -50.93
N ASP D 82 0.03 17.18 -50.41
CA ASP D 82 -0.60 18.25 -49.66
C ASP D 82 0.03 18.50 -48.29
N SER D 83 0.83 17.57 -47.80
CA SER D 83 1.45 17.72 -46.49
C SER D 83 2.92 18.09 -46.55
N LEU D 84 3.72 17.17 -47.06
CA LEU D 84 5.14 17.40 -47.13
C LEU D 84 5.51 18.28 -48.29
N PRO D 85 6.53 19.12 -48.10
CA PRO D 85 6.98 20.01 -49.17
C PRO D 85 7.82 19.19 -50.16
N VAL D 86 7.18 18.60 -51.15
CA VAL D 86 7.87 17.80 -52.14
C VAL D 86 7.86 18.46 -53.49
N ILE D 87 9.02 18.47 -54.16
CA ILE D 87 9.13 19.07 -55.50
C ILE D 87 9.32 18.02 -56.59
N GLY D 88 10.03 16.96 -56.25
CA GLY D 88 10.26 15.89 -57.22
C GLY D 88 9.04 15.00 -57.37
N ASN D 89 9.27 13.72 -57.59
CA ASN D 89 8.17 12.78 -57.77
C ASN D 89 7.93 11.94 -56.51
N ILE D 90 6.67 11.72 -56.16
CA ILE D 90 6.29 10.92 -54.97
C ILE D 90 5.72 9.58 -55.44
N LYS D 91 6.02 8.52 -54.71
CA LYS D 91 5.50 7.22 -55.09
C LYS D 91 4.91 6.42 -53.94
N ALA D 92 3.87 5.66 -54.24
CA ALA D 92 3.22 4.85 -53.23
C ALA D 92 3.12 3.44 -53.76
N ASN D 93 3.61 2.48 -52.96
CA ASN D 93 3.52 1.09 -53.38
C ASN D 93 3.19 0.18 -52.22
N SER D 94 2.92 -1.08 -52.55
CA SER D 94 2.56 -2.07 -51.58
C SER D 94 3.68 -2.43 -50.64
N ASP D 95 3.32 -2.83 -49.44
CA ASP D 95 4.34 -3.23 -48.49
C ASP D 95 5.00 -4.48 -49.05
N LEU D 97 6.00 -4.83 -52.02
CA LEU D 97 7.09 -4.37 -52.86
C LEU D 97 8.27 -3.97 -51.98
N ALA D 98 7.97 -3.29 -50.89
CA ALA D 98 9.02 -2.88 -49.98
C ALA D 98 9.81 -4.12 -49.59
N ALA D 99 9.11 -5.22 -49.34
CA ALA D 99 9.79 -6.45 -48.97
C ALA D 99 10.66 -6.98 -50.13
N ALA D 100 10.20 -6.78 -51.37
CA ALA D 100 10.97 -7.25 -52.53
C ALA D 100 12.20 -6.38 -52.63
N HIS D 101 11.99 -5.11 -52.92
CA HIS D 101 13.07 -4.15 -53.04
C HIS D 101 14.08 -4.28 -51.90
N GLY D 102 13.57 -4.27 -50.67
CA GLY D 102 14.43 -4.37 -49.50
C GLY D 102 15.30 -5.60 -49.43
N LEU D 103 14.81 -6.73 -49.94
CA LEU D 103 15.59 -7.97 -49.88
C LEU D 103 16.11 -8.43 -51.23
N CYS D 104 15.80 -7.71 -52.31
CA CYS D 104 16.27 -8.17 -53.60
C CYS D 104 16.85 -7.11 -54.49
N GLY D 105 16.42 -5.86 -54.31
CA GLY D 105 16.94 -4.79 -55.13
C GLY D 105 17.03 -5.17 -56.59
N GLN D 106 18.23 -5.25 -57.13
CA GLN D 106 18.37 -5.60 -58.53
C GLN D 106 18.19 -7.08 -58.84
N LYS D 107 18.57 -7.94 -57.89
CA LYS D 107 18.44 -9.39 -58.09
C LYS D 107 17.01 -9.89 -58.08
N ALA D 108 16.81 -11.14 -58.51
CA ALA D 108 15.48 -11.70 -58.52
C ALA D 108 15.35 -12.80 -57.48
N GLY D 109 14.40 -12.65 -56.56
CA GLY D 109 14.20 -13.67 -55.54
C GLY D 109 12.76 -13.84 -55.11
N ILE D 110 12.56 -14.54 -53.99
CA ILE D 110 11.21 -14.74 -53.43
C ILE D 110 11.11 -13.95 -52.13
N ALA D 111 10.18 -13.00 -52.09
CA ALA D 111 10.03 -12.19 -50.89
C ALA D 111 8.80 -12.59 -50.09
N CYS D 112 8.87 -12.44 -48.77
CA CYS D 112 7.73 -12.77 -47.93
C CYS D 112 7.70 -11.90 -46.70
N ILE D 113 6.48 -11.64 -46.24
CA ILE D 113 6.27 -10.85 -45.05
C ILE D 113 5.59 -11.73 -43.99
N LEU D 114 6.03 -11.57 -42.76
CA LEU D 114 5.44 -12.30 -41.66
C LEU D 114 5.16 -11.30 -40.54
N GLY D 115 4.09 -10.53 -40.72
CA GLY D 115 3.74 -9.50 -39.75
C GLY D 115 2.33 -9.63 -39.23
N THR D 116 1.49 -8.58 -39.28
CA THR D 116 0.16 -8.81 -38.76
C THR D 116 -0.42 -9.86 -39.69
N GLY D 117 -0.41 -9.57 -40.98
CA GLY D 117 -0.88 -10.52 -41.97
C GLY D 117 0.37 -11.11 -42.58
N SER D 118 0.25 -11.97 -43.60
CA SER D 118 1.41 -12.58 -44.24
C SER D 118 1.35 -12.46 -45.74
N ASN D 119 2.47 -12.72 -46.43
CA ASN D 119 2.44 -12.64 -47.89
C ASN D 119 3.70 -13.15 -48.56
N SER D 120 3.58 -13.52 -49.83
CA SER D 120 4.74 -14.02 -50.56
C SER D 120 4.65 -13.52 -51.99
N CYS D 121 5.73 -13.66 -52.74
CA CYS D 121 5.72 -13.21 -54.13
C CYS D 121 7.01 -13.56 -54.84
N PHE D 122 6.98 -13.35 -56.15
CA PHE D 122 8.14 -13.58 -56.97
C PHE D 122 8.57 -12.31 -57.67
N TYR D 123 9.75 -11.83 -57.27
CA TYR D 123 10.39 -10.64 -57.78
C TYR D 123 11.45 -11.09 -58.76
N ASN D 124 11.53 -10.46 -59.92
CA ASN D 124 12.52 -10.82 -60.92
C ASN D 124 13.66 -9.83 -61.09
N GLY D 125 13.85 -8.94 -60.11
CA GLY D 125 14.91 -7.96 -60.21
C GLY D 125 14.41 -6.58 -60.56
N LYS D 126 13.33 -6.51 -61.34
CA LYS D 126 12.76 -5.22 -61.71
C LYS D 126 11.44 -4.97 -61.00
N GLU D 127 10.60 -5.98 -60.94
CA GLU D 127 9.31 -5.82 -60.29
C GLU D 127 8.71 -7.11 -59.78
N ILE D 128 7.47 -7.06 -59.35
CA ILE D 128 6.82 -8.26 -58.88
C ILE D 128 6.02 -8.84 -60.04
N VAL D 129 6.23 -10.13 -60.31
CA VAL D 129 5.52 -10.82 -61.39
C VAL D 129 4.48 -11.82 -60.87
N SER D 130 4.87 -12.67 -59.92
CA SER D 130 3.97 -13.68 -59.34
C SER D 130 3.64 -13.38 -57.85
N ASN D 131 2.41 -13.65 -57.44
CA ASN D 131 1.98 -13.35 -56.07
C ASN D 131 0.77 -14.13 -55.57
N ILE D 132 1.01 -15.17 -54.79
CA ILE D 132 -0.05 -15.98 -54.21
C ILE D 132 -0.87 -15.18 -53.19
N SER D 133 -2.12 -14.84 -53.50
CA SER D 133 -2.91 -14.08 -52.53
C SER D 133 -3.09 -14.72 -51.14
N PRO D 134 -2.68 -14.01 -50.07
CA PRO D 134 -2.82 -14.56 -48.72
C PRO D 134 -4.24 -15.01 -48.32
N LEU D 135 -5.23 -14.14 -48.52
CA LEU D 135 -6.63 -14.44 -48.19
C LEU D 135 -7.13 -14.13 -46.78
N GLY D 136 -6.66 -13.03 -46.19
CA GLY D 136 -7.11 -12.63 -44.86
C GLY D 136 -6.80 -13.55 -43.70
N PHE D 137 -7.15 -13.13 -42.49
CA PHE D 137 -6.87 -13.93 -41.30
C PHE D 137 -7.88 -15.01 -41.07
N ILE D 138 -8.91 -15.02 -41.91
CA ILE D 138 -9.94 -16.04 -41.79
C ILE D 138 -9.66 -17.18 -42.78
N LEU D 139 -9.60 -16.85 -44.08
CA LEU D 139 -9.35 -17.84 -45.12
C LEU D 139 -7.90 -18.29 -45.21
N GLY D 140 -6.96 -17.37 -45.10
CA GLY D 140 -5.55 -17.73 -45.22
C GLY D 140 -4.57 -17.04 -44.29
N ASP D 141 -3.53 -16.41 -44.84
CA ASP D 141 -2.54 -15.71 -44.03
C ASP D 141 -1.81 -16.61 -43.06
N GLU D 142 -1.46 -17.80 -43.51
CA GLU D 142 -0.73 -18.75 -42.68
C GLU D 142 0.53 -18.10 -42.11
N GLY D 143 1.02 -18.63 -41.00
CA GLY D 143 2.19 -18.04 -40.38
C GLY D 143 1.98 -16.63 -39.88
N SER D 144 0.98 -15.90 -40.39
CA SER D 144 0.75 -14.52 -39.95
C SER D 144 0.43 -14.34 -38.45
N GLY D 145 0.86 -13.21 -37.90
CA GLY D 145 0.60 -12.90 -36.51
C GLY D 145 -0.88 -12.98 -36.22
N ALA D 146 -1.69 -12.31 -37.05
CA ALA D 146 -3.15 -12.32 -36.88
C ALA D 146 -3.63 -13.75 -36.69
N VAL D 147 -3.30 -14.61 -37.65
CA VAL D 147 -3.71 -16.00 -37.61
C VAL D 147 -3.13 -16.72 -36.38
N LEU D 148 -1.85 -16.47 -36.07
CA LEU D 148 -1.25 -17.13 -34.91
C LEU D 148 -2.09 -16.85 -33.69
N GLY D 149 -2.57 -15.61 -33.59
CA GLY D 149 -3.40 -15.24 -32.47
C GLY D 149 -4.58 -16.19 -32.49
N LYS D 150 -5.33 -16.13 -33.60
CA LYS D 150 -6.49 -16.98 -33.82
C LYS D 150 -6.20 -18.37 -33.28
N LEU D 151 -5.17 -19.02 -33.81
CA LEU D 151 -4.83 -20.36 -33.35
C LEU D 151 -4.69 -20.45 -31.84
N LEU D 152 -4.01 -19.49 -31.25
CA LEU D 152 -3.80 -19.48 -29.81
C LEU D 152 -5.10 -19.22 -29.06
N VAL D 153 -5.71 -18.07 -29.29
CA VAL D 153 -6.96 -17.75 -28.60
C VAL D 153 -7.96 -18.91 -28.80
N GLY D 154 -7.85 -19.62 -29.92
CA GLY D 154 -8.75 -20.72 -30.14
C GLY D 154 -8.54 -21.81 -29.09
N ASP D 155 -7.29 -22.16 -28.87
CA ASP D 155 -6.98 -23.21 -27.91
C ASP D 155 -7.16 -22.82 -26.45
N ILE D 156 -6.83 -21.60 -26.11
CA ILE D 156 -6.98 -21.19 -24.74
C ILE D 156 -8.46 -21.18 -24.33
N LEU D 157 -9.31 -20.61 -25.17
CA LEU D 157 -10.74 -20.51 -24.90
C LEU D 157 -11.51 -21.83 -24.93
N LYS D 158 -10.83 -22.90 -25.34
CA LYS D 158 -11.44 -24.23 -25.42
C LYS D 158 -10.70 -25.17 -24.48
N ASN D 159 -10.07 -24.59 -23.47
CA ASN D 159 -9.32 -25.32 -22.48
C ASN D 159 -8.45 -26.41 -23.03
N GLN D 160 -7.81 -26.16 -24.15
CA GLN D 160 -7.00 -27.21 -24.67
C GLN D 160 -5.62 -27.07 -24.04
N LEU D 161 -5.38 -25.97 -23.34
CA LEU D 161 -4.07 -25.69 -22.70
C LEU D 161 -4.13 -25.70 -21.18
N PRO D 162 -2.95 -25.65 -20.56
CA PRO D 162 -2.91 -25.66 -19.10
C PRO D 162 -3.81 -24.56 -18.51
N ALA D 163 -4.59 -24.91 -17.51
CA ALA D 163 -5.49 -23.92 -16.91
C ALA D 163 -4.66 -22.77 -16.39
N THR D 164 -3.60 -23.09 -15.67
CA THR D 164 -2.73 -22.06 -15.13
C THR D 164 -2.33 -21.09 -16.24
N LEU D 165 -1.91 -21.65 -17.37
CA LEU D 165 -1.53 -20.83 -18.50
C LEU D 165 -2.69 -19.97 -18.97
N LYS D 166 -3.88 -20.54 -19.07
CA LYS D 166 -5.02 -19.76 -19.55
C LYS D 166 -5.28 -18.60 -18.63
N GLU D 167 -5.00 -18.80 -17.33
CA GLU D 167 -5.21 -17.78 -16.30
C GLU D 167 -4.22 -16.66 -16.51
N GLU D 168 -2.95 -17.01 -16.54
CA GLU D 168 -1.92 -16.01 -16.76
C GLU D 168 -2.32 -15.19 -18.01
N PHE D 169 -2.68 -15.89 -19.09
CA PHE D 169 -3.07 -15.24 -20.35
C PHE D 169 -4.11 -14.15 -20.13
N LEU D 170 -5.30 -14.51 -19.68
CA LEU D 170 -6.34 -13.51 -19.47
C LEU D 170 -5.93 -12.36 -18.57
N LYS D 171 -5.18 -12.65 -17.51
CA LYS D 171 -4.77 -11.57 -16.63
C LYS D 171 -3.88 -10.60 -17.40
N GLN D 172 -2.79 -11.11 -17.97
CA GLN D 172 -1.81 -10.32 -18.74
C GLN D 172 -2.47 -9.29 -19.68
N PHE D 173 -3.42 -9.75 -20.47
CA PHE D 173 -4.12 -8.87 -21.41
C PHE D 173 -5.43 -8.38 -20.83
N ASP D 174 -5.62 -8.61 -19.54
CA ASP D 174 -6.83 -8.17 -18.85
C ASP D 174 -8.08 -8.30 -19.69
N LEU D 175 -8.24 -9.50 -20.25
CA LEU D 175 -9.38 -9.85 -21.08
C LEU D 175 -10.24 -10.90 -20.41
N THR D 176 -11.37 -11.22 -21.04
CA THR D 176 -12.32 -12.23 -20.57
C THR D 176 -12.85 -12.93 -21.81
N PRO D 177 -13.08 -14.25 -21.73
CA PRO D 177 -13.58 -14.98 -22.88
C PRO D 177 -14.64 -14.25 -23.68
N PRO D 178 -15.70 -13.79 -23.01
CA PRO D 178 -16.75 -13.08 -23.73
C PRO D 178 -16.33 -11.75 -24.37
N GLU D 179 -15.31 -11.10 -23.83
CA GLU D 179 -14.85 -9.83 -24.42
C GLU D 179 -14.12 -10.13 -25.73
N ILE D 180 -13.23 -11.12 -25.70
CA ILE D 180 -12.48 -11.53 -26.88
C ILE D 180 -13.47 -11.96 -27.96
N ILE D 181 -14.39 -12.85 -27.63
CA ILE D 181 -15.32 -13.29 -28.65
C ILE D 181 -16.08 -12.12 -29.22
N ASP D 182 -16.16 -11.03 -28.48
CA ASP D 182 -16.86 -9.86 -29.02
C ASP D 182 -15.90 -9.08 -29.89
N ARG D 183 -14.63 -9.00 -29.48
CA ARG D 183 -13.61 -8.30 -30.25
C ARG D 183 -13.27 -9.00 -31.56
N VAL D 184 -13.47 -10.30 -31.63
CA VAL D 184 -13.15 -11.02 -32.84
C VAL D 184 -14.26 -11.02 -33.87
N TYR D 185 -15.52 -10.94 -33.43
CA TYR D 185 -16.62 -10.96 -34.40
C TYR D 185 -17.44 -9.67 -34.53
N ARG D 186 -17.51 -8.89 -33.46
CA ARG D 186 -18.32 -7.68 -33.49
C ARG D 186 -17.62 -6.33 -33.56
N GLN D 187 -16.35 -6.26 -33.22
CA GLN D 187 -15.63 -4.97 -33.29
C GLN D 187 -14.68 -4.83 -34.48
N PRO D 188 -14.46 -3.60 -34.93
CA PRO D 188 -13.57 -3.36 -36.07
C PRO D 188 -12.14 -3.78 -35.78
N PHE D 189 -11.49 -4.30 -36.81
CA PHE D 189 -10.12 -4.77 -36.75
C PHE D 189 -9.96 -5.95 -35.80
N PRO D 190 -10.23 -7.17 -36.30
CA PRO D 190 -10.11 -8.39 -35.50
C PRO D 190 -8.71 -8.92 -35.63
N ASN D 191 -8.25 -8.90 -36.88
CA ASN D 191 -6.92 -9.38 -37.25
C ASN D 191 -5.85 -8.71 -36.40
N ARG D 192 -5.92 -7.39 -36.29
CA ARG D 192 -4.97 -6.64 -35.50
C ARG D 192 -5.08 -7.03 -34.02
N PHE D 193 -6.32 -7.22 -33.58
CA PHE D 193 -6.60 -7.62 -32.22
C PHE D 193 -5.95 -8.96 -31.98
N LEU D 194 -6.39 -9.97 -32.74
CA LEU D 194 -5.85 -11.32 -32.60
C LEU D 194 -4.34 -11.30 -32.61
N ALA D 195 -3.79 -10.55 -33.57
CA ALA D 195 -2.35 -10.44 -33.72
C ALA D 195 -1.64 -9.87 -32.51
N SER D 196 -2.31 -8.95 -31.80
CA SER D 196 -1.72 -8.30 -30.63
C SER D 196 -1.58 -9.25 -29.46
N LEU D 197 -2.10 -10.45 -29.62
CA LEU D 197 -1.98 -11.43 -28.56
C LEU D 197 -0.77 -12.28 -28.88
N SER D 198 -0.36 -12.26 -30.13
CA SER D 198 0.81 -13.01 -30.61
C SER D 198 2.01 -13.11 -29.63
N PRO D 199 2.40 -11.98 -29.00
CA PRO D 199 3.50 -11.90 -28.04
C PRO D 199 3.49 -13.03 -27.01
N PHE D 200 2.33 -13.23 -26.40
CA PHE D 200 2.14 -14.28 -25.41
C PHE D 200 2.76 -15.59 -25.88
N ILE D 201 2.68 -15.89 -27.16
CA ILE D 201 3.27 -17.12 -27.68
C ILE D 201 4.79 -17.21 -27.46
N ALA D 202 5.49 -16.15 -27.83
CA ALA D 202 6.95 -16.11 -27.70
C ALA D 202 7.42 -16.16 -26.27
N GLN D 203 6.52 -15.93 -25.33
CA GLN D 203 6.87 -15.97 -23.90
C GLN D 203 6.50 -17.34 -23.34
N HIS D 204 6.09 -18.26 -24.19
CA HIS D 204 5.70 -19.57 -23.70
C HIS D 204 5.95 -20.68 -24.69
N LEU D 205 7.10 -20.64 -25.34
CA LEU D 205 7.46 -21.67 -26.31
C LEU D 205 8.08 -22.86 -25.60
N GLU D 206 7.95 -22.90 -24.28
CA GLU D 206 8.48 -24.00 -23.48
C GLU D 206 7.49 -25.14 -23.50
N GLU D 207 6.20 -24.79 -23.50
CA GLU D 207 5.16 -25.80 -23.52
C GLU D 207 4.94 -26.21 -24.98
N PRO D 208 5.42 -27.42 -25.35
CA PRO D 208 5.29 -27.93 -26.72
C PRO D 208 3.98 -27.62 -27.43
N ALA D 209 2.88 -27.60 -26.68
CA ALA D 209 1.57 -27.35 -27.26
C ALA D 209 1.50 -26.01 -28.00
N ILE D 210 2.37 -25.08 -27.61
CA ILE D 210 2.41 -23.76 -28.22
C ILE D 210 3.48 -23.64 -29.29
N ARG D 211 4.67 -24.15 -29.02
CA ARG D 211 5.72 -24.10 -30.03
C ARG D 211 5.23 -24.81 -31.29
N GLN D 212 4.39 -25.83 -31.11
CA GLN D 212 3.89 -26.54 -32.26
C GLN D 212 2.89 -25.68 -33.03
N LEU D 213 2.13 -24.86 -32.30
CA LEU D 213 1.13 -23.98 -32.92
C LEU D 213 1.79 -23.18 -34.03
N VAL D 214 2.92 -22.59 -33.71
CA VAL D 214 3.71 -21.79 -34.62
C VAL D 214 4.31 -22.66 -35.74
N ASN D 216 3.69 -25.55 -37.22
CA ASN D 216 2.82 -26.00 -38.30
C ASN D 216 2.39 -24.80 -39.12
N SER D 217 2.03 -23.72 -38.44
CA SER D 217 1.58 -22.53 -39.14
C SER D 217 2.62 -22.05 -40.14
N PHE D 218 3.88 -22.11 -39.74
CA PHE D 218 4.94 -21.69 -40.65
C PHE D 218 5.03 -22.72 -41.77
N ILE D 219 5.06 -24.00 -41.40
CA ILE D 219 5.12 -25.09 -42.36
C ILE D 219 3.96 -24.98 -43.33
N ALA D 220 2.83 -24.53 -42.80
CA ALA D 220 1.60 -24.33 -43.58
C ALA D 220 1.88 -23.21 -44.56
N PHE D 221 2.66 -22.23 -44.12
CA PHE D 221 3.01 -21.11 -44.96
C PHE D 221 3.91 -21.57 -46.10
N PHE D 222 5.01 -22.26 -45.79
CA PHE D 222 5.91 -22.74 -46.84
C PHE D 222 5.22 -23.64 -47.87
N ARG D 223 4.38 -24.55 -47.42
CA ARG D 223 3.71 -25.45 -48.37
C ARG D 223 2.56 -24.83 -49.17
N ARG D 224 1.81 -23.93 -48.58
CA ARG D 224 0.70 -23.34 -49.32
C ARG D 224 1.06 -22.02 -49.98
N ASN D 225 2.30 -21.59 -49.82
CA ASN D 225 2.72 -20.32 -50.42
C ASN D 225 3.99 -20.34 -51.24
N VAL D 226 5.16 -20.44 -50.61
CA VAL D 226 6.40 -20.41 -51.39
C VAL D 226 6.66 -21.61 -52.28
N GLN D 228 4.79 -22.74 -54.35
CA GLN D 228 4.13 -22.52 -55.62
C GLN D 228 5.04 -21.62 -56.46
N TYR D 229 6.16 -21.23 -55.87
CA TYR D 229 7.15 -20.41 -56.54
C TYR D 229 8.33 -21.35 -56.71
N ASP D 230 9.07 -21.22 -57.82
CA ASP D 230 10.20 -22.11 -58.05
C ASP D 230 11.24 -21.92 -56.94
N TYR D 231 10.92 -22.37 -55.74
CA TYR D 231 11.84 -22.25 -54.63
C TYR D 231 13.12 -23.03 -54.87
N LYS D 232 13.01 -24.11 -55.64
CA LYS D 232 14.15 -24.96 -55.94
C LYS D 232 15.21 -24.26 -56.79
N GLN D 233 14.92 -23.04 -57.22
CA GLN D 233 15.87 -22.30 -58.04
C GLN D 233 16.00 -20.85 -57.61
N TYR D 234 15.44 -20.50 -56.46
CA TYR D 234 15.55 -19.13 -55.96
C TYR D 234 15.76 -19.04 -54.47
N PRO D 235 16.17 -17.84 -53.99
CA PRO D 235 16.44 -17.59 -52.57
C PRO D 235 15.22 -17.02 -51.85
N VAL D 236 14.55 -17.83 -51.03
CA VAL D 236 13.40 -17.33 -50.32
C VAL D 236 13.89 -16.40 -49.23
N HIS D 237 13.38 -15.16 -49.21
CA HIS D 237 13.76 -14.17 -48.20
C HIS D 237 12.60 -13.65 -47.38
N PHE D 238 12.81 -13.55 -46.08
CA PHE D 238 11.78 -13.09 -45.15
C PHE D 238 12.03 -11.74 -44.50
N ILE D 239 10.95 -11.11 -44.08
CA ILE D 239 10.98 -9.82 -43.41
C ILE D 239 9.65 -9.68 -42.67
N GLY D 240 9.68 -9.14 -41.46
CA GLY D 240 8.46 -8.98 -40.68
C GLY D 240 8.66 -9.21 -39.20
N SER D 241 7.83 -8.57 -38.39
CA SER D 241 7.91 -8.71 -36.94
C SER D 241 7.87 -10.18 -36.54
N ILE D 242 6.80 -10.87 -36.95
CA ILE D 242 6.65 -12.28 -36.63
C ILE D 242 7.86 -13.06 -37.12
N ALA D 243 8.27 -12.85 -38.38
CA ALA D 243 9.42 -13.55 -38.94
C ALA D 243 10.65 -13.45 -38.07
N TYR D 244 11.16 -12.25 -37.90
CA TYR D 244 12.34 -12.13 -37.09
C TYR D 244 12.07 -12.49 -35.65
N CYS D 245 10.80 -12.57 -35.25
CA CYS D 245 10.54 -12.93 -33.85
C CYS D 245 10.67 -14.40 -33.55
N TYR D 246 10.13 -15.23 -34.45
CA TYR D 246 10.20 -16.66 -34.30
C TYR D 246 11.17 -17.18 -35.35
N LYS D 247 12.22 -16.40 -35.57
CA LYS D 247 13.27 -16.69 -36.56
C LYS D 247 13.71 -18.15 -36.55
N GLU D 248 14.17 -18.59 -35.39
CA GLU D 248 14.64 -19.95 -35.21
C GLU D 248 13.57 -20.96 -35.58
N ILE D 249 12.34 -20.77 -35.09
CA ILE D 249 11.27 -21.71 -35.41
C ILE D 249 11.05 -21.74 -36.90
N LEU D 250 11.10 -20.56 -37.54
CA LEU D 250 10.88 -20.46 -38.99
C LEU D 250 11.95 -21.24 -39.74
N GLN D 251 13.18 -21.21 -39.25
CA GLN D 251 14.26 -21.94 -39.88
C GLN D 251 13.88 -23.42 -39.82
N ASP D 252 13.65 -23.89 -38.60
CA ASP D 252 13.27 -25.27 -38.40
C ASP D 252 12.09 -25.60 -39.29
N ALA D 253 11.22 -24.63 -39.54
CA ALA D 253 10.08 -24.88 -40.39
C ALA D 253 10.58 -25.21 -41.78
N ALA D 254 11.18 -24.22 -42.42
CA ALA D 254 11.71 -24.39 -43.76
C ALA D 254 12.62 -25.62 -43.80
N ARG D 255 13.33 -25.83 -42.71
CA ARG D 255 14.26 -26.95 -42.59
C ARG D 255 13.58 -28.25 -42.90
N GLN D 256 12.55 -28.58 -42.13
CA GLN D 256 11.87 -29.83 -42.34
C GLN D 256 10.91 -29.85 -43.52
N THR D 257 10.96 -28.80 -44.34
CA THR D 257 10.14 -28.77 -45.54
C THR D 257 11.14 -28.73 -46.68
N GLY D 258 12.40 -28.97 -46.29
CA GLY D 258 13.49 -28.99 -47.23
C GLY D 258 13.63 -27.79 -48.13
N ILE D 259 13.38 -26.60 -47.60
CA ILE D 259 13.53 -25.40 -48.41
C ILE D 259 14.62 -24.51 -47.83
N GLN D 260 15.46 -23.96 -48.70
CA GLN D 260 16.56 -23.09 -48.28
C GLN D 260 16.04 -21.67 -48.07
N ILE D 261 16.31 -21.15 -46.88
CA ILE D 261 15.86 -19.81 -46.53
C ILE D 261 17.06 -18.90 -46.38
N GLY D 262 16.99 -17.73 -47.00
CA GLY D 262 18.08 -16.78 -46.94
C GLY D 262 17.92 -15.68 -45.91
N LYS D 263 17.88 -14.42 -46.38
CA LYS D 263 17.73 -13.27 -45.48
C LYS D 263 16.42 -13.37 -44.69
N ILE D 264 16.43 -12.96 -43.44
CA ILE D 264 15.23 -13.01 -42.60
C ILE D 264 15.32 -11.96 -41.51
N LEU D 265 15.06 -10.71 -41.88
CA LEU D 265 15.12 -9.57 -40.95
C LEU D 265 13.82 -8.81 -40.72
N GLN D 266 13.76 -8.09 -39.60
CA GLN D 266 12.59 -7.33 -39.18
C GLN D 266 12.07 -6.28 -40.20
N SER D 267 12.83 -5.21 -40.43
CA SER D 267 12.38 -4.20 -41.38
C SER D 267 13.16 -4.23 -42.67
N PRO D 268 12.52 -3.83 -43.77
CA PRO D 268 13.22 -3.83 -45.05
C PRO D 268 13.82 -2.45 -45.27
N GLU D 270 16.54 -0.87 -44.26
CA GLU D 270 17.95 -0.84 -44.62
C GLU D 270 18.12 -1.19 -46.09
N GLY D 271 17.61 -2.34 -46.47
CA GLY D 271 17.72 -2.78 -47.85
C GLY D 271 16.88 -1.92 -48.76
N LEU D 272 16.14 -0.99 -48.15
CA LEU D 272 15.27 -0.08 -48.87
C LEU D 272 16.08 1.21 -49.04
N ILE D 273 16.90 1.51 -48.04
CA ILE D 273 17.79 2.69 -48.03
C ILE D 273 18.74 2.55 -49.20
N GLN D 274 19.37 1.39 -49.31
CA GLN D 274 20.31 1.15 -50.39
C GLN D 274 19.60 1.19 -51.73
N TYR D 275 18.39 0.64 -51.78
CA TYR D 275 17.63 0.62 -53.02
C TYR D 275 17.46 2.01 -53.61
N HIS D 276 17.47 3.04 -52.78
CA HIS D 276 17.31 4.40 -53.25
C HIS D 276 18.57 5.25 -53.07
N SER D 277 19.62 4.65 -52.50
CA SER D 277 20.86 5.40 -52.27
C SER D 277 21.38 5.98 -53.57
N GLN D 278 21.19 5.25 -54.65
CA GLN D 278 21.66 5.65 -55.96
C GLN D 278 20.98 6.92 -56.48
N LEU D 279 19.89 7.32 -55.84
CA LEU D 279 19.15 8.52 -56.25
C LEU D 279 18.94 9.46 -55.06
N SER D 280 19.86 9.41 -54.10
CA SER D 280 19.80 10.25 -52.90
C SER D 280 20.16 11.68 -53.23
N ILE E 2 9.75 22.20 1.29
CA ILE E 2 11.00 22.92 1.54
C ILE E 2 11.99 22.68 0.42
N LEU E 3 13.10 23.41 0.47
CA LEU E 3 14.14 23.32 -0.55
C LEU E 3 15.52 23.17 0.10
N ILE E 4 16.17 22.04 -0.04
CA ILE E 4 17.49 21.90 0.55
C ILE E 4 18.53 22.10 -0.54
N ALA E 5 19.69 22.63 -0.19
CA ALA E 5 20.70 22.82 -1.19
C ALA E 5 22.10 22.52 -0.69
N ASP E 6 22.84 21.81 -1.53
CA ASP E 6 24.20 21.43 -1.21
C ASP E 6 25.10 21.75 -2.39
N SER E 7 25.95 22.75 -2.23
CA SER E 7 26.81 23.19 -3.31
C SER E 7 28.28 22.89 -3.09
N GLY E 8 28.89 22.33 -4.13
CA GLY E 8 30.29 22.01 -4.08
C GLY E 8 30.88 23.14 -4.89
N SER E 9 31.94 22.87 -5.65
CA SER E 9 32.60 23.91 -6.44
C SER E 9 32.69 23.49 -7.89
N THR E 10 31.66 22.79 -8.34
CA THR E 10 31.60 22.25 -9.72
C THR E 10 30.14 22.13 -10.09
N LYS E 11 29.33 21.84 -9.09
CA LYS E 11 27.90 21.67 -9.27
C LYS E 11 27.21 21.93 -7.94
N THR E 12 25.89 22.12 -8.00
CA THR E 12 25.05 22.35 -6.80
C THR E 12 23.81 21.49 -6.96
N ASP E 13 23.52 20.58 -6.04
CA ASP E 13 22.30 19.80 -6.22
C ASP E 13 21.20 20.25 -5.28
N TRP E 14 20.05 20.54 -5.89
CA TRP E 14 18.88 21.00 -5.16
C TRP E 14 17.87 19.88 -5.04
N CYS E 15 17.30 19.72 -3.86
CA CYS E 15 16.31 18.68 -3.67
C CYS E 15 15.11 19.32 -3.02
N VAL E 16 14.07 19.55 -3.81
CA VAL E 16 12.85 20.12 -3.28
C VAL E 16 12.02 18.96 -2.73
N VAL E 17 12.16 18.72 -1.43
CA VAL E 17 11.46 17.65 -0.75
C VAL E 17 10.16 18.12 -0.10
N LEU E 18 9.10 17.34 -0.30
CA LEU E 18 7.79 17.62 0.27
C LEU E 18 7.30 16.45 1.10
N ASN E 19 6.88 16.74 2.31
CA ASN E 19 6.38 15.71 3.21
C ASN E 19 7.31 14.49 3.30
N GLY E 20 8.59 14.73 3.51
CA GLY E 20 9.53 13.64 3.65
C GLY E 20 10.12 13.07 2.38
N ALA E 21 9.42 13.19 1.26
CA ALA E 21 9.96 12.65 0.01
C ALA E 21 10.44 13.74 -0.92
N VAL E 22 11.41 13.42 -1.78
CA VAL E 22 11.92 14.40 -2.72
C VAL E 22 11.08 14.36 -3.99
N ILE E 23 10.48 15.49 -4.34
CA ILE E 23 9.62 15.55 -5.52
C ILE E 23 10.36 15.97 -6.79
N LYS E 24 11.59 16.46 -6.63
CA LYS E 24 12.39 16.87 -7.77
C LYS E 24 13.83 17.17 -7.36
N ARG E 25 14.77 16.84 -8.25
CA ARG E 25 16.18 17.06 -7.99
C ARG E 25 16.72 17.85 -9.15
N LEU E 26 17.12 19.09 -8.89
CA LEU E 26 17.65 19.96 -9.93
C LEU E 26 19.16 20.10 -9.81
N GLY E 27 19.82 20.42 -10.90
CA GLY E 27 21.26 20.59 -10.83
C GLY E 27 21.66 21.94 -11.37
N THR E 28 22.68 22.56 -10.78
CA THR E 28 23.18 23.86 -11.24
C THR E 28 24.66 24.01 -10.89
N LYS E 29 25.31 25.03 -11.43
CA LYS E 29 26.72 25.24 -11.14
C LYS E 29 26.88 25.63 -9.67
N GLY E 30 28.10 25.52 -9.16
CA GLY E 30 28.37 25.86 -7.78
C GLY E 30 28.03 27.29 -7.40
N ILE E 31 27.98 27.56 -6.10
CA ILE E 31 27.69 28.90 -5.58
C ILE E 31 28.69 29.21 -4.49
N ASN E 32 29.32 30.36 -4.60
CA ASN E 32 30.30 30.73 -3.61
C ASN E 32 30.34 32.24 -3.51
N PRO E 33 29.71 32.78 -2.47
CA PRO E 33 29.64 34.22 -2.23
C PRO E 33 31.00 34.86 -2.09
N PHE E 34 32.02 34.03 -1.93
CA PHE E 34 33.37 34.54 -1.78
C PHE E 34 33.91 34.98 -3.11
N PHE E 35 33.29 34.50 -4.17
CA PHE E 35 33.74 34.84 -5.50
C PHE E 35 32.59 35.37 -6.31
N GLN E 36 31.39 34.91 -6.04
CA GLN E 36 30.24 35.42 -6.77
C GLN E 36 29.62 36.52 -5.91
N SER E 37 29.12 37.56 -6.56
CA SER E 37 28.51 38.68 -5.87
C SER E 37 27.03 38.43 -5.63
N GLU E 38 26.48 39.05 -4.59
CA GLU E 38 25.07 38.87 -4.26
C GLU E 38 24.26 38.95 -5.56
N GLU E 39 24.46 40.04 -6.30
CA GLU E 39 23.75 40.28 -7.56
C GLU E 39 24.02 39.17 -8.57
N GLU E 40 25.21 38.63 -8.51
CA GLU E 40 25.59 37.58 -9.43
C GLU E 40 24.90 36.27 -9.07
N ILE E 41 24.84 35.97 -7.78
CA ILE E 41 24.22 34.74 -7.32
C ILE E 41 22.72 34.81 -7.49
N GLN E 42 22.20 36.02 -7.42
CA GLN E 42 20.77 36.28 -7.56
C GLN E 42 20.44 36.03 -9.02
N GLN E 43 21.16 36.75 -9.88
CA GLN E 43 21.03 36.65 -11.32
C GLN E 43 21.08 35.21 -11.76
N LYS E 44 22.14 34.54 -11.31
CA LYS E 44 22.40 33.15 -11.65
C LYS E 44 21.32 32.19 -11.13
N LEU E 45 20.82 32.48 -9.93
CA LEU E 45 19.80 31.63 -9.33
C LEU E 45 18.50 31.72 -10.12
N THR E 46 17.93 32.91 -10.13
CA THR E 46 16.69 33.21 -10.83
C THR E 46 16.75 32.81 -12.32
N ALA E 47 17.95 32.80 -12.86
CA ALA E 47 18.14 32.46 -14.26
C ALA E 47 18.24 30.98 -14.57
N SER E 48 18.95 30.23 -13.72
CA SER E 48 19.17 28.79 -13.92
C SER E 48 18.28 27.87 -13.10
N LEU E 49 18.02 28.24 -11.85
CA LEU E 49 17.21 27.40 -10.96
C LEU E 49 15.69 27.61 -11.06
N LEU E 50 15.24 28.85 -10.87
CA LEU E 50 13.82 29.20 -10.89
C LEU E 50 12.91 28.48 -11.90
N PRO E 51 13.20 28.60 -13.19
CA PRO E 51 12.32 27.91 -14.15
C PRO E 51 12.24 26.41 -13.92
N GLN E 52 13.32 25.81 -13.42
CA GLN E 52 13.34 24.38 -13.18
C GLN E 52 12.43 23.98 -12.02
N LEU E 53 12.35 24.84 -11.00
CA LEU E 53 11.52 24.54 -9.84
C LEU E 53 10.05 24.33 -10.21
N PRO E 54 9.31 23.60 -9.36
CA PRO E 54 7.88 23.33 -9.57
C PRO E 54 7.04 24.45 -8.97
N GLU E 55 6.01 24.90 -9.70
CA GLU E 55 5.15 26.00 -9.25
C GLU E 55 4.72 26.01 -7.78
N GLY E 56 4.59 27.22 -7.23
CA GLY E 56 4.18 27.36 -5.84
C GLY E 56 5.24 28.03 -5.00
N LYS E 57 4.90 28.29 -3.74
CA LYS E 57 5.83 28.93 -2.82
C LYS E 57 6.48 27.86 -1.96
N PHE E 58 7.66 28.16 -1.42
CA PHE E 58 8.39 27.23 -0.59
C PHE E 58 8.30 27.58 0.90
N ASN E 59 7.89 26.61 1.72
CA ASN E 59 7.78 26.85 3.15
C ASN E 59 9.10 27.30 3.74
N ALA E 60 10.19 26.77 3.21
CA ALA E 60 11.53 27.11 3.72
C ALA E 60 12.64 26.53 2.84
N VAL E 61 13.73 27.28 2.72
CA VAL E 61 14.86 26.84 1.92
C VAL E 61 16.10 26.77 2.77
N TYR E 62 16.74 25.63 2.79
CA TYR E 62 17.96 25.47 3.55
C TYR E 62 19.11 25.29 2.57
N PHE E 63 19.95 26.31 2.45
CA PHE E 63 21.09 26.26 1.54
C PHE E 63 22.37 25.93 2.29
N TYR E 64 23.25 25.17 1.66
CA TYR E 64 24.53 24.78 2.23
C TYR E 64 25.50 24.92 1.08
N GLY E 65 26.70 25.41 1.34
CA GLY E 65 27.63 25.53 0.24
C GLY E 65 28.96 25.97 0.75
N ALA E 66 29.94 25.96 -0.15
CA ALA E 66 31.29 26.35 0.18
C ALA E 66 31.43 27.86 0.37
N GLY E 67 32.36 28.25 1.21
CA GLY E 67 32.58 29.67 1.44
C GLY E 67 31.34 30.37 1.92
N CYS E 68 30.41 29.61 2.48
CA CYS E 68 29.18 30.21 2.97
C CYS E 68 29.35 30.34 4.46
N THR E 69 30.25 31.25 4.85
CA THR E 69 30.52 31.51 6.24
C THR E 69 29.49 32.48 6.78
N PRO E 70 29.19 32.39 8.08
CA PRO E 70 28.20 33.29 8.64
C PRO E 70 28.44 34.75 8.28
N GLU E 71 29.67 35.05 7.88
CA GLU E 71 30.03 36.41 7.50
C GLU E 71 29.41 36.77 6.14
N LYS E 72 29.47 35.84 5.19
CA LYS E 72 28.89 36.07 3.87
C LYS E 72 27.54 35.37 3.73
N ALA E 73 27.08 34.75 4.81
CA ALA E 73 25.81 34.04 4.79
C ALA E 73 24.64 34.89 4.26
N PRO E 74 24.44 36.07 4.85
CA PRO E 74 23.34 36.93 4.40
C PRO E 74 23.34 37.21 2.92
N VAL E 75 24.46 36.96 2.25
CA VAL E 75 24.49 37.19 0.82
C VAL E 75 23.56 36.18 0.16
N LEU E 76 23.72 34.91 0.51
CA LEU E 76 22.86 33.86 -0.04
C LEU E 76 21.44 34.16 0.39
N ARG E 77 21.24 34.38 1.69
CA ARG E 77 19.91 34.69 2.18
C ARG E 77 19.20 35.71 1.30
N ARG E 78 19.79 36.90 1.15
CA ARG E 78 19.18 37.94 0.34
C ARG E 78 18.92 37.43 -1.05
N ALA E 79 20.00 37.07 -1.73
CA ALA E 79 19.97 36.55 -3.08
C ALA E 79 18.82 35.56 -3.28
N ILE E 80 18.75 34.55 -2.40
CA ILE E 80 17.69 33.56 -2.52
C ILE E 80 16.35 34.24 -2.36
N ALA E 81 16.27 35.14 -1.39
CA ALA E 81 15.04 35.89 -1.14
C ALA E 81 14.50 36.57 -2.40
N ASP E 82 15.36 37.31 -3.10
CA ASP E 82 14.97 38.02 -4.31
C ASP E 82 14.87 37.11 -5.53
N SER E 83 15.14 35.82 -5.35
CA SER E 83 15.11 34.87 -6.46
C SER E 83 13.93 33.95 -6.45
N LEU E 84 13.83 33.15 -5.40
CA LEU E 84 12.75 32.19 -5.29
C LEU E 84 11.56 32.67 -4.49
N PRO E 85 10.39 32.06 -4.73
CA PRO E 85 9.18 32.44 -4.00
C PRO E 85 9.16 31.80 -2.62
N VAL E 86 9.83 32.45 -1.67
CA VAL E 86 9.91 31.94 -0.32
C VAL E 86 9.15 32.83 0.65
N ILE E 87 8.48 32.20 1.60
CA ILE E 87 7.71 32.92 2.62
C ILE E 87 8.06 32.41 4.01
N GLY E 88 8.98 31.46 4.08
CA GLY E 88 9.40 30.94 5.37
C GLY E 88 10.76 31.52 5.72
N ASN E 89 11.55 30.76 6.45
CA ASN E 89 12.88 31.21 6.85
C ASN E 89 13.94 30.59 5.96
N ILE E 90 14.80 31.41 5.38
CA ILE E 90 15.88 30.93 4.53
C ILE E 90 17.11 30.76 5.40
N LYS E 91 17.93 29.77 5.11
CA LYS E 91 19.12 29.51 5.89
C LYS E 91 20.36 29.23 5.01
N ALA E 92 21.51 29.71 5.45
CA ALA E 92 22.73 29.51 4.71
C ALA E 92 23.82 29.06 5.66
N ASN E 93 24.52 27.98 5.32
CA ASN E 93 25.61 27.48 6.15
C ASN E 93 26.68 26.77 5.33
N SER E 94 27.84 26.63 5.97
CA SER E 94 29.00 25.99 5.39
C SER E 94 28.77 24.58 4.95
N ASP E 95 29.59 24.11 4.03
CA ASP E 95 29.46 22.73 3.60
C ASP E 95 29.85 21.86 4.79
N LEU E 97 29.07 22.00 7.72
CA LEU E 97 27.89 21.69 8.51
C LEU E 97 27.01 20.73 7.73
N ALA E 98 26.88 20.98 6.44
CA ALA E 98 26.08 20.14 5.59
C ALA E 98 26.56 18.70 5.78
N ALA E 99 27.81 18.53 6.18
CA ALA E 99 28.32 17.19 6.40
C ALA E 99 28.02 16.73 7.83
N ALA E 100 28.15 17.64 8.79
CA ALA E 100 27.88 17.26 10.16
C ALA E 100 26.47 16.74 10.21
N HIS E 101 25.54 17.50 9.64
CA HIS E 101 24.15 17.11 9.64
C HIS E 101 23.92 15.82 8.90
N GLY E 102 24.28 15.81 7.63
CA GLY E 102 24.07 14.63 6.82
C GLY E 102 24.76 13.37 7.33
N LEU E 103 25.79 13.52 8.13
CA LEU E 103 26.46 12.34 8.60
C LEU E 103 26.18 12.07 10.07
N CYS E 104 25.82 13.10 10.81
CA CYS E 104 25.58 12.92 12.23
C CYS E 104 24.18 13.28 12.67
N GLY E 105 23.50 14.07 11.86
CA GLY E 105 22.16 14.47 12.19
C GLY E 105 22.03 14.97 13.60
N GLN E 106 21.44 14.16 14.46
CA GLN E 106 21.23 14.58 15.84
C GLN E 106 22.31 14.15 16.82
N LYS E 107 23.06 13.10 16.45
CA LYS E 107 24.14 12.56 17.28
C LYS E 107 25.44 13.39 17.19
N ALA E 108 26.44 12.99 17.96
CA ALA E 108 27.70 13.71 17.93
C ALA E 108 28.77 12.85 17.24
N GLY E 109 29.44 13.43 16.26
CA GLY E 109 30.47 12.70 15.56
C GLY E 109 31.53 13.56 14.94
N ILE E 110 32.47 12.91 14.23
CA ILE E 110 33.54 13.62 13.55
C ILE E 110 33.20 13.64 12.06
N ALA E 111 32.95 14.83 11.54
CA ALA E 111 32.60 14.95 10.13
C ALA E 111 33.85 15.15 9.31
N CYS E 112 33.75 14.88 8.02
CA CYS E 112 34.87 15.01 7.13
C CYS E 112 34.52 15.13 5.67
N ILE E 113 35.05 16.17 5.04
CA ILE E 113 34.81 16.35 3.62
C ILE E 113 36.10 16.17 2.84
N LEU E 114 36.01 15.33 1.83
CA LEU E 114 37.14 15.05 0.96
C LEU E 114 36.73 15.32 -0.49
N GLY E 115 36.89 16.57 -0.91
CA GLY E 115 36.51 16.91 -2.27
C GLY E 115 37.54 17.82 -2.87
N THR E 116 37.15 18.90 -3.55
CA THR E 116 38.19 19.74 -4.10
C THR E 116 39.13 20.09 -2.95
N GLY E 117 38.58 20.54 -1.84
CA GLY E 117 39.39 20.84 -0.68
C GLY E 117 39.17 19.73 0.31
N SER E 118 39.43 19.97 1.59
CA SER E 118 39.23 18.95 2.60
C SER E 118 38.82 19.66 3.88
N ASN E 119 38.23 18.93 4.82
CA ASN E 119 37.84 19.54 6.08
C ASN E 119 37.31 18.56 7.08
N SER E 120 37.55 18.84 8.35
CA SER E 120 37.06 17.95 9.40
C SER E 120 36.48 18.81 10.50
N CYS E 121 35.79 18.17 11.46
CA CYS E 121 35.22 18.93 12.57
C CYS E 121 34.62 18.01 13.59
N PHE E 122 34.27 18.60 14.74
CA PHE E 122 33.62 17.86 15.79
C PHE E 122 32.23 18.43 16.04
N TYR E 123 31.25 17.57 15.77
CA TYR E 123 29.82 17.86 15.91
C TYR E 123 29.33 17.15 17.18
N ASN E 124 28.59 17.85 18.02
CA ASN E 124 28.09 17.24 19.25
C ASN E 124 26.59 16.99 19.24
N GLY E 125 25.96 17.07 18.08
CA GLY E 125 24.54 16.85 18.00
C GLY E 125 23.77 18.09 17.63
N LYS E 126 24.21 19.25 18.13
CA LYS E 126 23.54 20.53 17.83
C LYS E 126 24.30 21.30 16.73
N GLU E 127 25.59 21.52 16.93
CA GLU E 127 26.35 22.23 15.91
C GLU E 127 27.82 21.90 15.96
N ILE E 128 28.61 22.64 15.20
CA ILE E 128 30.02 22.38 15.20
C ILE E 128 30.69 23.22 16.27
N VAL E 129 31.63 22.62 16.97
CA VAL E 129 32.35 23.31 18.03
C VAL E 129 33.84 23.48 17.69
N SER E 130 34.54 22.39 17.37
CA SER E 130 35.96 22.45 17.00
C SER E 130 36.18 22.18 15.49
N ASN E 131 37.05 22.99 14.88
CA ASN E 131 37.31 22.89 13.45
C ASN E 131 38.75 23.19 13.01
N ILE E 132 39.58 22.15 12.89
CA ILE E 132 40.96 22.33 12.45
C ILE E 132 41.00 22.95 11.06
N SER E 133 41.34 24.23 10.94
CA SER E 133 41.38 24.86 9.61
C SER E 133 42.24 24.10 8.58
N PRO E 134 41.62 23.58 7.51
CA PRO E 134 42.41 22.86 6.51
C PRO E 134 43.69 23.56 6.02
N LEU E 135 43.62 24.87 5.83
CA LEU E 135 44.75 25.68 5.39
C LEU E 135 45.00 25.83 3.89
N GLY E 136 43.98 25.58 3.07
CA GLY E 136 44.12 25.76 1.62
C GLY E 136 44.90 24.71 0.84
N PHE E 137 44.98 24.87 -0.47
CA PHE E 137 45.68 23.89 -1.31
C PHE E 137 47.20 24.05 -1.35
N ILE E 138 47.71 25.05 -0.63
CA ILE E 138 49.15 25.26 -0.60
C ILE E 138 49.74 24.86 0.74
N LEU E 139 49.10 25.34 1.81
CA LEU E 139 49.57 25.08 3.17
C LEU E 139 49.13 23.75 3.77
N GLY E 140 48.11 23.13 3.18
CA GLY E 140 47.64 21.86 3.74
C GLY E 140 46.61 21.06 2.97
N ASP E 141 45.34 21.15 3.35
CA ASP E 141 44.27 20.42 2.64
C ASP E 141 44.59 18.96 2.36
N GLU E 142 45.42 18.39 3.21
CA GLU E 142 45.79 17.01 3.07
C GLU E 142 44.60 16.15 2.62
N GLY E 143 44.84 15.24 1.69
CA GLY E 143 43.78 14.38 1.21
C GLY E 143 42.84 15.03 0.21
N SER E 144 42.98 16.34 0.00
CA SER E 144 42.10 17.05 -0.94
C SER E 144 42.31 16.74 -2.42
N GLY E 145 41.23 16.87 -3.19
CA GLY E 145 41.31 16.65 -4.61
C GLY E 145 42.38 17.55 -5.20
N ALA E 146 42.41 18.80 -4.74
CA ALA E 146 43.38 19.79 -5.21
C ALA E 146 44.81 19.38 -4.86
N VAL E 147 45.03 18.96 -3.62
CA VAL E 147 46.35 18.55 -3.17
C VAL E 147 46.89 17.34 -3.94
N LEU E 148 46.00 16.39 -4.24
CA LEU E 148 46.38 15.20 -4.98
C LEU E 148 46.85 15.66 -6.34
N GLY E 149 46.22 16.70 -6.87
CA GLY E 149 46.61 17.20 -8.17
C GLY E 149 48.04 17.70 -8.03
N LYS E 150 48.19 18.57 -7.06
CA LYS E 150 49.46 19.14 -6.73
C LYS E 150 50.47 17.99 -6.69
N LEU E 151 50.26 17.01 -5.82
CA LEU E 151 51.22 15.92 -5.77
C LEU E 151 51.42 15.21 -7.10
N LEU E 152 50.33 15.04 -7.83
CA LEU E 152 50.46 14.36 -9.10
C LEU E 152 51.19 15.23 -10.12
N VAL E 153 50.72 16.45 -10.34
CA VAL E 153 51.39 17.32 -11.31
C VAL E 153 52.89 17.53 -10.90
N GLY E 154 53.24 17.20 -9.66
CA GLY E 154 54.62 17.36 -9.22
C GLY E 154 55.47 16.25 -9.77
N ASP E 155 55.05 15.01 -9.54
CA ASP E 155 55.77 13.84 -10.02
C ASP E 155 55.75 13.76 -11.53
N ILE E 156 54.67 14.17 -12.15
CA ILE E 156 54.63 14.11 -13.59
C ILE E 156 55.73 15.01 -14.18
N LEU E 157 55.62 16.31 -13.91
CA LEU E 157 56.54 17.33 -14.41
C LEU E 157 58.00 17.23 -13.97
N LYS E 158 58.31 16.21 -13.18
CA LYS E 158 59.66 16.03 -12.66
C LYS E 158 60.19 14.67 -13.10
N ASN E 159 59.47 14.03 -14.01
CA ASN E 159 59.89 12.74 -14.53
C ASN E 159 60.03 11.68 -13.49
N GLN E 160 59.29 11.81 -12.41
CA GLN E 160 59.39 10.82 -11.38
C GLN E 160 58.55 9.60 -11.74
N LEU E 161 57.84 9.69 -12.85
CA LEU E 161 56.98 8.57 -13.30
C LEU E 161 57.29 8.08 -14.71
N PRO E 162 56.69 6.94 -15.06
CA PRO E 162 56.92 6.38 -16.40
C PRO E 162 56.63 7.37 -17.51
N ALA E 163 57.62 7.60 -18.36
CA ALA E 163 57.45 8.53 -19.47
C ALA E 163 56.14 8.28 -20.17
N THR E 164 55.88 7.03 -20.53
CA THR E 164 54.62 6.70 -21.19
C THR E 164 53.45 7.30 -20.44
N LEU E 165 53.41 7.03 -19.15
CA LEU E 165 52.36 7.55 -18.32
C LEU E 165 52.26 9.08 -18.44
N LYS E 166 53.38 9.79 -18.43
CA LYS E 166 53.30 11.24 -18.54
C LYS E 166 52.72 11.66 -19.88
N GLU E 167 52.96 10.84 -20.90
CA GLU E 167 52.45 11.13 -22.24
C GLU E 167 50.95 10.94 -22.19
N GLU E 168 50.50 9.78 -21.72
CA GLU E 168 49.08 9.52 -21.60
C GLU E 168 48.40 10.64 -20.79
N PHE E 169 49.12 11.18 -19.80
CA PHE E 169 48.60 12.24 -18.95
C PHE E 169 48.45 13.55 -19.71
N LEU E 170 49.54 14.03 -20.29
CA LEU E 170 49.48 15.28 -21.04
C LEU E 170 48.55 15.25 -22.25
N LYS E 171 48.37 14.09 -22.87
CA LYS E 171 47.49 14.04 -24.04
C LYS E 171 46.05 14.10 -23.54
N GLN E 172 45.74 13.23 -22.58
CA GLN E 172 44.41 13.15 -22.00
C GLN E 172 43.82 14.50 -21.62
N PHE E 173 44.65 15.42 -21.14
CA PHE E 173 44.12 16.72 -20.77
C PHE E 173 44.54 17.81 -21.74
N ASP E 174 45.19 17.42 -22.84
CA ASP E 174 45.65 18.38 -23.83
C ASP E 174 46.35 19.58 -23.20
N LEU E 175 47.37 19.29 -22.39
CA LEU E 175 48.15 20.31 -21.71
C LEU E 175 49.60 20.13 -22.01
N THR E 176 50.38 21.14 -21.67
CA THR E 176 51.83 21.13 -21.85
C THR E 176 52.41 21.70 -20.59
N PRO E 177 53.58 21.22 -20.18
CA PRO E 177 54.19 21.73 -18.95
C PRO E 177 54.01 23.21 -18.79
N PRO E 178 54.57 24.00 -19.70
CA PRO E 178 54.40 25.45 -19.53
C PRO E 178 52.97 25.98 -19.40
N GLU E 179 51.98 25.18 -19.79
CA GLU E 179 50.57 25.56 -19.72
C GLU E 179 50.04 25.35 -18.29
N ILE E 180 50.45 24.24 -17.69
CA ILE E 180 50.08 23.92 -16.33
C ILE E 180 50.78 24.90 -15.39
N ILE E 181 52.09 25.06 -15.55
CA ILE E 181 52.79 25.97 -14.64
C ILE E 181 52.09 27.32 -14.60
N ASP E 182 51.46 27.70 -15.71
CA ASP E 182 50.76 28.97 -15.74
C ASP E 182 49.39 28.86 -15.07
N ARG E 183 48.68 27.76 -15.29
CA ARG E 183 47.38 27.62 -14.67
C ARG E 183 47.48 27.53 -13.15
N VAL E 184 48.65 27.16 -12.66
CA VAL E 184 48.82 27.03 -11.23
C VAL E 184 49.26 28.29 -10.52
N TYR E 185 50.19 29.02 -11.10
CA TYR E 185 50.68 30.23 -10.46
C TYR E 185 50.12 31.55 -11.03
N ARG E 186 49.66 31.54 -12.27
CA ARG E 186 49.20 32.76 -12.91
C ARG E 186 47.71 32.94 -13.20
N GLN E 187 46.94 31.85 -13.22
CA GLN E 187 45.51 31.93 -13.49
C GLN E 187 44.64 31.74 -12.26
N PRO E 188 43.40 32.25 -12.30
CA PRO E 188 42.46 32.13 -11.18
C PRO E 188 42.03 30.70 -10.95
N PHE E 189 41.76 30.38 -9.69
CA PHE E 189 41.35 29.05 -9.28
C PHE E 189 42.40 28.00 -9.59
N PRO E 190 43.52 28.01 -8.85
CA PRO E 190 44.57 27.03 -9.09
C PRO E 190 44.12 25.67 -8.61
N ASN E 191 43.57 25.68 -7.40
CA ASN E 191 43.11 24.44 -6.78
C ASN E 191 42.18 23.72 -7.74
N ARG E 192 41.06 24.33 -8.07
CA ARG E 192 40.08 23.75 -8.97
C ARG E 192 40.73 22.99 -10.14
N PHE E 193 41.72 23.65 -10.76
CA PHE E 193 42.45 23.09 -11.87
C PHE E 193 43.11 21.85 -11.34
N LEU E 194 44.04 22.05 -10.41
CA LEU E 194 44.73 20.93 -9.83
C LEU E 194 43.78 19.78 -9.52
N ALA E 195 42.78 20.06 -8.70
CA ALA E 195 41.81 19.04 -8.34
C ALA E 195 41.15 18.35 -9.54
N SER E 196 41.07 19.07 -10.66
CA SER E 196 40.43 18.49 -11.85
C SER E 196 41.32 17.49 -12.58
N LEU E 197 42.49 17.22 -12.03
CA LEU E 197 43.40 16.26 -12.63
C LEU E 197 43.26 14.97 -11.85
N SER E 198 42.83 15.10 -10.60
CA SER E 198 42.64 13.95 -9.72
C SER E 198 42.23 12.62 -10.45
N PRO E 199 41.15 12.66 -11.27
CA PRO E 199 40.68 11.48 -12.00
C PRO E 199 41.80 10.59 -12.56
N PHE E 200 42.77 11.23 -13.21
CA PHE E 200 43.90 10.48 -13.76
C PHE E 200 44.41 9.48 -12.72
N ILE E 201 44.48 9.88 -11.46
CA ILE E 201 44.95 8.98 -10.42
C ILE E 201 44.10 7.73 -10.30
N ALA E 202 42.80 7.91 -10.14
CA ALA E 202 41.86 6.80 -10.00
C ALA E 202 41.91 5.82 -11.15
N GLN E 203 42.48 6.23 -12.27
CA GLN E 203 42.58 5.39 -13.46
C GLN E 203 43.97 4.80 -13.59
N HIS E 204 44.79 4.92 -12.55
CA HIS E 204 46.15 4.38 -12.64
C HIS E 204 46.71 3.91 -11.31
N LEU E 205 45.86 3.33 -10.46
CA LEU E 205 46.35 2.84 -9.19
C LEU E 205 47.07 1.51 -9.34
N GLU E 206 47.45 1.19 -10.57
CA GLU E 206 48.18 -0.03 -10.86
C GLU E 206 49.63 0.36 -10.56
N GLU E 207 49.94 1.62 -10.80
CA GLU E 207 51.29 2.13 -10.54
C GLU E 207 51.50 2.43 -9.06
N PRO E 208 52.57 1.91 -8.49
CA PRO E 208 52.86 2.14 -7.08
C PRO E 208 52.97 3.60 -6.69
N ALA E 209 53.71 4.37 -7.47
CA ALA E 209 53.91 5.79 -7.14
C ALA E 209 52.63 6.59 -7.12
N ILE E 210 51.62 6.13 -7.85
CA ILE E 210 50.33 6.81 -7.91
C ILE E 210 49.47 6.39 -6.73
N ARG E 211 49.25 5.10 -6.55
CA ARG E 211 48.45 4.63 -5.43
C ARG E 211 49.03 5.04 -4.09
N GLN E 212 50.34 5.19 -4.01
CA GLN E 212 50.93 5.58 -2.75
C GLN E 212 50.79 7.07 -2.56
N LEU E 213 50.86 7.81 -3.66
CA LEU E 213 50.73 9.25 -3.65
C LEU E 213 49.52 9.62 -2.83
N VAL E 214 48.47 8.84 -3.03
CA VAL E 214 47.19 8.97 -2.37
C VAL E 214 47.20 8.39 -0.97
N ASN E 216 49.53 8.02 1.23
CA ASN E 216 50.20 8.85 2.21
C ASN E 216 49.41 10.12 2.46
N SER E 217 48.83 10.66 1.41
CA SER E 217 48.03 11.88 1.53
C SER E 217 46.87 11.67 2.48
N PHE E 218 46.21 10.52 2.38
CA PHE E 218 45.08 10.24 3.27
C PHE E 218 45.58 10.02 4.67
N ILE E 219 46.71 9.34 4.81
CA ILE E 219 47.28 9.09 6.12
C ILE E 219 47.58 10.43 6.79
N ALA E 220 48.07 11.36 5.97
CA ALA E 220 48.40 12.71 6.43
C ALA E 220 47.15 13.34 7.01
N PHE E 221 46.06 13.25 6.26
CA PHE E 221 44.83 13.84 6.74
C PHE E 221 44.46 13.29 8.12
N PHE E 222 44.62 11.98 8.31
CA PHE E 222 44.29 11.37 9.59
C PHE E 222 45.21 11.74 10.74
N ARG E 223 46.43 12.15 10.44
CA ARG E 223 47.35 12.51 11.52
C ARG E 223 47.47 13.98 11.76
N ARG E 224 46.99 14.81 10.85
CA ARG E 224 47.13 16.22 11.10
C ARG E 224 45.79 16.88 11.37
N ASN E 225 44.71 16.16 11.08
CA ASN E 225 43.36 16.69 11.28
C ASN E 225 42.50 15.94 12.31
N VAL E 226 42.01 14.74 11.97
CA VAL E 226 41.12 14.05 12.89
C VAL E 226 41.71 13.66 14.24
N GLN E 228 43.21 15.25 16.15
CA GLN E 228 43.19 16.35 17.09
C GLN E 228 41.81 16.37 17.77
N TYR E 229 40.93 15.50 17.29
CA TYR E 229 39.59 15.37 17.85
C TYR E 229 39.63 14.07 18.66
N ASP E 230 38.68 13.89 19.57
CA ASP E 230 38.70 12.66 20.35
C ASP E 230 38.22 11.52 19.46
N TYR E 231 39.06 11.11 18.54
CA TYR E 231 38.70 10.06 17.62
C TYR E 231 38.52 8.71 18.29
N LYS E 232 39.26 8.48 19.37
CA LYS E 232 39.23 7.23 20.13
C LYS E 232 37.92 7.02 20.90
N GLN E 233 36.98 7.94 20.73
CA GLN E 233 35.69 7.84 21.39
C GLN E 233 34.58 8.38 20.51
N TYR E 234 34.80 8.40 19.20
CA TYR E 234 33.79 8.86 18.25
C TYR E 234 33.96 8.25 16.87
N PRO E 235 32.87 8.24 16.10
CA PRO E 235 32.83 7.70 14.75
C PRO E 235 33.25 8.70 13.67
N VAL E 236 34.47 8.56 13.15
CA VAL E 236 34.91 9.48 12.11
C VAL E 236 34.20 9.12 10.80
N HIS E 237 33.35 10.04 10.31
CA HIS E 237 32.62 9.83 9.06
C HIS E 237 33.18 10.61 7.87
N PHE E 238 32.87 10.15 6.65
CA PHE E 238 33.36 10.78 5.42
C PHE E 238 32.33 11.02 4.29
N ILE E 239 32.35 12.24 3.78
CA ILE E 239 31.46 12.60 2.70
C ILE E 239 32.32 13.39 1.74
N GLY E 240 32.17 13.15 0.44
CA GLY E 240 32.97 13.90 -0.50
C GLY E 240 33.38 13.13 -1.73
N SER E 241 33.41 13.83 -2.86
CA SER E 241 33.79 13.23 -4.12
C SER E 241 35.03 12.35 -4.04
N ILE E 242 36.13 12.92 -3.54
CA ILE E 242 37.39 12.22 -3.43
C ILE E 242 37.29 11.07 -2.46
N ALA E 243 36.70 11.34 -1.30
CA ALA E 243 36.53 10.31 -0.29
C ALA E 243 35.82 9.07 -0.80
N TYR E 244 34.70 9.24 -1.47
CA TYR E 244 34.01 8.07 -1.97
C TYR E 244 34.78 7.38 -3.09
N CYS E 245 35.29 8.18 -4.02
CA CYS E 245 36.05 7.64 -5.14
C CYS E 245 37.25 6.79 -4.77
N TYR E 246 38.01 7.24 -3.77
CA TYR E 246 39.19 6.50 -3.31
C TYR E 246 38.91 5.86 -1.96
N LYS E 247 37.63 5.51 -1.75
CA LYS E 247 37.12 4.90 -0.52
C LYS E 247 38.00 3.78 0.02
N GLU E 248 38.20 2.76 -0.79
CA GLU E 248 39.00 1.61 -0.41
C GLU E 248 40.34 2.05 0.20
N ILE E 249 41.03 2.95 -0.49
CA ILE E 249 42.32 3.45 -0.02
C ILE E 249 42.18 4.21 1.29
N LEU E 250 41.14 5.04 1.40
CA LEU E 250 40.96 5.82 2.61
C LEU E 250 40.91 4.95 3.84
N GLN E 251 40.23 3.82 3.76
CA GLN E 251 40.16 2.96 4.93
C GLN E 251 41.47 2.24 5.18
N ASP E 252 42.12 1.79 4.12
CA ASP E 252 43.40 1.13 4.29
C ASP E 252 44.27 2.12 5.01
N ALA E 253 43.95 3.40 4.86
CA ALA E 253 44.72 4.44 5.51
C ALA E 253 44.34 4.50 6.98
N ALA E 254 43.04 4.56 7.24
CA ALA E 254 42.55 4.61 8.61
C ALA E 254 43.07 3.41 9.39
N ARG E 255 43.44 2.36 8.66
CA ARG E 255 43.96 1.14 9.25
C ARG E 255 45.34 1.39 9.84
N GLN E 256 46.28 1.77 8.97
CA GLN E 256 47.65 2.02 9.39
C GLN E 256 47.69 3.00 10.56
N THR E 257 46.96 4.09 10.43
CA THR E 257 46.92 5.11 11.48
C THR E 257 46.10 4.56 12.62
N GLY E 258 45.35 3.51 12.34
CA GLY E 258 44.54 2.90 13.35
C GLY E 258 43.46 3.81 13.88
N ILE E 259 42.45 4.06 13.09
CA ILE E 259 41.38 4.90 13.56
C ILE E 259 40.09 4.33 13.02
N GLN E 260 39.10 4.24 13.90
CA GLN E 260 37.81 3.66 13.53
C GLN E 260 37.10 4.56 12.55
N ILE E 261 37.00 4.11 11.31
CA ILE E 261 36.35 4.90 10.28
C ILE E 261 34.93 4.43 10.12
N GLY E 262 34.00 5.38 10.13
CA GLY E 262 32.59 5.03 10.00
C GLY E 262 32.03 5.01 8.60
N LYS E 263 31.11 5.94 8.32
CA LYS E 263 30.45 6.09 7.02
C LYS E 263 31.37 6.81 6.05
N ILE E 264 31.29 6.51 4.77
CA ILE E 264 32.12 7.18 3.77
C ILE E 264 31.32 7.28 2.47
N LEU E 265 30.32 8.16 2.46
CA LEU E 265 29.48 8.29 1.28
C LEU E 265 29.73 9.60 0.52
N GLN E 266 29.36 9.59 -0.77
CA GLN E 266 29.57 10.73 -1.67
C GLN E 266 28.89 12.06 -1.34
N SER E 267 27.57 12.03 -1.10
CA SER E 267 26.83 13.26 -0.79
C SER E 267 26.03 13.19 0.48
N PRO E 268 25.98 14.30 1.23
CA PRO E 268 25.25 14.36 2.48
C PRO E 268 23.77 14.68 2.28
N GLU E 270 21.22 13.04 1.07
CA GLU E 270 20.29 12.03 1.58
C GLU E 270 20.18 12.18 3.09
N GLY E 271 21.32 12.17 3.78
CA GLY E 271 21.29 12.32 5.22
C GLY E 271 20.90 13.72 5.63
N LEU E 272 20.65 14.58 4.63
CA LEU E 272 20.26 15.96 4.83
C LEU E 272 18.76 16.06 4.63
N ILE E 273 18.23 15.17 3.79
CA ILE E 273 16.81 15.11 3.51
C ILE E 273 16.09 14.68 4.75
N GLN E 274 16.77 13.88 5.56
CA GLN E 274 16.19 13.40 6.80
C GLN E 274 16.30 14.45 7.90
N TYR E 275 17.45 15.13 7.93
CA TYR E 275 17.66 16.15 8.93
C TYR E 275 16.56 17.18 8.86
N HIS E 276 16.02 17.38 7.66
CA HIS E 276 14.95 18.36 7.47
C HIS E 276 13.60 17.74 7.16
N SER E 277 13.49 16.42 7.21
CA SER E 277 12.20 15.79 6.93
C SER E 277 11.25 16.09 8.09
N GLN E 278 11.81 16.50 9.21
CA GLN E 278 11.02 16.82 10.41
C GLN E 278 9.98 17.90 10.12
N LEU E 279 10.37 18.91 9.36
CA LEU E 279 9.50 20.03 9.01
C LEU E 279 9.37 20.17 7.50
N SER E 280 8.59 19.27 6.88
CA SER E 280 8.38 19.30 5.44
C SER E 280 6.93 19.61 5.12
N ILE F 2 84.57 47.21 -15.38
CA ILE F 2 83.42 46.41 -15.80
C ILE F 2 82.38 46.37 -14.68
N LEU F 3 81.16 45.96 -15.01
CA LEU F 3 80.12 45.89 -14.01
C LEU F 3 79.52 44.49 -13.92
N ILE F 4 79.46 43.97 -12.71
CA ILE F 4 78.94 42.63 -12.49
C ILE F 4 77.76 42.65 -11.52
N ALA F 5 76.66 42.06 -11.95
CA ALA F 5 75.47 42.03 -11.11
C ALA F 5 74.91 40.62 -10.86
N ASP F 6 74.54 40.37 -9.60
CA ASP F 6 73.94 39.13 -9.18
C ASP F 6 72.67 39.54 -8.46
N SER F 7 71.54 39.20 -9.07
CA SER F 7 70.24 39.58 -8.55
C SER F 7 69.39 38.52 -7.89
N GLY F 8 69.27 38.59 -6.57
CA GLY F 8 68.42 37.64 -5.88
C GLY F 8 67.09 38.37 -5.90
N SER F 9 66.02 37.73 -5.46
CA SER F 9 64.72 38.38 -5.47
C SER F 9 64.38 38.96 -4.10
N THR F 10 65.31 39.73 -3.56
CA THR F 10 65.17 40.37 -2.26
C THR F 10 66.21 41.46 -2.23
N LYS F 11 67.27 41.25 -3.00
CA LYS F 11 68.38 42.20 -3.12
C LYS F 11 69.13 42.00 -4.44
N THR F 12 70.08 42.88 -4.70
CA THR F 12 70.90 42.80 -5.91
C THR F 12 72.22 43.46 -5.62
N ASP F 13 73.26 42.69 -5.31
CA ASP F 13 74.55 43.32 -5.03
C ASP F 13 75.37 43.48 -6.31
N TRP F 14 75.82 44.71 -6.55
CA TRP F 14 76.60 45.05 -7.74
C TRP F 14 78.06 45.17 -7.37
N CYS F 15 78.95 44.77 -8.27
CA CYS F 15 80.37 44.91 -7.98
C CYS F 15 81.04 45.52 -9.18
N VAL F 16 81.70 46.64 -8.93
CA VAL F 16 82.42 47.35 -9.97
C VAL F 16 83.90 46.99 -9.80
N VAL F 17 84.41 46.22 -10.76
CA VAL F 17 85.79 45.77 -10.73
C VAL F 17 86.62 46.24 -11.93
N LEU F 18 87.81 46.75 -11.63
CA LEU F 18 88.75 47.23 -12.63
C LEU F 18 89.66 46.09 -13.04
N ASN F 19 90.63 46.38 -13.90
CA ASN F 19 91.56 45.38 -14.37
C ASN F 19 92.04 44.45 -13.27
N GLY F 20 91.93 44.90 -12.02
CA GLY F 20 92.37 44.08 -10.90
C GLY F 20 91.25 43.41 -10.14
N ALA F 21 90.88 44.02 -9.01
CA ALA F 21 89.84 43.50 -8.12
C ALA F 21 88.67 44.47 -7.90
N VAL F 22 87.85 44.18 -6.89
CA VAL F 22 86.68 44.98 -6.57
C VAL F 22 87.01 46.36 -6.01
N ILE F 23 86.80 47.40 -6.81
CA ILE F 23 87.06 48.76 -6.37
C ILE F 23 85.88 49.27 -5.53
N LYS F 24 84.74 48.61 -5.65
CA LYS F 24 83.55 48.98 -4.91
C LYS F 24 82.35 48.08 -5.23
N ARG F 25 81.47 47.91 -4.27
CA ARG F 25 80.28 47.09 -4.44
C ARG F 25 79.13 47.65 -3.63
N LEU F 26 78.01 47.91 -4.29
CA LEU F 26 76.83 48.46 -3.65
C LEU F 26 75.61 47.64 -4.04
N GLY F 27 74.59 47.65 -3.19
CA GLY F 27 73.41 46.87 -3.50
C GLY F 27 72.09 47.60 -3.51
N THR F 28 71.18 47.09 -4.35
CA THR F 28 69.84 47.66 -4.48
C THR F 28 68.81 46.52 -4.50
N LYS F 29 67.56 46.83 -4.17
CA LYS F 29 66.54 45.80 -4.17
C LYS F 29 66.53 45.07 -5.50
N GLY F 30 66.18 43.78 -5.45
CA GLY F 30 66.19 42.96 -6.65
C GLY F 30 65.50 43.42 -7.92
N ILE F 31 66.03 42.95 -9.05
CA ILE F 31 65.47 43.27 -10.35
C ILE F 31 65.01 41.99 -11.03
N ASN F 32 63.81 42.02 -11.59
CA ASN F 32 63.28 40.87 -12.28
C ASN F 32 62.35 41.29 -13.41
N PRO F 33 62.75 41.09 -14.66
CA PRO F 33 61.93 41.47 -15.80
C PRO F 33 60.81 40.47 -16.02
N PHE F 34 59.87 40.43 -15.09
CA PHE F 34 58.75 39.53 -15.19
C PHE F 34 57.68 40.08 -14.27
N PHE F 35 58.12 40.95 -13.36
CA PHE F 35 57.27 41.62 -12.39
C PHE F 35 57.64 43.09 -12.45
N GLN F 36 58.52 43.43 -13.38
CA GLN F 36 58.96 44.82 -13.58
C GLN F 36 59.12 45.03 -15.08
N SER F 37 58.56 46.11 -15.61
CA SER F 37 58.67 46.35 -17.05
C SER F 37 59.96 47.06 -17.41
N GLU F 38 60.32 47.03 -18.70
CA GLU F 38 61.56 47.65 -19.15
C GLU F 38 61.63 49.05 -18.60
N GLU F 39 60.49 49.74 -18.54
CA GLU F 39 60.50 51.10 -18.03
C GLU F 39 60.81 51.17 -16.54
N GLU F 40 60.04 50.42 -15.75
CA GLU F 40 60.22 50.39 -14.31
C GLU F 40 61.67 50.11 -13.95
N ILE F 41 62.23 49.07 -14.57
CA ILE F 41 63.61 48.69 -14.30
C ILE F 41 64.51 49.86 -14.62
N GLN F 42 64.34 50.44 -15.80
CA GLN F 42 65.15 51.56 -16.20
C GLN F 42 65.03 52.68 -15.18
N GLN F 43 63.81 52.89 -14.68
CA GLN F 43 63.57 53.93 -13.70
C GLN F 43 64.51 53.76 -12.51
N LYS F 44 64.25 52.74 -11.70
CA LYS F 44 65.05 52.45 -10.52
C LYS F 44 66.53 52.40 -10.88
N LEU F 45 66.81 51.74 -12.01
CA LEU F 45 68.16 51.57 -12.47
C LEU F 45 68.85 52.92 -12.67
N THR F 46 68.12 53.87 -13.25
CA THR F 46 68.66 55.19 -13.52
C THR F 46 68.43 56.16 -12.35
N ALA F 47 67.85 55.65 -11.26
CA ALA F 47 67.54 56.48 -10.09
C ALA F 47 68.19 56.06 -8.76
N SER F 48 68.68 54.83 -8.69
CA SER F 48 69.31 54.35 -7.45
C SER F 48 70.67 53.67 -7.62
N LEU F 49 71.16 53.59 -8.86
CA LEU F 49 72.45 52.97 -9.11
C LEU F 49 73.43 53.96 -9.76
N LEU F 50 73.04 54.53 -10.90
CA LEU F 50 73.88 55.50 -11.61
C LEU F 50 74.44 56.55 -10.64
N PRO F 51 73.58 57.13 -9.78
CA PRO F 51 74.05 58.13 -8.82
C PRO F 51 74.76 57.45 -7.66
N GLN F 52 75.39 56.33 -7.96
CA GLN F 52 76.11 55.55 -6.96
C GLN F 52 77.33 54.88 -7.57
N LEU F 53 77.62 55.17 -8.83
CA LEU F 53 78.78 54.59 -9.52
C LEU F 53 79.95 55.59 -9.60
N PRO F 54 81.18 55.08 -9.80
CA PRO F 54 82.37 55.93 -9.88
C PRO F 54 82.63 56.73 -11.18
N GLU F 55 81.58 57.33 -11.73
CA GLU F 55 81.70 58.12 -12.96
C GLU F 55 82.35 57.31 -14.07
N GLY F 56 82.99 58.00 -15.01
CA GLY F 56 83.64 57.32 -16.11
C GLY F 56 82.69 56.44 -16.90
N LYS F 57 83.24 55.60 -17.77
CA LYS F 57 82.44 54.67 -18.58
C LYS F 57 82.84 53.21 -18.36
N PHE F 58 81.83 52.35 -18.25
CA PHE F 58 82.08 50.93 -18.03
C PHE F 58 82.34 50.19 -19.33
N ASN F 59 83.52 49.57 -19.39
CA ASN F 59 83.94 48.79 -20.54
C ASN F 59 82.77 47.91 -21.01
N ALA F 60 82.13 47.27 -20.05
CA ALA F 60 80.99 46.42 -20.31
C ALA F 60 80.35 46.00 -18.98
N VAL F 61 79.09 45.61 -19.03
CA VAL F 61 78.40 45.21 -17.81
C VAL F 61 77.74 43.85 -18.00
N TYR F 62 78.01 42.97 -17.05
CA TYR F 62 77.47 41.61 -17.06
C TYR F 62 76.36 41.48 -16.02
N PHE F 63 75.14 41.24 -16.50
CA PHE F 63 74.00 41.11 -15.60
C PHE F 63 73.51 39.67 -15.43
N TYR F 64 73.13 39.36 -14.19
CA TYR F 64 72.64 38.04 -13.80
C TYR F 64 71.50 38.31 -12.83
N GLY F 65 70.30 37.89 -13.18
CA GLY F 65 69.19 38.14 -12.28
C GLY F 65 68.16 37.06 -12.41
N ALA F 66 67.20 37.10 -11.52
CA ALA F 66 66.13 36.12 -11.53
C ALA F 66 65.11 36.49 -12.57
N GLY F 67 64.55 35.47 -13.20
CA GLY F 67 63.55 35.69 -14.22
C GLY F 67 64.16 36.18 -15.52
N CYS F 68 65.46 36.46 -15.49
CA CYS F 68 66.12 36.92 -16.70
C CYS F 68 66.38 35.80 -17.66
N THR F 69 65.31 35.17 -18.11
CA THR F 69 65.42 34.10 -19.07
C THR F 69 65.89 34.69 -20.39
N PRO F 70 66.53 33.85 -21.23
CA PRO F 70 67.01 34.36 -22.52
C PRO F 70 65.85 35.02 -23.28
N GLU F 71 64.65 34.50 -23.07
CA GLU F 71 63.44 35.00 -23.71
C GLU F 71 63.08 36.43 -23.26
N LYS F 72 63.54 36.79 -22.08
CA LYS F 72 63.24 38.10 -21.51
C LYS F 72 64.49 38.96 -21.48
N ALA F 73 65.64 38.34 -21.71
CA ALA F 73 66.92 39.06 -21.66
C ALA F 73 66.94 40.46 -22.26
N PRO F 74 66.58 40.60 -23.56
CA PRO F 74 66.57 41.90 -24.24
C PRO F 74 66.08 43.07 -23.40
N VAL F 75 65.12 42.80 -22.53
CA VAL F 75 64.64 43.87 -21.67
C VAL F 75 65.77 44.41 -20.82
N LEU F 76 66.45 43.52 -20.10
CA LEU F 76 67.54 43.96 -19.27
C LEU F 76 68.60 44.67 -20.10
N ARG F 77 68.93 44.10 -21.26
CA ARG F 77 69.95 44.68 -22.12
C ARG F 77 69.69 46.16 -22.43
N ARG F 78 68.55 46.45 -23.08
CA ARG F 78 68.21 47.83 -23.43
C ARG F 78 68.21 48.71 -22.18
N ALA F 79 67.33 48.37 -21.23
CA ALA F 79 67.20 49.12 -19.99
C ALA F 79 68.56 49.43 -19.40
N ILE F 80 69.42 48.42 -19.40
CA ILE F 80 70.78 48.55 -18.88
C ILE F 80 71.47 49.71 -19.59
N ALA F 81 71.31 49.76 -20.92
CA ALA F 81 71.92 50.81 -21.73
C ALA F 81 71.45 52.19 -21.28
N ASP F 82 70.16 52.44 -21.45
CA ASP F 82 69.54 53.71 -21.10
C ASP F 82 69.94 54.19 -19.71
N SER F 83 70.26 53.25 -18.85
CA SER F 83 70.62 53.58 -17.48
C SER F 83 72.05 54.03 -17.24
N LEU F 84 72.98 53.10 -17.34
CA LEU F 84 74.38 53.39 -17.09
C LEU F 84 75.13 53.71 -18.37
N PRO F 85 76.29 54.39 -18.24
CA PRO F 85 77.10 54.75 -19.40
C PRO F 85 77.84 53.51 -19.91
N VAL F 86 77.23 52.79 -20.83
CA VAL F 86 77.85 51.60 -21.36
C VAL F 86 78.43 51.83 -22.74
N ILE F 87 79.75 51.65 -22.87
CA ILE F 87 80.44 51.83 -24.14
C ILE F 87 80.58 50.51 -24.87
N GLY F 88 80.77 49.45 -24.09
CA GLY F 88 80.92 48.13 -24.69
C GLY F 88 79.57 47.48 -24.92
N ASN F 89 79.53 46.16 -24.80
CA ASN F 89 78.30 45.40 -24.96
C ASN F 89 77.88 44.81 -23.61
N ILE F 90 76.60 44.52 -23.45
CA ILE F 90 76.13 43.97 -22.19
C ILE F 90 75.49 42.62 -22.39
N LYS F 91 75.62 41.78 -21.37
CA LYS F 91 75.05 40.45 -21.39
C LYS F 91 74.08 40.35 -20.23
N ALA F 92 73.01 39.59 -20.41
CA ALA F 92 72.03 39.42 -19.35
C ALA F 92 71.59 37.99 -19.33
N ASN F 93 71.90 37.30 -18.22
CA ASN F 93 71.52 35.91 -18.09
C ASN F 93 70.81 35.60 -16.78
N SER F 94 70.46 34.33 -16.64
CA SER F 94 69.75 33.80 -15.49
C SER F 94 70.58 33.77 -14.22
N ASP F 95 69.90 33.63 -13.10
CA ASP F 95 70.56 33.55 -11.79
C ASP F 95 71.16 32.17 -11.70
N LEU F 97 72.75 30.70 -14.27
CA LEU F 97 74.06 30.81 -14.92
C LEU F 97 75.08 31.51 -14.02
N ALA F 98 74.64 32.55 -13.32
CA ALA F 98 75.53 33.25 -12.42
C ALA F 98 76.01 32.29 -11.32
N ALA F 99 75.46 31.09 -11.28
CA ALA F 99 75.88 30.12 -10.28
C ALA F 99 76.76 29.10 -10.98
N ALA F 100 76.45 28.84 -12.24
CA ALA F 100 77.23 27.90 -13.02
C ALA F 100 78.57 28.53 -13.36
N HIS F 101 78.65 29.85 -13.30
CA HIS F 101 79.90 30.55 -13.61
C HIS F 101 80.75 30.75 -12.36
N GLY F 102 80.15 31.11 -11.23
CA GLY F 102 80.93 31.35 -10.02
C GLY F 102 81.37 30.09 -9.33
N LEU F 103 80.77 28.97 -9.71
CA LEU F 103 81.11 27.68 -9.11
C LEU F 103 81.81 26.74 -10.09
N CYS F 104 81.81 27.08 -11.37
CA CYS F 104 82.43 26.19 -12.34
C CYS F 104 83.37 26.83 -13.35
N GLY F 105 83.26 28.15 -13.50
CA GLY F 105 84.11 28.87 -14.41
C GLY F 105 84.33 28.19 -15.74
N GLN F 106 85.49 27.56 -15.90
CA GLN F 106 85.79 26.89 -17.16
C GLN F 106 85.67 25.37 -17.05
N LYS F 107 85.15 24.86 -15.94
CA LYS F 107 85.05 23.43 -15.78
C LYS F 107 83.62 22.98 -15.53
N ALA F 108 83.22 21.84 -16.07
CA ALA F 108 81.86 21.38 -15.85
C ALA F 108 81.53 21.16 -14.38
N GLY F 109 80.25 20.85 -14.13
CA GLY F 109 79.76 20.59 -12.79
C GLY F 109 78.24 20.61 -12.64
N ILE F 110 77.78 20.28 -11.43
CA ILE F 110 76.36 20.31 -11.14
C ILE F 110 76.12 21.57 -10.31
N ALA F 111 75.59 22.61 -10.95
CA ALA F 111 75.34 23.86 -10.25
C ALA F 111 73.98 23.86 -9.57
N CYS F 112 73.89 24.46 -8.39
CA CYS F 112 72.64 24.50 -7.66
C CYS F 112 72.33 25.82 -7.04
N ILE F 113 71.06 26.05 -6.80
CA ILE F 113 70.62 27.27 -6.19
C ILE F 113 69.71 26.87 -5.05
N LEU F 114 69.79 27.59 -3.94
CA LEU F 114 68.94 27.31 -2.79
C LEU F 114 68.63 28.61 -2.06
N GLY F 115 67.82 29.47 -2.69
CA GLY F 115 67.44 30.73 -2.08
C GLY F 115 65.93 30.77 -1.88
N THR F 116 65.31 31.90 -2.22
CA THR F 116 63.86 32.00 -2.10
C THR F 116 63.26 30.80 -2.85
N GLY F 117 63.93 30.38 -3.93
CA GLY F 117 63.47 29.23 -4.69
C GLY F 117 64.64 28.27 -4.86
N SER F 118 64.40 27.09 -5.41
CA SER F 118 65.48 26.13 -5.60
C SER F 118 65.66 25.87 -7.10
N ASN F 119 66.87 25.42 -7.48
CA ASN F 119 67.15 25.15 -8.89
C ASN F 119 68.38 24.23 -9.07
N SER F 120 68.51 23.62 -10.24
CA SER F 120 69.63 22.72 -10.50
C SER F 120 69.88 22.57 -11.98
N CYS F 121 71.13 22.70 -12.40
CA CYS F 121 71.40 22.55 -13.83
C CYS F 121 72.69 21.80 -13.97
N PHE F 122 73.08 21.54 -15.22
CA PHE F 122 74.36 20.88 -15.46
C PHE F 122 75.18 21.69 -16.43
N TYR F 123 76.21 22.35 -15.89
CA TYR F 123 77.12 23.17 -16.68
C TYR F 123 78.15 22.21 -17.29
N ASN F 124 78.66 22.53 -18.47
CA ASN F 124 79.65 21.66 -19.11
C ASN F 124 81.03 22.28 -19.30
N GLY F 125 81.21 23.50 -18.79
CA GLY F 125 82.48 24.16 -18.94
C GLY F 125 82.35 25.38 -19.84
N LYS F 126 81.46 25.31 -20.82
CA LYS F 126 81.21 26.42 -21.74
C LYS F 126 79.91 27.18 -21.37
N GLU F 127 78.79 26.46 -21.28
CA GLU F 127 77.50 27.07 -20.90
C GLU F 127 76.53 25.98 -20.42
N ILE F 128 75.35 26.38 -19.93
CA ILE F 128 74.36 25.42 -19.44
C ILE F 128 73.72 24.56 -20.51
N VAL F 129 73.73 23.25 -20.31
CA VAL F 129 73.17 22.35 -21.30
C VAL F 129 71.89 21.68 -20.83
N SER F 130 71.79 21.47 -19.51
CA SER F 130 70.62 20.81 -18.93
C SER F 130 70.14 21.55 -17.68
N ASN F 131 68.83 21.54 -17.44
CA ASN F 131 68.25 22.23 -16.28
C ASN F 131 66.94 21.65 -15.76
N ILE F 132 66.99 20.74 -14.80
CA ILE F 132 65.74 20.19 -14.24
C ILE F 132 64.78 21.33 -13.80
N SER F 133 63.65 21.50 -14.47
CA SER F 133 62.73 22.58 -14.07
C SER F 133 62.28 22.39 -12.66
N PRO F 134 62.36 23.45 -11.86
CA PRO F 134 61.97 23.44 -10.44
C PRO F 134 60.48 23.24 -10.14
N LEU F 135 59.62 23.94 -10.90
CA LEU F 135 58.16 23.88 -10.79
C LEU F 135 57.53 24.87 -9.82
N GLY F 136 58.29 25.49 -8.93
CA GLY F 136 57.66 26.46 -8.06
C GLY F 136 57.44 26.07 -6.62
N PHE F 137 57.18 27.06 -5.80
CA PHE F 137 56.98 26.81 -4.39
C PHE F 137 55.73 26.00 -4.10
N ILE F 138 54.78 26.00 -5.02
CA ILE F 138 53.59 25.21 -4.79
C ILE F 138 53.80 23.78 -5.26
N LEU F 139 54.29 23.62 -6.49
CA LEU F 139 54.52 22.29 -7.07
C LEU F 139 55.89 21.66 -6.85
N GLY F 140 56.94 22.47 -6.79
CA GLY F 140 58.26 21.93 -6.60
C GLY F 140 59.12 22.77 -5.72
N ASP F 141 60.35 23.05 -6.16
CA ASP F 141 61.30 23.87 -5.42
C ASP F 141 61.81 23.26 -4.10
N GLU F 142 61.78 21.94 -4.03
CA GLU F 142 62.25 21.22 -2.85
C GLU F 142 63.53 21.86 -2.31
N GLY F 143 63.60 22.03 -0.99
CA GLY F 143 64.76 22.62 -0.38
C GLY F 143 64.80 24.14 -0.43
N SER F 144 63.78 24.76 -0.99
CA SER F 144 63.76 26.24 -1.07
C SER F 144 63.24 26.94 0.21
N GLY F 145 63.65 28.19 0.40
CA GLY F 145 63.18 28.90 1.57
C GLY F 145 61.66 28.96 1.54
N ALA F 146 61.12 29.32 0.38
CA ALA F 146 59.67 29.40 0.21
C ALA F 146 59.02 28.11 0.72
N VAL F 147 59.51 26.98 0.24
CA VAL F 147 58.95 25.71 0.63
C VAL F 147 59.18 25.42 2.11
N LEU F 148 60.38 25.73 2.61
CA LEU F 148 60.66 25.49 4.02
C LEU F 148 59.58 26.25 4.75
N GLY F 149 59.35 27.47 4.28
CA GLY F 149 58.33 28.29 4.90
C GLY F 149 57.03 27.52 4.83
N LYS F 150 56.56 27.30 3.61
CA LYS F 150 55.34 26.56 3.37
C LYS F 150 55.27 25.42 4.39
N LEU F 151 56.25 24.54 4.35
CA LEU F 151 56.26 23.43 5.29
C LEU F 151 56.13 23.91 6.74
N LEU F 152 57.02 24.78 7.17
CA LEU F 152 56.95 25.29 8.55
C LEU F 152 55.59 25.88 8.91
N VAL F 153 55.09 26.82 8.11
CA VAL F 153 53.82 27.42 8.43
C VAL F 153 52.69 26.36 8.38
N GLY F 154 52.86 25.32 7.58
CA GLY F 154 51.85 24.29 7.55
C GLY F 154 51.71 23.57 8.88
N ASP F 155 52.82 23.28 9.54
CA ASP F 155 52.79 22.56 10.81
C ASP F 155 52.50 23.45 12.00
N ILE F 156 53.16 24.61 12.06
CA ILE F 156 52.91 25.45 13.20
C ILE F 156 51.44 25.68 13.36
N LEU F 157 50.74 25.73 12.23
CA LEU F 157 49.31 25.95 12.23
C LEU F 157 48.49 24.71 12.52
N LYS F 158 48.84 23.59 11.90
CA LYS F 158 48.10 22.35 12.10
C LYS F 158 48.41 21.75 13.46
N ASN F 159 48.92 22.58 14.36
CA ASN F 159 49.26 22.15 15.72
C ASN F 159 50.13 20.89 15.80
N GLN F 160 51.06 20.74 14.86
CA GLN F 160 51.95 19.59 14.86
C GLN F 160 53.24 19.93 15.58
N LEU F 161 53.18 21.00 16.36
CA LEU F 161 54.32 21.49 17.14
C LEU F 161 53.86 21.98 18.51
N PRO F 162 54.79 22.08 19.47
CA PRO F 162 54.57 22.52 20.85
C PRO F 162 53.92 23.88 20.82
N ALA F 163 52.70 23.96 21.37
CA ALA F 163 51.94 25.21 21.38
C ALA F 163 52.78 26.40 21.78
N THR F 164 53.82 26.16 22.57
CA THR F 164 54.70 27.23 23.03
C THR F 164 55.43 27.80 21.85
N LEU F 165 56.00 26.91 21.05
CA LEU F 165 56.73 27.32 19.88
C LEU F 165 55.81 28.18 19.02
N LYS F 166 54.57 27.73 18.86
CA LYS F 166 53.58 28.45 18.06
C LYS F 166 53.42 29.88 18.54
N GLU F 167 53.16 30.06 19.83
CA GLU F 167 52.97 31.39 20.38
C GLU F 167 54.12 32.29 19.95
N GLU F 168 55.32 31.75 20.12
CA GLU F 168 56.53 32.47 19.76
C GLU F 168 56.44 32.86 18.30
N PHE F 169 56.37 31.86 17.43
CA PHE F 169 56.28 32.10 16.01
C PHE F 169 55.26 33.20 15.69
N LEU F 170 54.02 32.96 16.08
CA LEU F 170 52.99 33.94 15.79
C LEU F 170 53.26 35.33 16.32
N LYS F 171 53.88 35.39 17.50
CA LYS F 171 54.15 36.68 18.10
C LYS F 171 55.31 37.37 17.41
N GLN F 172 56.39 36.64 17.19
CA GLN F 172 57.59 37.20 16.54
C GLN F 172 57.31 38.01 15.26
N PHE F 173 56.46 37.44 14.40
CA PHE F 173 56.09 38.06 13.13
C PHE F 173 54.80 38.87 13.23
N ASP F 174 54.20 38.85 14.40
CA ASP F 174 52.97 39.58 14.64
C ASP F 174 51.98 39.17 13.56
N LEU F 175 51.72 37.87 13.47
CA LEU F 175 50.79 37.36 12.48
C LEU F 175 49.69 36.46 13.06
N THR F 176 48.44 36.74 12.67
CA THR F 176 47.30 35.95 13.10
C THR F 176 47.13 34.88 12.03
N PRO F 177 46.57 33.71 12.36
CA PRO F 177 46.44 32.73 11.29
C PRO F 177 45.73 33.27 10.04
N PRO F 178 44.56 33.90 10.22
CA PRO F 178 43.86 34.43 9.04
C PRO F 178 44.74 35.33 8.16
N GLU F 179 45.55 36.15 8.80
CA GLU F 179 46.43 37.06 8.07
C GLU F 179 47.47 36.28 7.28
N ILE F 180 47.79 35.09 7.76
CA ILE F 180 48.78 34.27 7.09
C ILE F 180 48.15 33.65 5.87
N ILE F 181 46.89 33.25 5.97
CA ILE F 181 46.22 32.64 4.84
C ILE F 181 45.96 33.63 3.72
N ASP F 182 45.77 34.89 4.08
CA ASP F 182 45.51 35.93 3.12
C ASP F 182 46.77 36.25 2.31
N ARG F 183 47.90 36.35 2.99
CA ARG F 183 49.16 36.67 2.31
C ARG F 183 49.57 35.59 1.29
N VAL F 184 49.28 34.34 1.66
CA VAL F 184 49.60 33.21 0.82
C VAL F 184 48.70 33.05 -0.40
N TYR F 185 47.39 32.98 -0.16
CA TYR F 185 46.39 32.80 -1.22
C TYR F 185 45.81 34.03 -1.86
N ARG F 186 45.79 35.15 -1.15
CA ARG F 186 45.16 36.34 -1.69
C ARG F 186 46.10 37.48 -2.07
N GLN F 187 47.22 37.63 -1.35
CA GLN F 187 48.15 38.70 -1.65
C GLN F 187 49.30 38.34 -2.65
N PRO F 188 49.94 39.36 -3.24
CA PRO F 188 51.03 39.05 -4.17
C PRO F 188 52.27 38.41 -3.50
N PHE F 189 53.16 37.91 -4.35
CA PHE F 189 54.38 37.26 -3.93
C PHE F 189 54.32 36.33 -2.72
N PRO F 190 53.54 35.24 -2.85
CA PRO F 190 53.42 34.27 -1.77
C PRO F 190 54.80 33.68 -1.52
N ASN F 191 55.41 33.17 -2.58
CA ASN F 191 56.75 32.59 -2.48
C ASN F 191 57.67 33.42 -1.58
N ARG F 192 57.80 34.71 -1.86
CA ARG F 192 58.67 35.56 -1.05
C ARG F 192 58.19 35.47 0.40
N PHE F 193 56.91 35.76 0.62
CA PHE F 193 56.37 35.70 1.97
C PHE F 193 56.75 34.41 2.71
N LEU F 194 56.25 33.28 2.25
CA LEU F 194 56.56 32.00 2.88
C LEU F 194 58.04 31.84 3.18
N ALA F 195 58.90 32.16 2.23
CA ALA F 195 60.32 32.02 2.45
C ALA F 195 60.81 32.96 3.55
N SER F 196 60.19 34.13 3.66
CA SER F 196 60.57 35.12 4.70
C SER F 196 60.34 34.67 6.16
N LEU F 197 59.79 33.48 6.35
CA LEU F 197 59.59 32.96 7.69
C LEU F 197 60.65 31.91 7.95
N SER F 198 61.40 31.54 6.91
CA SER F 198 62.46 30.52 7.00
C SER F 198 63.35 30.70 8.21
N PRO F 199 63.74 31.95 8.49
CA PRO F 199 64.60 32.30 9.62
C PRO F 199 64.20 31.59 10.90
N PHE F 200 62.90 31.61 11.21
CA PHE F 200 62.39 30.94 12.40
C PHE F 200 62.96 29.52 12.50
N ILE F 201 62.95 28.81 11.38
CA ILE F 201 63.45 27.45 11.35
C ILE F 201 64.88 27.38 11.88
N ALA F 202 65.72 28.32 11.46
CA ALA F 202 67.11 28.27 11.92
C ALA F 202 67.21 28.52 13.42
N GLN F 203 66.37 29.41 13.93
CA GLN F 203 66.41 29.75 15.35
C GLN F 203 65.78 28.69 16.22
N HIS F 204 65.67 27.47 15.69
CA HIS F 204 65.06 26.38 16.44
C HIS F 204 65.53 25.00 15.99
N LEU F 205 66.71 24.93 15.37
CA LEU F 205 67.23 23.65 14.92
C LEU F 205 67.33 22.66 16.09
N GLU F 206 67.16 23.18 17.31
CA GLU F 206 67.22 22.37 18.53
C GLU F 206 66.07 21.39 18.50
N GLU F 207 64.88 21.91 18.24
CA GLU F 207 63.67 21.12 18.16
C GLU F 207 63.83 20.10 17.03
N PRO F 208 63.75 18.80 17.35
CA PRO F 208 63.90 17.75 16.34
C PRO F 208 63.00 17.96 15.12
N ALA F 209 61.72 18.16 15.37
CA ALA F 209 60.77 18.36 14.28
C ALA F 209 61.36 19.30 13.26
N ILE F 210 61.45 20.58 13.62
CA ILE F 210 62.00 21.55 12.73
C ILE F 210 63.27 21.06 12.05
N ARG F 211 64.14 20.37 12.78
CA ARG F 211 65.35 19.89 12.14
C ARG F 211 65.00 18.93 10.99
N GLN F 212 64.19 17.90 11.28
CA GLN F 212 63.79 16.97 10.25
C GLN F 212 63.09 17.67 9.09
N LEU F 213 62.38 18.75 9.39
CA LEU F 213 61.70 19.52 8.34
C LEU F 213 62.74 19.87 7.25
N VAL F 214 63.75 20.66 7.61
CA VAL F 214 64.80 21.04 6.67
C VAL F 214 65.43 19.83 5.99
N ASN F 216 64.62 16.51 5.41
CA ASN F 216 63.79 15.85 4.42
C ASN F 216 63.68 16.69 3.17
N SER F 217 63.35 17.97 3.35
CA SER F 217 63.24 18.82 2.19
C SER F 217 64.53 18.73 1.40
N PHE F 218 65.68 18.88 2.05
CA PHE F 218 66.94 18.79 1.32
C PHE F 218 67.14 17.43 0.65
N ILE F 219 66.81 16.35 1.37
CA ILE F 219 66.95 15.03 0.78
C ILE F 219 66.07 15.10 -0.45
N ALA F 220 64.82 15.50 -0.25
CA ALA F 220 63.87 15.63 -1.34
C ALA F 220 64.54 16.24 -2.55
N PHE F 221 65.17 17.38 -2.32
CA PHE F 221 65.87 18.08 -3.38
C PHE F 221 66.90 17.26 -4.10
N PHE F 222 67.72 16.55 -3.33
CA PHE F 222 68.75 15.69 -3.88
C PHE F 222 68.22 14.54 -4.73
N ARG F 223 67.07 13.98 -4.33
CA ARG F 223 66.49 12.85 -5.02
C ARG F 223 65.64 13.21 -6.19
N ARG F 224 64.93 14.31 -6.09
CA ARG F 224 64.05 14.73 -7.15
C ARG F 224 64.76 15.57 -8.21
N ASN F 225 65.81 16.27 -7.80
CA ASN F 225 66.55 17.14 -8.71
C ASN F 225 67.98 16.74 -9.11
N VAL F 226 68.97 17.11 -8.28
CA VAL F 226 70.37 16.85 -8.61
C VAL F 226 70.64 15.44 -9.06
N GLN F 228 69.10 13.67 -11.00
CA GLN F 228 68.64 13.41 -12.36
C GLN F 228 69.87 13.63 -13.24
N TYR F 229 70.95 14.07 -12.62
CA TYR F 229 72.19 14.30 -13.33
C TYR F 229 73.16 13.21 -12.96
N ASP F 230 74.35 13.27 -13.55
CA ASP F 230 75.37 12.27 -13.28
C ASP F 230 76.30 12.65 -12.12
N TYR F 231 75.68 12.82 -10.93
CA TYR F 231 76.38 13.20 -9.72
C TYR F 231 77.59 12.34 -9.39
N LYS F 232 77.60 11.08 -9.77
CA LYS F 232 78.75 10.26 -9.50
C LYS F 232 79.94 10.83 -10.29
N GLN F 233 79.69 11.18 -11.55
CA GLN F 233 80.78 11.68 -12.39
C GLN F 233 80.93 13.20 -12.43
N TYR F 234 80.24 13.90 -11.54
CA TYR F 234 80.35 15.35 -11.52
C TYR F 234 80.23 16.02 -10.17
N PRO F 235 80.85 17.17 -10.02
CA PRO F 235 80.77 17.86 -8.74
C PRO F 235 79.42 18.56 -8.56
N VAL F 236 78.96 18.61 -7.33
CA VAL F 236 77.70 19.32 -7.06
C VAL F 236 78.01 20.50 -6.15
N HIS F 237 77.90 21.72 -6.67
CA HIS F 237 78.19 22.92 -5.88
C HIS F 237 76.93 23.73 -5.67
N PHE F 238 76.67 24.14 -4.43
CA PHE F 238 75.48 24.95 -4.14
C PHE F 238 75.81 26.44 -4.01
N ILE F 239 74.80 27.23 -3.66
CA ILE F 239 74.96 28.67 -3.46
C ILE F 239 73.59 29.26 -3.14
N GLY F 240 73.51 30.09 -2.10
CA GLY F 240 72.24 30.71 -1.74
C GLY F 240 71.91 30.75 -0.26
N SER F 241 71.14 31.76 0.15
CA SER F 241 70.73 31.93 1.55
C SER F 241 70.55 30.60 2.24
N ILE F 242 69.50 29.88 1.85
CA ILE F 242 69.19 28.59 2.45
C ILE F 242 70.34 27.58 2.37
N ALA F 243 71.14 27.62 1.32
CA ALA F 243 72.24 26.68 1.24
C ALA F 243 73.27 26.95 2.32
N TYR F 244 73.66 28.20 2.50
CA TYR F 244 74.64 28.56 3.51
C TYR F 244 74.09 28.48 4.91
N CYS F 245 72.96 29.13 5.15
CA CYS F 245 72.37 29.15 6.47
C CYS F 245 72.10 27.76 7.07
N TYR F 246 71.98 26.74 6.21
CA TYR F 246 71.71 25.37 6.68
C TYR F 246 72.77 24.38 6.20
N LYS F 247 73.87 24.93 5.67
CA LYS F 247 75.01 24.16 5.18
C LYS F 247 75.26 22.89 5.99
N GLU F 248 75.25 23.00 7.31
CA GLU F 248 75.48 21.80 8.09
C GLU F 248 74.46 20.75 7.70
N ILE F 249 73.18 21.07 7.89
CA ILE F 249 72.13 20.11 7.51
C ILE F 249 72.17 19.72 6.04
N LEU F 250 72.55 20.64 5.15
CA LEU F 250 72.58 20.27 3.74
C LEU F 250 73.51 19.09 3.51
N GLN F 251 74.82 19.27 3.62
CA GLN F 251 75.75 18.16 3.35
C GLN F 251 75.42 16.95 4.19
N ASP F 252 74.74 17.22 5.29
CA ASP F 252 74.33 16.16 6.15
C ASP F 252 73.46 15.25 5.26
N ALA F 253 72.52 15.87 4.55
CA ALA F 253 71.60 15.17 3.64
C ALA F 253 72.37 14.54 2.50
N ALA F 254 73.17 15.36 1.83
CA ALA F 254 73.99 14.90 0.72
C ALA F 254 74.82 13.70 1.14
N ARG F 255 75.15 13.67 2.43
CA ARG F 255 75.96 12.59 2.98
C ARG F 255 75.17 11.29 3.03
N GLN F 256 73.92 11.38 3.50
CA GLN F 256 73.09 10.20 3.62
C GLN F 256 72.30 9.82 2.37
N THR F 257 72.59 10.45 1.25
CA THR F 257 71.91 10.11 0.00
C THR F 257 72.97 9.56 -0.94
N GLY F 258 74.22 9.70 -0.52
CA GLY F 258 75.32 9.19 -1.32
C GLY F 258 75.79 10.10 -2.43
N ILE F 259 75.90 11.39 -2.13
CA ILE F 259 76.32 12.34 -3.14
C ILE F 259 77.35 13.29 -2.54
N GLN F 260 78.45 13.52 -3.26
CA GLN F 260 79.52 14.40 -2.80
C GLN F 260 79.25 15.87 -3.09
N ILE F 261 78.80 16.60 -2.09
CA ILE F 261 78.50 18.01 -2.26
C ILE F 261 79.75 18.83 -2.00
N GLY F 262 80.38 19.28 -3.08
CA GLY F 262 81.61 20.06 -2.99
C GLY F 262 81.51 21.45 -2.39
N LYS F 263 81.45 22.48 -3.24
CA LYS F 263 81.36 23.88 -2.78
C LYS F 263 79.98 24.28 -2.28
N ILE F 264 79.91 25.30 -1.44
CA ILE F 264 78.61 25.77 -0.97
C ILE F 264 78.75 27.05 -0.19
N LEU F 265 78.45 28.15 -0.88
CA LEU F 265 78.56 29.48 -0.29
C LEU F 265 77.35 30.35 -0.57
N GLN F 266 77.19 31.37 0.26
CA GLN F 266 76.07 32.31 0.17
C GLN F 266 75.98 33.04 -1.16
N SER F 267 77.02 33.76 -1.56
CA SER F 267 76.95 34.48 -2.84
C SER F 267 78.04 34.15 -3.86
N PRO F 268 77.64 33.78 -5.08
CA PRO F 268 78.58 33.43 -6.15
C PRO F 268 79.25 34.64 -6.82
N GLU F 270 81.99 36.39 -5.88
CA GLU F 270 83.44 36.22 -5.93
C GLU F 270 83.85 35.34 -7.09
N GLY F 271 83.36 34.12 -7.09
CA GLY F 271 83.68 33.23 -8.19
C GLY F 271 83.14 33.78 -9.49
N LEU F 272 82.37 34.86 -9.40
CA LEU F 272 81.80 35.47 -10.59
C LEU F 272 82.79 36.52 -11.04
N ILE F 273 83.39 37.21 -10.07
CA ILE F 273 84.39 38.21 -10.38
C ILE F 273 85.43 37.53 -11.24
N GLN F 274 86.13 36.54 -10.69
CA GLN F 274 87.14 35.85 -11.48
C GLN F 274 86.69 35.55 -12.91
N TYR F 275 85.52 34.94 -13.04
CA TYR F 275 85.03 34.60 -14.36
C TYR F 275 85.16 35.75 -15.34
N HIS F 276 85.14 36.97 -14.82
CA HIS F 276 85.25 38.14 -15.67
C HIS F 276 86.59 38.87 -15.49
N SER F 277 87.36 38.45 -14.50
CA SER F 277 88.65 39.07 -14.22
C SER F 277 89.69 38.66 -15.25
N GLN F 278 89.32 37.78 -16.17
CA GLN F 278 90.26 37.36 -17.20
C GLN F 278 90.37 38.50 -18.21
N LEU F 279 89.49 39.48 -18.05
CA LEU F 279 89.43 40.65 -18.92
C LEU F 279 88.59 41.74 -18.25
N SER F 280 89.25 42.64 -17.53
CA SER F 280 88.57 43.73 -16.81
C SER F 280 88.89 45.11 -17.37
#